data_9GVY
# 
_entry.id   9GVY 
# 
_audit_conform.dict_name       mmcif_pdbx.dic 
_audit_conform.dict_version    5.403 
_audit_conform.dict_location   http://mmcif.pdb.org/dictionaries/ascii/mmcif_pdbx.dic 
# 
loop_
_database_2.database_id 
_database_2.database_code 
_database_2.pdbx_database_accession 
_database_2.pdbx_DOI 
PDB   9GVY         pdb_00009gvy 10.2210/pdb9gvy/pdb 
WWPDB D_1292139307 ?            ?                   
# 
loop_
_pdbx_audit_revision_history.ordinal 
_pdbx_audit_revision_history.data_content_type 
_pdbx_audit_revision_history.major_revision 
_pdbx_audit_revision_history.minor_revision 
_pdbx_audit_revision_history.revision_date 
_pdbx_audit_revision_history.part_number 
1 'Structure model' 1 0 2025-03-26 ? 
2 'Structure model' 1 1 2025-04-02 ? 
# 
_pdbx_audit_revision_details.ordinal             1 
_pdbx_audit_revision_details.revision_ordinal    1 
_pdbx_audit_revision_details.data_content_type   'Structure model' 
_pdbx_audit_revision_details.provider            repository 
_pdbx_audit_revision_details.type                'Initial release' 
_pdbx_audit_revision_details.description         ? 
_pdbx_audit_revision_details.details             ? 
# 
_pdbx_audit_revision_group.ordinal             1 
_pdbx_audit_revision_group.revision_ordinal    2 
_pdbx_audit_revision_group.data_content_type   'Structure model' 
_pdbx_audit_revision_group.group               'Database references' 
# 
_pdbx_audit_revision_category.ordinal             1 
_pdbx_audit_revision_category.revision_ordinal    2 
_pdbx_audit_revision_category.data_content_type   'Structure model' 
_pdbx_audit_revision_category.category            citation 
# 
loop_
_pdbx_audit_revision_item.ordinal 
_pdbx_audit_revision_item.revision_ordinal 
_pdbx_audit_revision_item.data_content_type 
_pdbx_audit_revision_item.item 
1 2 'Structure model' '_citation.pdbx_database_id_PubMed' 
2 2 'Structure model' '_citation.title'                   
# 
_pdbx_database_status.status_code                     REL 
_pdbx_database_status.status_code_sf                  REL 
_pdbx_database_status.status_code_mr                  ? 
_pdbx_database_status.entry_id                        9GVY 
_pdbx_database_status.recvd_initial_deposition_date   2024-09-26 
_pdbx_database_status.SG_entry                        N 
_pdbx_database_status.deposit_site                    PDBE 
_pdbx_database_status.process_site                    PDBE 
_pdbx_database_status.status_code_cs                  ? 
_pdbx_database_status.status_code_nmr_data            ? 
_pdbx_database_status.methods_development_category    ? 
_pdbx_database_status.pdb_format_compatible           N 
# 
_pdbx_contact_author.id                 2 
_pdbx_contact_author.email              pozzi4@unisi.it 
_pdbx_contact_author.name_first         Cecilia 
_pdbx_contact_author.name_last          Pozzi 
_pdbx_contact_author.name_mi            ? 
_pdbx_contact_author.role               'principal investigator/group leader' 
_pdbx_contact_author.identifier_ORCID   0000-0003-2574-3911 
# 
loop_
_audit_author.name 
_audit_author.pdbx_ordinal 
_audit_author.identifier_ORCID 
'Tassone, G.' 1 0000-0002-2575-5528 
'Pozzi, C.'   2 0000-0003-2574-3911 
# 
_citation.abstract                  ? 
_citation.abstract_id_CAS           ? 
_citation.book_id_ISBN              ? 
_citation.book_publisher            ? 
_citation.book_publisher_city       ? 
_citation.book_title                ? 
_citation.coordinate_linkage        ? 
_citation.country                   US 
_citation.database_id_Medline       ? 
_citation.details                   ? 
_citation.id                        primary 
_citation.journal_abbrev            'Acs Med.Chem.Lett.' 
_citation.journal_id_ASTM           ? 
_citation.journal_id_CSD            ? 
_citation.journal_id_ISSN           1948-5875 
_citation.journal_full              ? 
_citation.journal_issue             ? 
_citation.journal_volume            16 
_citation.language                  ? 
_citation.page_first                397 
_citation.page_last                 405 
_citation.title                     
'Morita-Baylis-Hillman Adduct Chemistry as a Tool for the Design of Lysine-Targeted Covalent Ligands.' 
_citation.year                      2025 
_citation.database_id_CSD           ? 
_citation.pdbx_database_id_DOI      10.1021/acsmedchemlett.4c00479 
_citation.pdbx_database_id_PubMed   40104796 
_citation.pdbx_database_id_patent   ? 
_citation.unpublished_flag          ? 
# 
loop_
_citation_author.citation_id 
_citation_author.name 
_citation_author.ordinal 
_citation_author.identifier_ORCID 
primary 'Paolino, M.'   1  ? 
primary 'Tassone, G.'   2  ? 
primary 'Governa, P.'   3  ? 
primary 'Saletti, M.'   4  ? 
primary 'Lami, M.'      5  ? 
primary 'Carletti, R.'  6  ? 
primary 'Sacchetta, F.' 7  ? 
primary 'Pozzi, C.'     8  ? 
primary 'Orlandini, M.' 9  ? 
primary 'Manetti, F.'   10 ? 
primary 'Olivucci, M.'  11 ? 
primary 'Cappelli, A.'  12 ? 
# 
loop_
_entity.id 
_entity.type 
_entity.src_method 
_entity.pdbx_description 
_entity.formula_weight 
_entity.pdbx_number_of_molecules 
_entity.pdbx_ec 
_entity.pdbx_mutation 
_entity.pdbx_fragment 
_entity.details 
1 polymer     man 'Cellular retinoic acid-binding protein 2'              15992.265 1  ? 'R111K, Y134F, T54V, R132Q, P39Y, R59Y' ? 
? 
2 non-polymer syn 'methyl (~{Z})-2-methyl-3-(4-nitrophenyl)prop-2-enoate' 221.209   1  ? ?                                       ? 
? 
3 water       nat water                                                   18.015    87 ? ?                                       ? 
? 
# 
_entity_name_com.entity_id   1 
_entity_name_com.name        'Cellular retinoic acid-binding protein II,CRABP-II' 
# 
_entity_poly.entity_id                      1 
_entity_poly.type                           'polypeptide(L)' 
_entity_poly.nstd_linkage                   no 
_entity_poly.nstd_monomer                   no 
_entity_poly.pdbx_seq_one_letter_code       
;GSHMPNFSGNWKIIRSENFEELLKVLGVNVMLRKIAVAAASKYAVEIKQEGDTFYIKVSTTVYTTEINFKVGEEFEEQTV
DGRPCKSLVKWESENKMVCEQKLLKGEGPKTSWTKELTNDGELILTMTADDVVCTQVFVRE
;
_entity_poly.pdbx_seq_one_letter_code_can   
;GSHMPNFSGNWKIIRSENFEELLKVLGVNVMLRKIAVAAASKYAVEIKQEGDTFYIKVSTTVYTTEINFKVGEEFEEQTV
DGRPCKSLVKWESENKMVCEQKLLKGEGPKTSWTKELTNDGELILTMTADDVVCTQVFVRE
;
_entity_poly.pdbx_strand_id                 A 
_entity_poly.pdbx_target_identifier         ? 
# 
loop_
_pdbx_entity_nonpoly.entity_id 
_pdbx_entity_nonpoly.name 
_pdbx_entity_nonpoly.comp_id 
2 'methyl (~{Z})-2-methyl-3-(4-nitrophenyl)prop-2-enoate' A1IQY 
3 water                                                   HOH   
# 
loop_
_entity_poly_seq.entity_id 
_entity_poly_seq.num 
_entity_poly_seq.mon_id 
_entity_poly_seq.hetero 
1 1   GLY n 
1 2   SER n 
1 3   HIS n 
1 4   MET n 
1 5   PRO n 
1 6   ASN n 
1 7   PHE n 
1 8   SER n 
1 9   GLY n 
1 10  ASN n 
1 11  TRP n 
1 12  LYS n 
1 13  ILE n 
1 14  ILE n 
1 15  ARG n 
1 16  SER n 
1 17  GLU n 
1 18  ASN n 
1 19  PHE n 
1 20  GLU n 
1 21  GLU n 
1 22  LEU n 
1 23  LEU n 
1 24  LYS n 
1 25  VAL n 
1 26  LEU n 
1 27  GLY n 
1 28  VAL n 
1 29  ASN n 
1 30  VAL n 
1 31  MET n 
1 32  LEU n 
1 33  ARG n 
1 34  LYS n 
1 35  ILE n 
1 36  ALA n 
1 37  VAL n 
1 38  ALA n 
1 39  ALA n 
1 40  ALA n 
1 41  SER n 
1 42  LYS n 
1 43  TYR n 
1 44  ALA n 
1 45  VAL n 
1 46  GLU n 
1 47  ILE n 
1 48  LYS n 
1 49  GLN n 
1 50  GLU n 
1 51  GLY n 
1 52  ASP n 
1 53  THR n 
1 54  PHE n 
1 55  TYR n 
1 56  ILE n 
1 57  LYS n 
1 58  VAL n 
1 59  SER n 
1 60  THR n 
1 61  THR n 
1 62  VAL n 
1 63  TYR n 
1 64  THR n 
1 65  THR n 
1 66  GLU n 
1 67  ILE n 
1 68  ASN n 
1 69  PHE n 
1 70  LYS n 
1 71  VAL n 
1 72  GLY n 
1 73  GLU n 
1 74  GLU n 
1 75  PHE n 
1 76  GLU n 
1 77  GLU n 
1 78  GLN n 
1 79  THR n 
1 80  VAL n 
1 81  ASP n 
1 82  GLY n 
1 83  ARG n 
1 84  PRO n 
1 85  CYS n 
1 86  LYS n 
1 87  SER n 
1 88  LEU n 
1 89  VAL n 
1 90  LYS n 
1 91  TRP n 
1 92  GLU n 
1 93  SER n 
1 94  GLU n 
1 95  ASN n 
1 96  LYS n 
1 97  MET n 
1 98  VAL n 
1 99  CYS n 
1 100 GLU n 
1 101 GLN n 
1 102 LYS n 
1 103 LEU n 
1 104 LEU n 
1 105 LYS n 
1 106 GLY n 
1 107 GLU n 
1 108 GLY n 
1 109 PRO n 
1 110 LYS n 
1 111 THR n 
1 112 SER n 
1 113 TRP n 
1 114 THR n 
1 115 LYS n 
1 116 GLU n 
1 117 LEU n 
1 118 THR n 
1 119 ASN n 
1 120 ASP n 
1 121 GLY n 
1 122 GLU n 
1 123 LEU n 
1 124 ILE n 
1 125 LEU n 
1 126 THR n 
1 127 MET n 
1 128 THR n 
1 129 ALA n 
1 130 ASP n 
1 131 ASP n 
1 132 VAL n 
1 133 VAL n 
1 134 CYS n 
1 135 THR n 
1 136 GLN n 
1 137 VAL n 
1 138 PHE n 
1 139 VAL n 
1 140 ARG n 
1 141 GLU n 
# 
_entity_src_gen.entity_id                          1 
_entity_src_gen.pdbx_src_id                        1 
_entity_src_gen.pdbx_alt_source_flag               sample 
_entity_src_gen.pdbx_seq_type                      'Biological sequence' 
_entity_src_gen.pdbx_beg_seq_num                   1 
_entity_src_gen.pdbx_end_seq_num                   141 
_entity_src_gen.gene_src_common_name               human 
_entity_src_gen.gene_src_genus                     ? 
_entity_src_gen.pdbx_gene_src_gene                 CRABP2 
_entity_src_gen.gene_src_species                   ? 
_entity_src_gen.gene_src_strain                    ? 
_entity_src_gen.gene_src_tissue                    ? 
_entity_src_gen.gene_src_tissue_fraction           ? 
_entity_src_gen.gene_src_details                   ? 
_entity_src_gen.pdbx_gene_src_fragment             ? 
_entity_src_gen.pdbx_gene_src_scientific_name      'Homo sapiens' 
_entity_src_gen.pdbx_gene_src_ncbi_taxonomy_id     9606 
_entity_src_gen.pdbx_gene_src_variant              ? 
_entity_src_gen.pdbx_gene_src_cell_line            ? 
_entity_src_gen.pdbx_gene_src_atcc                 ? 
_entity_src_gen.pdbx_gene_src_organ                ? 
_entity_src_gen.pdbx_gene_src_organelle            ? 
_entity_src_gen.pdbx_gene_src_cell                 ? 
_entity_src_gen.pdbx_gene_src_cellular_location    ? 
_entity_src_gen.host_org_common_name               ? 
_entity_src_gen.pdbx_host_org_scientific_name      'Escherichia coli BL21(DE3)' 
_entity_src_gen.pdbx_host_org_ncbi_taxonomy_id     469008 
_entity_src_gen.host_org_genus                     ? 
_entity_src_gen.pdbx_host_org_gene                 ? 
_entity_src_gen.pdbx_host_org_organ                ? 
_entity_src_gen.host_org_species                   ? 
_entity_src_gen.pdbx_host_org_tissue               ? 
_entity_src_gen.pdbx_host_org_tissue_fraction      ? 
_entity_src_gen.pdbx_host_org_strain               ? 
_entity_src_gen.pdbx_host_org_variant              ? 
_entity_src_gen.pdbx_host_org_cell_line            ? 
_entity_src_gen.pdbx_host_org_atcc                 ? 
_entity_src_gen.pdbx_host_org_culture_collection   ? 
_entity_src_gen.pdbx_host_org_cell                 ? 
_entity_src_gen.pdbx_host_org_organelle            ? 
_entity_src_gen.pdbx_host_org_cellular_location    ? 
_entity_src_gen.pdbx_host_org_vector_type          PLASMID 
_entity_src_gen.pdbx_host_org_vector               ? 
_entity_src_gen.host_org_details                   ? 
_entity_src_gen.expression_system_id               ? 
_entity_src_gen.plasmid_name                       pET15b 
_entity_src_gen.plasmid_details                    ? 
_entity_src_gen.pdbx_description                   ? 
# 
loop_
_chem_comp.id 
_chem_comp.type 
_chem_comp.mon_nstd_flag 
_chem_comp.name 
_chem_comp.pdbx_synonyms 
_chem_comp.formula 
_chem_comp.formula_weight 
A1IQY non-polymer         . 'methyl (~{Z})-2-methyl-3-(4-nitrophenyl)prop-2-enoate' ? 'C11 H11 N O4'   221.209 
ALA   'L-peptide linking' y ALANINE                                                 ? 'C3 H7 N O2'     89.093  
ARG   'L-peptide linking' y ARGININE                                                ? 'C6 H15 N4 O2 1' 175.209 
ASN   'L-peptide linking' y ASPARAGINE                                              ? 'C4 H8 N2 O3'    132.118 
ASP   'L-peptide linking' y 'ASPARTIC ACID'                                         ? 'C4 H7 N O4'     133.103 
CYS   'L-peptide linking' y CYSTEINE                                                ? 'C3 H7 N O2 S'   121.158 
GLN   'L-peptide linking' y GLUTAMINE                                               ? 'C5 H10 N2 O3'   146.144 
GLU   'L-peptide linking' y 'GLUTAMIC ACID'                                         ? 'C5 H9 N O4'     147.129 
GLY   'peptide linking'   y GLYCINE                                                 ? 'C2 H5 N O2'     75.067  
HIS   'L-peptide linking' y HISTIDINE                                               ? 'C6 H10 N3 O2 1' 156.162 
HOH   non-polymer         . WATER                                                   ? 'H2 O'           18.015  
ILE   'L-peptide linking' y ISOLEUCINE                                              ? 'C6 H13 N O2'    131.173 
LEU   'L-peptide linking' y LEUCINE                                                 ? 'C6 H13 N O2'    131.173 
LYS   'L-peptide linking' y LYSINE                                                  ? 'C6 H15 N2 O2 1' 147.195 
MET   'L-peptide linking' y METHIONINE                                              ? 'C5 H11 N O2 S'  149.211 
PHE   'L-peptide linking' y PHENYLALANINE                                           ? 'C9 H11 N O2'    165.189 
PRO   'L-peptide linking' y PROLINE                                                 ? 'C5 H9 N O2'     115.130 
SER   'L-peptide linking' y SERINE                                                  ? 'C3 H7 N O3'     105.093 
THR   'L-peptide linking' y THREONINE                                               ? 'C4 H9 N O3'     119.119 
TRP   'L-peptide linking' y TRYPTOPHAN                                              ? 'C11 H12 N2 O2'  204.225 
TYR   'L-peptide linking' y TYROSINE                                                ? 'C9 H11 N O3'    181.189 
VAL   'L-peptide linking' y VALINE                                                  ? 'C5 H11 N O2'    117.146 
# 
loop_
_pdbx_poly_seq_scheme.asym_id 
_pdbx_poly_seq_scheme.entity_id 
_pdbx_poly_seq_scheme.seq_id 
_pdbx_poly_seq_scheme.mon_id 
_pdbx_poly_seq_scheme.ndb_seq_num 
_pdbx_poly_seq_scheme.pdb_seq_num 
_pdbx_poly_seq_scheme.auth_seq_num 
_pdbx_poly_seq_scheme.pdb_mon_id 
_pdbx_poly_seq_scheme.auth_mon_id 
_pdbx_poly_seq_scheme.pdb_strand_id 
_pdbx_poly_seq_scheme.pdb_ins_code 
_pdbx_poly_seq_scheme.hetero 
A 1 1   GLY 1   -3  ?   ?   ?   A . n 
A 1 2   SER 2   -2  ?   ?   ?   A . n 
A 1 3   HIS 3   -1  ?   ?   ?   A . n 
A 1 4   MET 4   0   0   MET MET A . n 
A 1 5   PRO 5   1   1   PRO PRO A . n 
A 1 6   ASN 6   2   2   ASN ASN A . n 
A 1 7   PHE 7   3   3   PHE PHE A . n 
A 1 8   SER 8   4   4   SER SER A . n 
A 1 9   GLY 9   5   5   GLY GLY A . n 
A 1 10  ASN 10  6   6   ASN ASN A . n 
A 1 11  TRP 11  7   7   TRP TRP A . n 
A 1 12  LYS 12  8   8   LYS LYS A . n 
A 1 13  ILE 13  9   9   ILE ILE A . n 
A 1 14  ILE 14  10  10  ILE ILE A . n 
A 1 15  ARG 15  11  11  ARG ARG A . n 
A 1 16  SER 16  12  12  SER SER A . n 
A 1 17  GLU 17  13  13  GLU GLU A . n 
A 1 18  ASN 18  14  14  ASN ASN A . n 
A 1 19  PHE 19  15  15  PHE PHE A . n 
A 1 20  GLU 20  16  16  GLU GLU A . n 
A 1 21  GLU 21  17  17  GLU GLU A . n 
A 1 22  LEU 22  18  18  LEU LEU A . n 
A 1 23  LEU 23  19  19  LEU LEU A . n 
A 1 24  LYS 24  20  20  LYS LYS A . n 
A 1 25  VAL 25  21  21  VAL VAL A . n 
A 1 26  LEU 26  22  22  LEU LEU A . n 
A 1 27  GLY 27  23  23  GLY GLY A . n 
A 1 28  VAL 28  24  24  VAL VAL A . n 
A 1 29  ASN 29  25  25  ASN ASN A . n 
A 1 30  VAL 30  26  26  VAL VAL A . n 
A 1 31  MET 31  27  27  MET MET A . n 
A 1 32  LEU 32  28  28  LEU LEU A . n 
A 1 33  ARG 33  29  29  ARG ARG A . n 
A 1 34  LYS 34  30  30  LYS LYS A . n 
A 1 35  ILE 35  31  31  ILE ILE A . n 
A 1 36  ALA 36  32  32  ALA ALA A . n 
A 1 37  VAL 37  33  33  VAL VAL A . n 
A 1 38  ALA 38  34  34  ALA ALA A . n 
A 1 39  ALA 39  35  35  ALA ALA A . n 
A 1 40  ALA 40  36  36  ALA ALA A . n 
A 1 41  SER 41  37  37  SER SER A . n 
A 1 42  LYS 42  38  38  LYS LYS A . n 
A 1 43  TYR 43  39  39  TYR TYR A . n 
A 1 44  ALA 44  40  40  ALA ALA A . n 
A 1 45  VAL 45  41  41  VAL VAL A . n 
A 1 46  GLU 46  42  42  GLU GLU A . n 
A 1 47  ILE 47  43  43  ILE ILE A . n 
A 1 48  LYS 48  44  44  LYS LYS A . n 
A 1 49  GLN 49  45  45  GLN GLN A . n 
A 1 50  GLU 50  46  46  GLU GLU A . n 
A 1 51  GLY 51  47  47  GLY GLY A . n 
A 1 52  ASP 52  48  48  ASP ASP A . n 
A 1 53  THR 53  49  49  THR THR A . n 
A 1 54  PHE 54  50  50  PHE PHE A . n 
A 1 55  TYR 55  51  51  TYR TYR A . n 
A 1 56  ILE 56  52  52  ILE ILE A . n 
A 1 57  LYS 57  53  53  LYS LYS A . n 
A 1 58  VAL 58  54  54  VAL VAL A . n 
A 1 59  SER 59  55  55  SER SER A . n 
A 1 60  THR 60  56  56  THR THR A . n 
A 1 61  THR 61  57  57  THR THR A . n 
A 1 62  VAL 62  58  58  VAL VAL A . n 
A 1 63  TYR 63  59  59  TYR TYR A . n 
A 1 64  THR 64  60  60  THR THR A . n 
A 1 65  THR 65  61  61  THR THR A . n 
A 1 66  GLU 66  62  62  GLU GLU A . n 
A 1 67  ILE 67  63  63  ILE ILE A . n 
A 1 68  ASN 68  64  64  ASN ASN A . n 
A 1 69  PHE 69  65  65  PHE PHE A . n 
A 1 70  LYS 70  66  66  LYS LYS A . n 
A 1 71  VAL 71  67  67  VAL VAL A . n 
A 1 72  GLY 72  68  68  GLY GLY A . n 
A 1 73  GLU 73  69  69  GLU GLU A . n 
A 1 74  GLU 74  70  70  GLU GLU A . n 
A 1 75  PHE 75  71  71  PHE PHE A . n 
A 1 76  GLU 76  72  72  GLU GLU A . n 
A 1 77  GLU 77  73  73  GLU GLU A . n 
A 1 78  GLN 78  74  74  GLN GLN A . n 
A 1 79  THR 79  75  75  THR THR A . n 
A 1 80  VAL 80  76  76  VAL VAL A . n 
A 1 81  ASP 81  77  77  ASP ASP A . n 
A 1 82  GLY 82  78  78  GLY GLY A . n 
A 1 83  ARG 83  79  79  ARG ARG A . n 
A 1 84  PRO 84  80  80  PRO PRO A . n 
A 1 85  CYS 85  81  81  CYS CYS A . n 
A 1 86  LYS 86  82  82  LYS LYS A . n 
A 1 87  SER 87  83  83  SER SER A . n 
A 1 88  LEU 88  84  84  LEU LEU A . n 
A 1 89  VAL 89  85  85  VAL VAL A . n 
A 1 90  LYS 90  86  86  LYS LYS A . n 
A 1 91  TRP 91  87  87  TRP TRP A . n 
A 1 92  GLU 92  88  88  GLU GLU A . n 
A 1 93  SER 93  89  89  SER SER A . n 
A 1 94  GLU 94  90  90  GLU GLU A . n 
A 1 95  ASN 95  91  91  ASN ASN A . n 
A 1 96  LYS 96  92  92  LYS LYS A . n 
A 1 97  MET 97  93  93  MET MET A . n 
A 1 98  VAL 98  94  94  VAL VAL A . n 
A 1 99  CYS 99  95  95  CYS CYS A . n 
A 1 100 GLU 100 96  96  GLU GLU A . n 
A 1 101 GLN 101 97  97  GLN GLN A . n 
A 1 102 LYS 102 98  98  LYS LYS A . n 
A 1 103 LEU 103 99  99  LEU LEU A . n 
A 1 104 LEU 104 100 100 LEU LEU A . n 
A 1 105 LYS 105 101 101 LYS LYS A . n 
A 1 106 GLY 106 102 102 GLY GLY A . n 
A 1 107 GLU 107 103 103 GLU GLU A . n 
A 1 108 GLY 108 104 104 GLY GLY A . n 
A 1 109 PRO 109 105 105 PRO PRO A . n 
A 1 110 LYS 110 106 106 LYS LYS A . n 
A 1 111 THR 111 107 107 THR THR A . n 
A 1 112 SER 112 108 108 SER SER A . n 
A 1 113 TRP 113 109 109 TRP TRP A . n 
A 1 114 THR 114 110 110 THR THR A . n 
A 1 115 LYS 115 111 111 LYS LYS A . n 
A 1 116 GLU 116 112 112 GLU GLU A . n 
A 1 117 LEU 117 113 113 LEU LEU A . n 
A 1 118 THR 118 114 114 THR THR A . n 
A 1 119 ASN 119 115 115 ASN ASN A . n 
A 1 120 ASP 120 116 116 ASP ASP A . n 
A 1 121 GLY 121 117 117 GLY GLY A . n 
A 1 122 GLU 122 118 118 GLU GLU A . n 
A 1 123 LEU 123 119 119 LEU LEU A . n 
A 1 124 ILE 124 120 120 ILE ILE A . n 
A 1 125 LEU 125 121 121 LEU LEU A . n 
A 1 126 THR 126 122 122 THR THR A . n 
A 1 127 MET 127 123 123 MET MET A . n 
A 1 128 THR 128 124 124 THR THR A . n 
A 1 129 ALA 129 125 125 ALA ALA A . n 
A 1 130 ASP 130 126 126 ASP ASP A . n 
A 1 131 ASP 131 127 127 ASP ASP A . n 
A 1 132 VAL 132 128 128 VAL VAL A . n 
A 1 133 VAL 133 129 129 VAL VAL A . n 
A 1 134 CYS 134 130 130 CYS CYS A . n 
A 1 135 THR 135 131 131 THR THR A . n 
A 1 136 GLN 136 132 132 GLN GLN A . n 
A 1 137 VAL 137 133 133 VAL VAL A . n 
A 1 138 PHE 138 134 134 PHE PHE A . n 
A 1 139 VAL 139 135 135 VAL VAL A . n 
A 1 140 ARG 140 136 136 ARG ARG A . n 
A 1 141 GLU 141 137 137 GLU GLU A . n 
# 
_pdbx_entity_instance_feature.ordinal        1 
_pdbx_entity_instance_feature.comp_id        A1IQY 
_pdbx_entity_instance_feature.asym_id        ? 
_pdbx_entity_instance_feature.seq_num        ? 
_pdbx_entity_instance_feature.auth_comp_id   A1IQY 
_pdbx_entity_instance_feature.auth_asym_id   ? 
_pdbx_entity_instance_feature.auth_seq_num   ? 
_pdbx_entity_instance_feature.feature_type   'SUBJECT OF INVESTIGATION' 
_pdbx_entity_instance_feature.details        ? 
# 
loop_
_pdbx_nonpoly_scheme.asym_id 
_pdbx_nonpoly_scheme.entity_id 
_pdbx_nonpoly_scheme.mon_id 
_pdbx_nonpoly_scheme.ndb_seq_num 
_pdbx_nonpoly_scheme.pdb_seq_num 
_pdbx_nonpoly_scheme.auth_seq_num 
_pdbx_nonpoly_scheme.pdb_mon_id 
_pdbx_nonpoly_scheme.auth_mon_id 
_pdbx_nonpoly_scheme.pdb_strand_id 
_pdbx_nonpoly_scheme.pdb_ins_code 
B 2 A1IQY 1  201 201 A1IQY 00W A . 
C 3 HOH   1  301 79  HOH   HOH A . 
C 3 HOH   2  302 66  HOH   HOH A . 
C 3 HOH   3  303 89  HOH   HOH A . 
C 3 HOH   4  304 88  HOH   HOH A . 
C 3 HOH   5  305 104 HOH   HOH A . 
C 3 HOH   6  306 91  HOH   HOH A . 
C 3 HOH   7  307 74  HOH   HOH A . 
C 3 HOH   8  308 9   HOH   HOH A . 
C 3 HOH   9  309 100 HOH   HOH A . 
C 3 HOH   10 310 68  HOH   HOH A . 
C 3 HOH   11 311 73  HOH   HOH A . 
C 3 HOH   12 312 20  HOH   HOH A . 
C 3 HOH   13 313 77  HOH   HOH A . 
C 3 HOH   14 314 98  HOH   HOH A . 
C 3 HOH   15 315 8   HOH   HOH A . 
C 3 HOH   16 316 65  HOH   HOH A . 
C 3 HOH   17 317 103 HOH   HOH A . 
C 3 HOH   18 318 42  HOH   HOH A . 
C 3 HOH   19 319 49  HOH   HOH A . 
C 3 HOH   20 320 19  HOH   HOH A . 
C 3 HOH   21 321 71  HOH   HOH A . 
C 3 HOH   22 322 32  HOH   HOH A . 
C 3 HOH   23 323 109 HOH   HOH A . 
C 3 HOH   24 324 14  HOH   HOH A . 
C 3 HOH   25 325 11  HOH   HOH A . 
C 3 HOH   26 326 50  HOH   HOH A . 
C 3 HOH   27 327 39  HOH   HOH A . 
C 3 HOH   28 328 31  HOH   HOH A . 
C 3 HOH   29 329 113 HOH   HOH A . 
C 3 HOH   30 330 53  HOH   HOH A . 
C 3 HOH   31 331 96  HOH   HOH A . 
C 3 HOH   32 332 15  HOH   HOH A . 
C 3 HOH   33 333 110 HOH   HOH A . 
C 3 HOH   34 334 35  HOH   HOH A . 
C 3 HOH   35 335 69  HOH   HOH A . 
C 3 HOH   36 336 17  HOH   HOH A . 
C 3 HOH   37 337 2   HOH   HOH A . 
C 3 HOH   38 338 59  HOH   HOH A . 
C 3 HOH   39 339 93  HOH   HOH A . 
C 3 HOH   40 340 26  HOH   HOH A . 
C 3 HOH   41 341 4   HOH   HOH A . 
C 3 HOH   42 342 24  HOH   HOH A . 
C 3 HOH   43 343 38  HOH   HOH A . 
C 3 HOH   44 344 27  HOH   HOH A . 
C 3 HOH   45 345 84  HOH   HOH A . 
C 3 HOH   46 346 87  HOH   HOH A . 
C 3 HOH   47 347 33  HOH   HOH A . 
C 3 HOH   48 348 97  HOH   HOH A . 
C 3 HOH   49 349 67  HOH   HOH A . 
C 3 HOH   50 350 105 HOH   HOH A . 
C 3 HOH   51 351 7   HOH   HOH A . 
C 3 HOH   52 352 36  HOH   HOH A . 
C 3 HOH   53 353 60  HOH   HOH A . 
C 3 HOH   54 354 107 HOH   HOH A . 
C 3 HOH   55 355 72  HOH   HOH A . 
C 3 HOH   56 356 81  HOH   HOH A . 
C 3 HOH   57 357 44  HOH   HOH A . 
C 3 HOH   58 358 43  HOH   HOH A . 
C 3 HOH   59 359 85  HOH   HOH A . 
C 3 HOH   60 360 99  HOH   HOH A . 
C 3 HOH   61 361 95  HOH   HOH A . 
C 3 HOH   62 362 16  HOH   HOH A . 
C 3 HOH   63 363 82  HOH   HOH A . 
C 3 HOH   64 364 51  HOH   HOH A . 
C 3 HOH   65 365 83  HOH   HOH A . 
C 3 HOH   66 366 22  HOH   HOH A . 
C 3 HOH   67 367 62  HOH   HOH A . 
C 3 HOH   68 368 111 HOH   HOH A . 
C 3 HOH   69 369 102 HOH   HOH A . 
C 3 HOH   70 370 101 HOH   HOH A . 
C 3 HOH   71 371 94  HOH   HOH A . 
C 3 HOH   72 372 90  HOH   HOH A . 
C 3 HOH   73 373 48  HOH   HOH A . 
C 3 HOH   74 374 64  HOH   HOH A . 
C 3 HOH   75 375 92  HOH   HOH A . 
C 3 HOH   76 376 18  HOH   HOH A . 
C 3 HOH   77 377 86  HOH   HOH A . 
C 3 HOH   78 378 78  HOH   HOH A . 
C 3 HOH   79 379 80  HOH   HOH A . 
C 3 HOH   80 380 25  HOH   HOH A . 
C 3 HOH   81 381 40  HOH   HOH A . 
C 3 HOH   82 382 106 HOH   HOH A . 
C 3 HOH   83 383 108 HOH   HOH A . 
C 3 HOH   84 384 30  HOH   HOH A . 
C 3 HOH   85 385 58  HOH   HOH A . 
C 3 HOH   86 386 112 HOH   HOH A . 
C 3 HOH   87 387 70  HOH   HOH A . 
# 
loop_
_pdbx_unobs_or_zero_occ_atoms.id 
_pdbx_unobs_or_zero_occ_atoms.PDB_model_num 
_pdbx_unobs_or_zero_occ_atoms.polymer_flag 
_pdbx_unobs_or_zero_occ_atoms.occupancy_flag 
_pdbx_unobs_or_zero_occ_atoms.auth_asym_id 
_pdbx_unobs_or_zero_occ_atoms.auth_comp_id 
_pdbx_unobs_or_zero_occ_atoms.auth_seq_id 
_pdbx_unobs_or_zero_occ_atoms.PDB_ins_code 
_pdbx_unobs_or_zero_occ_atoms.auth_atom_id 
_pdbx_unobs_or_zero_occ_atoms.label_alt_id 
_pdbx_unobs_or_zero_occ_atoms.label_asym_id 
_pdbx_unobs_or_zero_occ_atoms.label_comp_id 
_pdbx_unobs_or_zero_occ_atoms.label_seq_id 
_pdbx_unobs_or_zero_occ_atoms.label_atom_id 
1  1 Y 1 A LYS 38  ? CE  ? A LYS 42  CE  
2  1 Y 1 A LYS 38  ? NZ  ? A LYS 42  NZ  
3  1 Y 1 A LYS 44  ? CD  ? A LYS 48  CD  
4  1 Y 1 A LYS 44  ? CE  ? A LYS 48  CE  
5  1 Y 1 A LYS 44  ? NZ  ? A LYS 48  NZ  
6  1 Y 1 A LYS 82  ? CD  ? A LYS 86  CD  
7  1 Y 1 A LYS 82  ? CE  ? A LYS 86  CE  
8  1 Y 1 A LYS 82  ? NZ  ? A LYS 86  NZ  
9  1 Y 1 A LYS 101 ? CD  ? A LYS 105 CD  
10 1 Y 1 A LYS 101 ? CE  ? A LYS 105 CE  
11 1 Y 1 A LYS 101 ? NZ  ? A LYS 105 NZ  
12 1 Y 1 A GLU 103 ? CD  ? A GLU 107 CD  
13 1 Y 1 A GLU 103 ? OE1 ? A GLU 107 OE1 
14 1 Y 1 A GLU 103 ? OE2 ? A GLU 107 OE2 
15 1 Y 1 A LYS 106 ? CE  ? A LYS 110 CE  
16 1 Y 1 A LYS 106 ? NZ  ? A LYS 110 NZ  
17 1 Y 1 A ASP 127 ? CG  ? A ASP 131 CG  
18 1 Y 1 A ASP 127 ? OD1 ? A ASP 131 OD1 
19 1 Y 1 A ASP 127 ? OD2 ? A ASP 131 OD2 
# 
loop_
_software.citation_id 
_software.classification 
_software.compiler_name 
_software.compiler_version 
_software.contact_author 
_software.contact_author_email 
_software.date 
_software.description 
_software.dependencies 
_software.hardware 
_software.language 
_software.location 
_software.mods 
_software.name 
_software.os 
_software.os_version 
_software.type 
_software.version 
_software.pdbx_ordinal 
? refinement       ? ? ? ? ? ? ? ? ? ? ? REFMAC ? ? ? 5.8.0267 1 
? 'data reduction' ? ? ? ? ? ? ? ? ? ? ? XDS    ? ? ? .        2 
? 'data scaling'   ? ? ? ? ? ? ? ? ? ? ? SCALA  ? ? ? .        3 
? phasing          ? ? ? ? ? ? ? ? ? ? ? REFMAC ? ? ? .        4 
# 
_cell.angle_alpha                  90.00 
_cell.angle_alpha_esd              ? 
_cell.angle_beta                   90.00 
_cell.angle_beta_esd               ? 
_cell.angle_gamma                  120.00 
_cell.angle_gamma_esd              ? 
_cell.entry_id                     9GVY 
_cell.details                      ? 
_cell.formula_units_Z              ? 
_cell.length_a                     58.596 
_cell.length_a_esd                 ? 
_cell.length_b                     58.596 
_cell.length_b_esd                 ? 
_cell.length_c                     101.659 
_cell.length_c_esd                 ? 
_cell.volume                       ? 
_cell.volume_esd                   ? 
_cell.Z_PDB                        6 
_cell.reciprocal_angle_alpha       ? 
_cell.reciprocal_angle_beta        ? 
_cell.reciprocal_angle_gamma       ? 
_cell.reciprocal_angle_alpha_esd   ? 
_cell.reciprocal_angle_beta_esd    ? 
_cell.reciprocal_angle_gamma_esd   ? 
_cell.reciprocal_length_a          ? 
_cell.reciprocal_length_b          ? 
_cell.reciprocal_length_c          ? 
_cell.reciprocal_length_a_esd      ? 
_cell.reciprocal_length_b_esd      ? 
_cell.reciprocal_length_c_esd      ? 
_cell.pdbx_unique_axis             ? 
_cell.pdbx_esd_method              ? 
# 
_symmetry.entry_id                         9GVY 
_symmetry.cell_setting                     ? 
_symmetry.Int_Tables_number                152 
_symmetry.space_group_name_Hall            ? 
_symmetry.space_group_name_H-M             'P 31 2 1' 
_symmetry.pdbx_full_space_group_name_H-M   ? 
# 
_exptl.absorpt_coefficient_mu     ? 
_exptl.absorpt_correction_T_max   ? 
_exptl.absorpt_correction_T_min   ? 
_exptl.absorpt_correction_type    ? 
_exptl.absorpt_process_details    ? 
_exptl.entry_id                   9GVY 
_exptl.crystals_number            1 
_exptl.details                    ? 
_exptl.method                     'X-RAY DIFFRACTION' 
_exptl.method_details             ? 
# 
_exptl_crystal.colour                       ? 
_exptl_crystal.density_diffrn               ? 
_exptl_crystal.density_Matthews             2.32 
_exptl_crystal.density_method               ? 
_exptl_crystal.density_percent_sol          47.00 
_exptl_crystal.description                  ? 
_exptl_crystal.F_000                        ? 
_exptl_crystal.id                           1 
_exptl_crystal.preparation                  ? 
_exptl_crystal.size_max                     ? 
_exptl_crystal.size_mid                     ? 
_exptl_crystal.size_min                     ? 
_exptl_crystal.size_rad                     ? 
_exptl_crystal.colour_lustre                ? 
_exptl_crystal.colour_modifier              ? 
_exptl_crystal.colour_primary               ? 
_exptl_crystal.density_meas                 ? 
_exptl_crystal.density_meas_esd             ? 
_exptl_crystal.density_meas_gt              ? 
_exptl_crystal.density_meas_lt              ? 
_exptl_crystal.density_meas_temp            ? 
_exptl_crystal.density_meas_temp_esd        ? 
_exptl_crystal.density_meas_temp_gt         ? 
_exptl_crystal.density_meas_temp_lt         ? 
_exptl_crystal.pdbx_crystal_image_url       ? 
_exptl_crystal.pdbx_crystal_image_format    ? 
_exptl_crystal.pdbx_mosaicity               ? 
_exptl_crystal.pdbx_mosaicity_esd           ? 
_exptl_crystal.pdbx_mosaic_method           ? 
_exptl_crystal.pdbx_mosaic_block_size       ? 
_exptl_crystal.pdbx_mosaic_block_size_esd   ? 
# 
_exptl_crystal_grow.apparatus       ? 
_exptl_crystal_grow.atmosphere      ? 
_exptl_crystal_grow.crystal_id      1 
_exptl_crystal_grow.details         ? 
_exptl_crystal_grow.method          'VAPOR DIFFUSION, SITTING DROP' 
_exptl_crystal_grow.method_ref      ? 
_exptl_crystal_grow.pH              7.0 
_exptl_crystal_grow.pressure        ? 
_exptl_crystal_grow.pressure_esd    ? 
_exptl_crystal_grow.seeding         ? 
_exptl_crystal_grow.seeding_ref     ? 
_exptl_crystal_grow.temp_details    ? 
_exptl_crystal_grow.temp_esd        ? 
_exptl_crystal_grow.time            ? 
_exptl_crystal_grow.pdbx_details    '0.2 M sodium malonate pH 7 and 20% w/v polyethylene glycol 3.350' 
_exptl_crystal_grow.pdbx_pH_range   ? 
_exptl_crystal_grow.temp            281 
# 
_diffrn.ambient_environment              ? 
_diffrn.ambient_temp                     100 
_diffrn.ambient_temp_details             ? 
_diffrn.ambient_temp_esd                 ? 
_diffrn.crystal_id                       1 
_diffrn.crystal_support                  ? 
_diffrn.crystal_treatment                ? 
_diffrn.details                          ? 
_diffrn.id                               1 
_diffrn.ambient_pressure                 ? 
_diffrn.ambient_pressure_esd             ? 
_diffrn.ambient_pressure_gt              ? 
_diffrn.ambient_pressure_lt              ? 
_diffrn.ambient_temp_gt                  ? 
_diffrn.ambient_temp_lt                  ? 
_diffrn.pdbx_serial_crystal_experiment   N 
# 
_diffrn_detector.details                      ? 
_diffrn_detector.detector                     PIXEL 
_diffrn_detector.diffrn_id                    1 
_diffrn_detector.type                         'DECTRIS EIGER2 XE 16M' 
_diffrn_detector.area_resol_mean              ? 
_diffrn_detector.dtime                        ? 
_diffrn_detector.pdbx_frames_total            ? 
_diffrn_detector.pdbx_collection_time_total   ? 
_diffrn_detector.pdbx_collection_date         2021-10-19 
_diffrn_detector.pdbx_frequency               ? 
_diffrn_detector.id                           ? 
_diffrn_detector.number_of_axes               ? 
# 
_diffrn_radiation.collimation                      ? 
_diffrn_radiation.diffrn_id                        1 
_diffrn_radiation.filter_edge                      ? 
_diffrn_radiation.inhomogeneity                    ? 
_diffrn_radiation.monochromator                    'Si(111)' 
_diffrn_radiation.polarisn_norm                    ? 
_diffrn_radiation.polarisn_ratio                   ? 
_diffrn_radiation.probe                            ? 
_diffrn_radiation.type                             ? 
_diffrn_radiation.xray_symbol                      ? 
_diffrn_radiation.wavelength_id                    1 
_diffrn_radiation.pdbx_monochromatic_or_laue_m_l   M 
_diffrn_radiation.pdbx_wavelength_list             ? 
_diffrn_radiation.pdbx_wavelength                  ? 
_diffrn_radiation.pdbx_diffrn_protocol             'SINGLE WAVELENGTH' 
_diffrn_radiation.pdbx_analyzer                    ? 
_diffrn_radiation.pdbx_scattering_type             x-ray 
# 
_diffrn_radiation_wavelength.id           1 
_diffrn_radiation_wavelength.wavelength   0.97949 
_diffrn_radiation_wavelength.wt           1.0 
# 
_diffrn_source.current                     ? 
_diffrn_source.details                     ? 
_diffrn_source.diffrn_id                   1 
_diffrn_source.power                       ? 
_diffrn_source.size                        ? 
_diffrn_source.source                      SYNCHROTRON 
_diffrn_source.target                      ? 
_diffrn_source.type                        'DIAMOND BEAMLINE I04' 
_diffrn_source.voltage                     ? 
_diffrn_source.take-off_angle              ? 
_diffrn_source.pdbx_wavelength_list        0.97949 
_diffrn_source.pdbx_wavelength             ? 
_diffrn_source.pdbx_synchrotron_beamline   I04 
_diffrn_source.pdbx_synchrotron_site       Diamond 
# 
_reflns.B_iso_Wilson_estimate                          50.1 
_reflns.entry_id                                       9GVY 
_reflns.data_reduction_details                         ? 
_reflns.data_reduction_method                          ? 
_reflns.d_resolution_high                              2.05 
_reflns.d_resolution_low                               50.83 
_reflns.details                                        ? 
_reflns.limit_h_max                                    ? 
_reflns.limit_h_min                                    ? 
_reflns.limit_k_max                                    ? 
_reflns.limit_k_min                                    ? 
_reflns.limit_l_max                                    ? 
_reflns.limit_l_min                                    ? 
_reflns.number_all                                     ? 
_reflns.number_obs                                     13237 
_reflns.observed_criterion                             ? 
_reflns.observed_criterion_F_max                       ? 
_reflns.observed_criterion_F_min                       ? 
_reflns.observed_criterion_I_max                       ? 
_reflns.observed_criterion_I_min                       ? 
_reflns.observed_criterion_sigma_F                     ? 
_reflns.observed_criterion_sigma_I                     ? 
_reflns.percent_possible_obs                           100.0 
_reflns.R_free_details                                 ? 
_reflns.Rmerge_F_all                                   ? 
_reflns.Rmerge_F_obs                                   ? 
_reflns.Friedel_coverage                               ? 
_reflns.number_gt                                      ? 
_reflns.threshold_expression                           ? 
_reflns.pdbx_redundancy                                8.1 
_reflns.pdbx_netI_over_av_sigmaI                       ? 
_reflns.pdbx_netI_over_sigmaI                          27.2 
_reflns.pdbx_res_netI_over_av_sigmaI_2                 ? 
_reflns.pdbx_res_netI_over_sigmaI_2                    ? 
_reflns.pdbx_chi_squared                               ? 
_reflns.pdbx_scaling_rejects                           ? 
_reflns.pdbx_d_res_high_opt                            ? 
_reflns.pdbx_d_res_low_opt                             ? 
_reflns.pdbx_d_res_opt_method                          ? 
_reflns.phase_calculation_details                      ? 
_reflns.pdbx_Rrim_I_all                                0.040 
_reflns.pdbx_Rpim_I_all                                0.019 
_reflns.pdbx_d_opt                                     ? 
_reflns.pdbx_number_measured_all                       ? 
_reflns.pdbx_diffrn_id                                 1 
_reflns.pdbx_ordinal                                   1 
_reflns.pdbx_CC_half                                   1.000 
_reflns.pdbx_CC_star                                   ? 
_reflns.pdbx_R_split                                   ? 
_reflns.pdbx_Rmerge_I_obs                              0.035 
_reflns.pdbx_Rmerge_I_all                              ? 
_reflns.pdbx_Rsym_value                                ? 
_reflns.pdbx_CC_split_method                           ? 
_reflns.pdbx_aniso_diffraction_limit_axis_1_ortho[1]   ? 
_reflns.pdbx_aniso_diffraction_limit_axis_1_ortho[2]   ? 
_reflns.pdbx_aniso_diffraction_limit_axis_1_ortho[3]   ? 
_reflns.pdbx_aniso_diffraction_limit_axis_2_ortho[1]   ? 
_reflns.pdbx_aniso_diffraction_limit_axis_2_ortho[2]   ? 
_reflns.pdbx_aniso_diffraction_limit_axis_2_ortho[3]   ? 
_reflns.pdbx_aniso_diffraction_limit_axis_3_ortho[1]   ? 
_reflns.pdbx_aniso_diffraction_limit_axis_3_ortho[2]   ? 
_reflns.pdbx_aniso_diffraction_limit_axis_3_ortho[3]   ? 
_reflns.pdbx_aniso_diffraction_limit_1                 ? 
_reflns.pdbx_aniso_diffraction_limit_2                 ? 
_reflns.pdbx_aniso_diffraction_limit_3                 ? 
_reflns.pdbx_aniso_B_tensor_eigenvector_1_ortho[1]     ? 
_reflns.pdbx_aniso_B_tensor_eigenvector_1_ortho[2]     ? 
_reflns.pdbx_aniso_B_tensor_eigenvector_1_ortho[3]     ? 
_reflns.pdbx_aniso_B_tensor_eigenvector_2_ortho[1]     ? 
_reflns.pdbx_aniso_B_tensor_eigenvector_2_ortho[2]     ? 
_reflns.pdbx_aniso_B_tensor_eigenvector_2_ortho[3]     ? 
_reflns.pdbx_aniso_B_tensor_eigenvector_3_ortho[1]     ? 
_reflns.pdbx_aniso_B_tensor_eigenvector_3_ortho[2]     ? 
_reflns.pdbx_aniso_B_tensor_eigenvector_3_ortho[3]     ? 
_reflns.pdbx_aniso_B_tensor_eigenvalue_1               ? 
_reflns.pdbx_aniso_B_tensor_eigenvalue_2               ? 
_reflns.pdbx_aniso_B_tensor_eigenvalue_3               ? 
_reflns.pdbx_orthogonalization_convention              ? 
_reflns.pdbx_percent_possible_ellipsoidal              ? 
_reflns.pdbx_percent_possible_spherical                ? 
_reflns.pdbx_percent_possible_ellipsoidal_anomalous    ? 
_reflns.pdbx_percent_possible_spherical_anomalous      ? 
_reflns.pdbx_redundancy_anomalous                      ? 
_reflns.pdbx_CC_half_anomalous                         ? 
_reflns.pdbx_absDiff_over_sigma_anomalous              ? 
_reflns.pdbx_percent_possible_anomalous                ? 
_reflns.pdbx_observed_signal_threshold                 ? 
_reflns.pdbx_signal_type                               ? 
_reflns.pdbx_signal_details                            ? 
_reflns.pdbx_signal_software_id                        ? 
# 
_reflns_shell.d_res_high                                    2.05 
_reflns_shell.d_res_low                                     2.11 
_reflns_shell.meanI_over_sigI_all                           ? 
_reflns_shell.meanI_over_sigI_obs                           2.4 
_reflns_shell.number_measured_all                           ? 
_reflns_shell.number_measured_obs                           ? 
_reflns_shell.number_possible                               ? 
_reflns_shell.number_unique_all                             ? 
_reflns_shell.number_unique_obs                             1009 
_reflns_shell.percent_possible_obs                          ? 
_reflns_shell.Rmerge_F_all                                  ? 
_reflns_shell.Rmerge_F_obs                                  ? 
_reflns_shell.meanI_over_sigI_gt                            ? 
_reflns_shell.meanI_over_uI_all                             ? 
_reflns_shell.meanI_over_uI_gt                              ? 
_reflns_shell.number_measured_gt                            ? 
_reflns_shell.number_unique_gt                              ? 
_reflns_shell.percent_possible_gt                           ? 
_reflns_shell.Rmerge_F_gt                                   ? 
_reflns_shell.Rmerge_I_gt                                   ? 
_reflns_shell.pdbx_redundancy                               ? 
_reflns_shell.pdbx_chi_squared                              ? 
_reflns_shell.pdbx_netI_over_sigmaI_all                     ? 
_reflns_shell.pdbx_netI_over_sigmaI_obs                     ? 
_reflns_shell.pdbx_Rrim_I_all                               0.908 
_reflns_shell.pdbx_Rpim_I_all                               0.426 
_reflns_shell.pdbx_rejects                                  ? 
_reflns_shell.pdbx_ordinal                                  1 
_reflns_shell.pdbx_diffrn_id                                1 
_reflns_shell.pdbx_CC_half                                  0.805 
_reflns_shell.pdbx_CC_star                                  ? 
_reflns_shell.pdbx_R_split                                  ? 
_reflns_shell.percent_possible_all                          ? 
_reflns_shell.Rmerge_I_all                                  ? 
_reflns_shell.Rmerge_I_obs                                  0.800 
_reflns_shell.pdbx_Rsym_value                               ? 
_reflns_shell.pdbx_percent_possible_ellipsoidal             ? 
_reflns_shell.pdbx_percent_possible_spherical               ? 
_reflns_shell.pdbx_percent_possible_ellipsoidal_anomalous   ? 
_reflns_shell.pdbx_percent_possible_spherical_anomalous     ? 
_reflns_shell.pdbx_redundancy_anomalous                     ? 
_reflns_shell.pdbx_CC_half_anomalous                        ? 
_reflns_shell.pdbx_absDiff_over_sigma_anomalous             ? 
_reflns_shell.pdbx_percent_possible_anomalous               ? 
# 
_refine.aniso_B[1][1]                            0.00 
_refine.aniso_B[1][2]                            0.00 
_refine.aniso_B[1][3]                            0.00 
_refine.aniso_B[2][2]                            0.00 
_refine.aniso_B[2][3]                            -0.00 
_refine.aniso_B[3][3]                            -0.00 
_refine.B_iso_max                                ? 
_refine.B_iso_mean                               55.312 
_refine.B_iso_min                                ? 
_refine.correlation_coeff_Fo_to_Fc               0.967 
_refine.correlation_coeff_Fo_to_Fc_free          0.944 
_refine.details                                  ? 
_refine.diff_density_max                         ? 
_refine.diff_density_max_esd                     ? 
_refine.diff_density_min                         ? 
_refine.diff_density_min_esd                     ? 
_refine.diff_density_rms                         ? 
_refine.diff_density_rms_esd                     ? 
_refine.entry_id                                 9GVY 
_refine.pdbx_refine_id                           'X-RAY DIFFRACTION' 
_refine.ls_abs_structure_details                 ? 
_refine.ls_abs_structure_Flack                   ? 
_refine.ls_abs_structure_Flack_esd               ? 
_refine.ls_abs_structure_Rogers                  ? 
_refine.ls_abs_structure_Rogers_esd              ? 
_refine.ls_d_res_high                            2.05 
_refine.ls_d_res_low                             45.44 
_refine.ls_extinction_coef                       ? 
_refine.ls_extinction_coef_esd                   ? 
_refine.ls_extinction_expression                 ? 
_refine.ls_extinction_method                     ? 
_refine.ls_goodness_of_fit_all                   ? 
_refine.ls_goodness_of_fit_all_esd               ? 
_refine.ls_goodness_of_fit_obs                   ? 
_refine.ls_goodness_of_fit_obs_esd               ? 
_refine.ls_hydrogen_treatment                    ? 
_refine.ls_matrix_type                           ? 
_refine.ls_number_constraints                    ? 
_refine.ls_number_parameters                     ? 
_refine.ls_number_reflns_all                     ? 
_refine.ls_number_reflns_obs                     12512 
_refine.ls_number_reflns_R_free                  691 
_refine.ls_number_reflns_R_work                  ? 
_refine.ls_number_restraints                     ? 
_refine.ls_percent_reflns_obs                    99.97 
_refine.ls_percent_reflns_R_free                 5.2 
_refine.ls_R_factor_all                          ? 
_refine.ls_R_factor_obs                          0.19107 
_refine.ls_R_factor_R_free                       0.25134 
_refine.ls_R_factor_R_free_error                 ? 
_refine.ls_R_factor_R_free_error_details         ? 
_refine.ls_R_factor_R_work                       0.18776 
_refine.ls_R_Fsqd_factor_obs                     ? 
_refine.ls_R_I_factor_obs                        ? 
_refine.ls_redundancy_reflns_all                 ? 
_refine.ls_redundancy_reflns_obs                 ? 
_refine.ls_restrained_S_all                      ? 
_refine.ls_restrained_S_obs                      ? 
_refine.ls_shift_over_esd_max                    ? 
_refine.ls_shift_over_esd_mean                   ? 
_refine.ls_structure_factor_coef                 ? 
_refine.ls_weighting_details                     ? 
_refine.ls_weighting_scheme                      ? 
_refine.ls_wR_factor_all                         ? 
_refine.ls_wR_factor_obs                         ? 
_refine.ls_wR_factor_R_free                      ? 
_refine.ls_wR_factor_R_work                      ? 
_refine.occupancy_max                            ? 
_refine.occupancy_min                            ? 
_refine.solvent_model_details                    MASK 
_refine.solvent_model_param_bsol                 ? 
_refine.solvent_model_param_ksol                 ? 
_refine.pdbx_R_complete                          ? 
_refine.ls_R_factor_gt                           ? 
_refine.ls_goodness_of_fit_gt                    ? 
_refine.ls_goodness_of_fit_ref                   ? 
_refine.ls_shift_over_su_max                     ? 
_refine.ls_shift_over_su_max_lt                  ? 
_refine.ls_shift_over_su_mean                    ? 
_refine.ls_shift_over_su_mean_lt                 ? 
_refine.pdbx_ls_sigma_I                          ? 
_refine.pdbx_ls_sigma_F                          ? 
_refine.pdbx_ls_sigma_Fsqd                       ? 
_refine.pdbx_data_cutoff_high_absF               ? 
_refine.pdbx_data_cutoff_high_rms_absF           ? 
_refine.pdbx_data_cutoff_low_absF                ? 
_refine.pdbx_isotropic_thermal_model             ? 
_refine.pdbx_ls_cross_valid_method               THROUGHOUT 
_refine.pdbx_method_to_determine_struct          'MOLECULAR REPLACEMENT' 
_refine.pdbx_starting_model                      ? 
_refine.pdbx_stereochemistry_target_values       'MAXIMUM LIKELIHOOD' 
_refine.pdbx_R_Free_selection_details            RANDOM 
_refine.pdbx_stereochem_target_val_spec_case     ? 
_refine.pdbx_overall_ESU_R                       0.154 
_refine.pdbx_overall_ESU_R_Free                  0.162 
_refine.pdbx_solvent_vdw_probe_radii             1.20 
_refine.pdbx_solvent_ion_probe_radii             0.80 
_refine.pdbx_solvent_shrinkage_radii             0.80 
_refine.pdbx_real_space_R                        ? 
_refine.pdbx_density_correlation                 ? 
_refine.pdbx_pd_number_of_powder_patterns        ? 
_refine.pdbx_pd_number_of_points                 ? 
_refine.pdbx_pd_meas_number_of_points            ? 
_refine.pdbx_pd_proc_ls_prof_R_factor            ? 
_refine.pdbx_pd_proc_ls_prof_wR_factor           ? 
_refine.pdbx_pd_Marquardt_correlation_coeff      ? 
_refine.pdbx_pd_Fsqrd_R_factor                   ? 
_refine.pdbx_pd_ls_matrix_band_width             ? 
_refine.pdbx_overall_phase_error                 ? 
_refine.pdbx_overall_SU_R_free_Cruickshank_DPI   ? 
_refine.pdbx_overall_SU_R_free_Blow_DPI          ? 
_refine.pdbx_overall_SU_R_Blow_DPI               ? 
_refine.pdbx_TLS_residual_ADP_flag               ? 
_refine.pdbx_diffrn_id                           1 
_refine.overall_SU_B                             4.234 
_refine.overall_SU_ML                            0.113 
_refine.overall_SU_R_Cruickshank_DPI             ? 
_refine.overall_SU_R_free                        ? 
_refine.overall_FOM_free_R_set                   ? 
_refine.overall_FOM_work_R_set                   ? 
_refine.pdbx_average_fsc_overall                 ? 
_refine.pdbx_average_fsc_work                    ? 
_refine.pdbx_average_fsc_free                    ? 
# 
_refine_analyze.entry_id                        9GVY 
_refine_analyze.pdbx_refine_id                  'X-RAY DIFFRACTION' 
_refine_analyze.Luzzati_coordinate_error_free   ? 
_refine_analyze.Luzzati_coordinate_error_obs    0.2599 
_refine_analyze.Luzzati_d_res_low_free          ? 
_refine_analyze.Luzzati_d_res_low_obs           ? 
_refine_analyze.Luzzati_sigma_a_free            ? 
_refine_analyze.Luzzati_sigma_a_free_details    ? 
_refine_analyze.Luzzati_sigma_a_obs             ? 
_refine_analyze.Luzzati_sigma_a_obs_details     ? 
_refine_analyze.number_disordered_residues      ? 
_refine_analyze.occupancy_sum_hydrogen          ? 
_refine_analyze.occupancy_sum_non_hydrogen      ? 
_refine_analyze.RG_d_res_high                   ? 
_refine_analyze.RG_d_res_low                    ? 
_refine_analyze.RG_free                         ? 
_refine_analyze.RG_work                         ? 
_refine_analyze.RG_free_work_ratio              ? 
_refine_analyze.pdbx_Luzzati_d_res_high_obs     ? 
# 
_refine_hist.pdbx_refine_id                   'X-RAY DIFFRACTION' 
_refine_hist.cycle_id                         1 
_refine_hist.details                          ? 
_refine_hist.d_res_high                       2.05 
_refine_hist.d_res_low                        45.44 
_refine_hist.number_atoms_solvent             87 
_refine_hist.number_atoms_total               1184 
_refine_hist.number_reflns_all                ? 
_refine_hist.number_reflns_obs                ? 
_refine_hist.number_reflns_R_free             ? 
_refine_hist.number_reflns_R_work             ? 
_refine_hist.R_factor_all                     ? 
_refine_hist.R_factor_obs                     ? 
_refine_hist.R_factor_R_free                  ? 
_refine_hist.R_factor_R_work                  ? 
_refine_hist.pdbx_number_residues_total       ? 
_refine_hist.pdbx_B_iso_mean_ligand           ? 
_refine_hist.pdbx_B_iso_mean_solvent          ? 
_refine_hist.pdbx_number_atoms_protein        1081 
_refine_hist.pdbx_number_atoms_nucleic_acid   0 
_refine_hist.pdbx_number_atoms_ligand         16 
_refine_hist.pdbx_number_atoms_lipid          ? 
_refine_hist.pdbx_number_atoms_carb           ? 
_refine_hist.pdbx_pseudo_atom_details         ? 
# 
loop_
_refine_ls_restr.pdbx_refine_id 
_refine_ls_restr.criterion 
_refine_ls_restr.dev_ideal 
_refine_ls_restr.dev_ideal_target 
_refine_ls_restr.number 
_refine_ls_restr.rejects 
_refine_ls_restr.type 
_refine_ls_restr.weight 
_refine_ls_restr.pdbx_restraint_function 
'X-RAY DIFFRACTION' ? 0.010  0.012  1121 ? r_bond_refined_d             ? ? 
'X-RAY DIFFRACTION' ? ?      ?      ?    ? r_bond_other_d               ? ? 
'X-RAY DIFFRACTION' ? 1.782  1.657  1517 ? r_angle_refined_deg          ? ? 
'X-RAY DIFFRACTION' ? ?      ?      ?    ? r_angle_other_deg            ? ? 
'X-RAY DIFFRACTION' ? 7.020  5.000  139  ? r_dihedral_angle_1_deg       ? ? 
'X-RAY DIFFRACTION' ? 32.088 24.615 52   ? r_dihedral_angle_2_deg       ? ? 
'X-RAY DIFFRACTION' ? 16.121 15.000 203  ? r_dihedral_angle_3_deg       ? ? 
'X-RAY DIFFRACTION' ? 16.846 15.000 4    ? r_dihedral_angle_4_deg       ? ? 
'X-RAY DIFFRACTION' ? 0.121  0.200  150  ? r_chiral_restr               ? ? 
'X-RAY DIFFRACTION' ? 0.011  0.020  835  ? r_gen_planes_refined         ? ? 
'X-RAY DIFFRACTION' ? ?      ?      ?    ? r_gen_planes_other           ? ? 
'X-RAY DIFFRACTION' ? ?      ?      ?    ? r_nbd_refined                ? ? 
'X-RAY DIFFRACTION' ? ?      ?      ?    ? r_nbd_other                  ? ? 
'X-RAY DIFFRACTION' ? ?      ?      ?    ? r_nbtor_refined              ? ? 
'X-RAY DIFFRACTION' ? ?      ?      ?    ? r_nbtor_other                ? ? 
'X-RAY DIFFRACTION' ? ?      ?      ?    ? r_xyhbond_nbd_refined        ? ? 
'X-RAY DIFFRACTION' ? ?      ?      ?    ? r_xyhbond_nbd_other          ? ? 
'X-RAY DIFFRACTION' ? ?      ?      ?    ? r_metal_ion_refined          ? ? 
'X-RAY DIFFRACTION' ? ?      ?      ?    ? r_metal_ion_other            ? ? 
'X-RAY DIFFRACTION' ? ?      ?      ?    ? r_symmetry_vdw_refined       ? ? 
'X-RAY DIFFRACTION' ? ?      ?      ?    ? r_symmetry_vdw_other         ? ? 
'X-RAY DIFFRACTION' ? ?      ?      ?    ? r_symmetry_hbond_refined     ? ? 
'X-RAY DIFFRACTION' ? ?      ?      ?    ? r_symmetry_hbond_other       ? ? 
'X-RAY DIFFRACTION' ? ?      ?      ?    ? r_symmetry_metal_ion_refined ? ? 
'X-RAY DIFFRACTION' ? ?      ?      ?    ? r_symmetry_metal_ion_other   ? ? 
'X-RAY DIFFRACTION' ? 4.710  5.174  553  ? r_mcbond_it                  ? ? 
'X-RAY DIFFRACTION' ? ?      ?      ?    ? r_mcbond_other               ? ? 
'X-RAY DIFFRACTION' ? 5.397  7.720  690  ? r_mcangle_it                 ? ? 
'X-RAY DIFFRACTION' ? ?      ?      ?    ? r_mcangle_other              ? ? 
'X-RAY DIFFRACTION' ? 7.151  5.784  568  ? r_scbond_it                  ? ? 
'X-RAY DIFFRACTION' ? ?      ?      ?    ? r_scbond_other               ? ? 
'X-RAY DIFFRACTION' ? ?      ?      ?    ? r_scangle_it                 ? ? 
'X-RAY DIFFRACTION' ? ?      ?      ?    ? r_scangle_other              ? ? 
'X-RAY DIFFRACTION' ? 10.030 70.714 1637 ? r_long_range_B_refined       ? ? 
'X-RAY DIFFRACTION' ? ?      ?      ?    ? r_long_range_B_other         ? ? 
'X-RAY DIFFRACTION' ? ?      ?      ?    ? r_rigid_bond_restr           ? ? 
'X-RAY DIFFRACTION' ? ?      ?      ?    ? r_sphericity_free            ? ? 
'X-RAY DIFFRACTION' ? ?      ?      ?    ? r_sphericity_bonded          ? ? 
# 
_refine_ls_shell.pdbx_refine_id                   'X-RAY DIFFRACTION' 
_refine_ls_shell.d_res_high                       2.050 
_refine_ls_shell.d_res_low                        2.103 
_refine_ls_shell.number_reflns_all                ? 
_refine_ls_shell.number_reflns_obs                ? 
_refine_ls_shell.number_reflns_R_free             52 
_refine_ls_shell.number_reflns_R_work             910 
_refine_ls_shell.percent_reflns_obs               100.00 
_refine_ls_shell.percent_reflns_R_free            ? 
_refine_ls_shell.R_factor_all                     ? 
_refine_ls_shell.R_factor_obs                     ? 
_refine_ls_shell.R_factor_R_free_error            ? 
_refine_ls_shell.R_factor_R_work                  0.286 
_refine_ls_shell.redundancy_reflns_all            ? 
_refine_ls_shell.redundancy_reflns_obs            ? 
_refine_ls_shell.wR_factor_all                    ? 
_refine_ls_shell.wR_factor_obs                    ? 
_refine_ls_shell.wR_factor_R_free                 ? 
_refine_ls_shell.wR_factor_R_work                 ? 
_refine_ls_shell.pdbx_R_complete                  ? 
_refine_ls_shell.pdbx_total_number_of_bins_used   20 
_refine_ls_shell.pdbx_phase_error                 ? 
_refine_ls_shell.pdbx_fsc_work                    ? 
_refine_ls_shell.pdbx_fsc_free                    ? 
_refine_ls_shell.R_factor_R_free                  0.316 
# 
_struct.entry_id                     9GVY 
_struct.title                        
'M2 mutant (R111K:Y134F:T54V:R132Q:P39Y:R59Y) of human cellular retinoic acid binding protein II - 1m conjugate' 
_struct.pdbx_model_details           ? 
_struct.pdbx_formula_weight          ? 
_struct.pdbx_formula_weight_method   ? 
_struct.pdbx_model_type_details      ? 
_struct.pdbx_CASP_flag               N 
# 
_struct_keywords.entry_id        9GVY 
_struct_keywords.text            
'human cellular retinoic acid binding protein II, hCRABPII, conjugate, chromophore, M2, TRANSPORT PROTEIN' 
_struct_keywords.pdbx_keywords   'TRANSPORT PROTEIN' 
# 
loop_
_struct_asym.id 
_struct_asym.pdbx_blank_PDB_chainid_flag 
_struct_asym.pdbx_modified 
_struct_asym.entity_id 
_struct_asym.details 
A N N 1 ? 
B N N 2 ? 
C N N 3 ? 
# 
_struct_ref.id                         1 
_struct_ref.db_name                    UNP 
_struct_ref.db_code                    RABP2_HUMAN 
_struct_ref.pdbx_db_accession          P29373 
_struct_ref.pdbx_db_isoform            ? 
_struct_ref.entity_id                  1 
_struct_ref.pdbx_seq_one_letter_code   
;MPNFSGNWKIIRSENFEELLKVLGVNVMLRKIAVAAASKPAVEIKQEGDTFYIKTSTTVRTTEINFKVGEEFEEQTVDGR
PCKSLVKWESENKMVCEQKLLKGEGPKTSWTRELTNDGELILTMTADDVVCTRVYVRE
;
_struct_ref.pdbx_align_begin           1 
# 
_struct_ref_seq.align_id                      1 
_struct_ref_seq.ref_id                        1 
_struct_ref_seq.pdbx_PDB_id_code              9GVY 
_struct_ref_seq.pdbx_strand_id                A 
_struct_ref_seq.seq_align_beg                 4 
_struct_ref_seq.pdbx_seq_align_beg_ins_code   ? 
_struct_ref_seq.seq_align_end                 141 
_struct_ref_seq.pdbx_seq_align_end_ins_code   ? 
_struct_ref_seq.pdbx_db_accession             P29373 
_struct_ref_seq.db_align_beg                  1 
_struct_ref_seq.pdbx_db_align_beg_ins_code    ? 
_struct_ref_seq.db_align_end                  138 
_struct_ref_seq.pdbx_db_align_end_ins_code    ? 
_struct_ref_seq.pdbx_auth_seq_align_beg       0 
_struct_ref_seq.pdbx_auth_seq_align_end       137 
# 
loop_
_struct_ref_seq_dif.align_id 
_struct_ref_seq_dif.pdbx_pdb_id_code 
_struct_ref_seq_dif.mon_id 
_struct_ref_seq_dif.pdbx_pdb_strand_id 
_struct_ref_seq_dif.seq_num 
_struct_ref_seq_dif.pdbx_pdb_ins_code 
_struct_ref_seq_dif.pdbx_seq_db_name 
_struct_ref_seq_dif.pdbx_seq_db_accession_code 
_struct_ref_seq_dif.db_mon_id 
_struct_ref_seq_dif.pdbx_seq_db_seq_num 
_struct_ref_seq_dif.details 
_struct_ref_seq_dif.pdbx_auth_seq_num 
_struct_ref_seq_dif.pdbx_ordinal 
1 9GVY GLY A 1   ? UNP P29373 ?   ?   'expression tag'      -3  1 
1 9GVY SER A 2   ? UNP P29373 ?   ?   'expression tag'      -2  2 
1 9GVY HIS A 3   ? UNP P29373 ?   ?   'expression tag'      -1  3 
1 9GVY TYR A 43  ? UNP P29373 PRO 40  'engineered mutation' 39  4 
1 9GVY VAL A 58  ? UNP P29373 THR 55  'engineered mutation' 54  5 
1 9GVY TYR A 63  ? UNP P29373 ARG 60  'engineered mutation' 59  6 
1 9GVY LYS A 115 ? UNP P29373 ARG 112 'engineered mutation' 111 7 
1 9GVY GLN A 136 ? UNP P29373 ARG 133 'engineered mutation' 132 8 
1 9GVY PHE A 138 ? UNP P29373 TYR 135 'engineered mutation' 134 9 
# 
_pdbx_struct_assembly.id                   1 
_pdbx_struct_assembly.details              author_and_software_defined_assembly 
_pdbx_struct_assembly.method_details       PISA 
_pdbx_struct_assembly.oligomeric_details   monomeric 
_pdbx_struct_assembly.oligomeric_count     1 
# 
loop_
_pdbx_struct_assembly_prop.biol_id 
_pdbx_struct_assembly_prop.type 
_pdbx_struct_assembly_prop.value 
_pdbx_struct_assembly_prop.details 
1 'ABSA (A^2)' 0    ? 
1 MORE         0    ? 
1 'SSA (A^2)'  7860 ? 
# 
_pdbx_struct_assembly_gen.assembly_id       1 
_pdbx_struct_assembly_gen.oper_expression   1 
_pdbx_struct_assembly_gen.asym_id_list      A,B,C 
# 
_pdbx_struct_oper_list.id                   1 
_pdbx_struct_oper_list.type                 'identity operation' 
_pdbx_struct_oper_list.name                 1_555 
_pdbx_struct_oper_list.symmetry_operation   x,y,z 
_pdbx_struct_oper_list.matrix[1][1]         1.0000000000 
_pdbx_struct_oper_list.matrix[1][2]         0.0000000000 
_pdbx_struct_oper_list.matrix[1][3]         0.0000000000 
_pdbx_struct_oper_list.vector[1]            0.0000000000 
_pdbx_struct_oper_list.matrix[2][1]         0.0000000000 
_pdbx_struct_oper_list.matrix[2][2]         1.0000000000 
_pdbx_struct_oper_list.matrix[2][3]         0.0000000000 
_pdbx_struct_oper_list.vector[2]            0.0000000000 
_pdbx_struct_oper_list.matrix[3][1]         0.0000000000 
_pdbx_struct_oper_list.matrix[3][2]         0.0000000000 
_pdbx_struct_oper_list.matrix[3][3]         1.0000000000 
_pdbx_struct_oper_list.vector[3]            0.0000000000 
# 
loop_
_struct_conf.conf_type_id 
_struct_conf.id 
_struct_conf.pdbx_PDB_helix_id 
_struct_conf.beg_label_comp_id 
_struct_conf.beg_label_asym_id 
_struct_conf.beg_label_seq_id 
_struct_conf.pdbx_beg_PDB_ins_code 
_struct_conf.end_label_comp_id 
_struct_conf.end_label_asym_id 
_struct_conf.end_label_seq_id 
_struct_conf.pdbx_end_PDB_ins_code 
_struct_conf.beg_auth_comp_id 
_struct_conf.beg_auth_asym_id 
_struct_conf.beg_auth_seq_id 
_struct_conf.end_auth_comp_id 
_struct_conf.end_auth_asym_id 
_struct_conf.end_auth_seq_id 
_struct_conf.pdbx_PDB_helix_class 
_struct_conf.details 
_struct_conf.pdbx_PDB_helix_length 
HELX_P HELX_P1 AA1 ASN A 18 ? LEU A 26 ? ASN A 14 LEU A 22 1 ? 9  
HELX_P HELX_P2 AA2 ASN A 29 ? SER A 41 ? ASN A 25 SER A 37 1 ? 13 
# 
_struct_conf_type.id          HELX_P 
_struct_conf_type.criteria    ? 
_struct_conf_type.reference   ? 
# 
_struct_conn.id                            covale1 
_struct_conn.conn_type_id                  covale 
_struct_conn.pdbx_leaving_atom_flag        none 
_struct_conn.pdbx_PDB_id                   ? 
_struct_conn.ptnr1_label_asym_id           A 
_struct_conn.ptnr1_label_comp_id           LYS 
_struct_conn.ptnr1_label_seq_id            115 
_struct_conn.ptnr1_label_atom_id           NZ 
_struct_conn.pdbx_ptnr1_label_alt_id       ? 
_struct_conn.pdbx_ptnr1_PDB_ins_code       ? 
_struct_conn.pdbx_ptnr1_standard_comp_id   ? 
_struct_conn.ptnr1_symmetry                1_555 
_struct_conn.ptnr2_label_asym_id           B 
_struct_conn.ptnr2_label_comp_id           A1IQY 
_struct_conn.ptnr2_label_seq_id            . 
_struct_conn.ptnr2_label_atom_id           CAL 
_struct_conn.pdbx_ptnr2_label_alt_id       ? 
_struct_conn.pdbx_ptnr2_PDB_ins_code       ? 
_struct_conn.ptnr1_auth_asym_id            A 
_struct_conn.ptnr1_auth_comp_id            LYS 
_struct_conn.ptnr1_auth_seq_id             111 
_struct_conn.ptnr2_auth_asym_id            A 
_struct_conn.ptnr2_auth_comp_id            A1IQY 
_struct_conn.ptnr2_auth_seq_id             201 
_struct_conn.ptnr2_symmetry                1_555 
_struct_conn.pdbx_ptnr3_label_atom_id      ? 
_struct_conn.pdbx_ptnr3_label_seq_id       ? 
_struct_conn.pdbx_ptnr3_label_comp_id      ? 
_struct_conn.pdbx_ptnr3_label_asym_id      ? 
_struct_conn.pdbx_ptnr3_label_alt_id       ? 
_struct_conn.pdbx_ptnr3_PDB_ins_code       ? 
_struct_conn.details                       ? 
_struct_conn.pdbx_dist_value               1.438 
_struct_conn.pdbx_value_order              ? 
_struct_conn.pdbx_role                     ? 
# 
_struct_conn_type.id          covale 
_struct_conn_type.criteria    ? 
_struct_conn_type.reference   ? 
# 
_pdbx_modification_feature.ordinal                            1 
_pdbx_modification_feature.label_comp_id                      A1IQY 
_pdbx_modification_feature.label_asym_id                      B 
_pdbx_modification_feature.label_seq_id                       . 
_pdbx_modification_feature.label_alt_id                       ? 
_pdbx_modification_feature.modified_residue_label_comp_id     LYS 
_pdbx_modification_feature.modified_residue_label_asym_id     A 
_pdbx_modification_feature.modified_residue_label_seq_id      115 
_pdbx_modification_feature.modified_residue_label_alt_id      ? 
_pdbx_modification_feature.auth_comp_id                       A1IQY 
_pdbx_modification_feature.auth_asym_id                       A 
_pdbx_modification_feature.auth_seq_id                        201 
_pdbx_modification_feature.PDB_ins_code                       ? 
_pdbx_modification_feature.symmetry                           1_555 
_pdbx_modification_feature.modified_residue_auth_comp_id      LYS 
_pdbx_modification_feature.modified_residue_auth_asym_id      A 
_pdbx_modification_feature.modified_residue_auth_seq_id       111 
_pdbx_modification_feature.modified_residue_PDB_ins_code      ? 
_pdbx_modification_feature.modified_residue_symmetry          1_555 
_pdbx_modification_feature.comp_id_linking_atom               CAL 
_pdbx_modification_feature.modified_residue_id_linking_atom   NZ 
_pdbx_modification_feature.modified_residue_id                LYS 
_pdbx_modification_feature.ref_pcm_id                         1 
_pdbx_modification_feature.ref_comp_id                        A1IQY 
_pdbx_modification_feature.type                               None 
_pdbx_modification_feature.category                           'Covalent chemical modification' 
# 
_struct_sheet.id               AA1 
_struct_sheet.type             ? 
_struct_sheet.number_strands   10 
_struct_sheet.details          ? 
# 
loop_
_struct_sheet_order.sheet_id 
_struct_sheet_order.range_id_1 
_struct_sheet_order.range_id_2 
_struct_sheet_order.offset 
_struct_sheet_order.sense 
AA1 1 2  ? anti-parallel 
AA1 2 3  ? anti-parallel 
AA1 3 4  ? anti-parallel 
AA1 4 5  ? anti-parallel 
AA1 5 6  ? anti-parallel 
AA1 6 7  ? anti-parallel 
AA1 7 8  ? anti-parallel 
AA1 8 9  ? anti-parallel 
AA1 9 10 ? anti-parallel 
# 
loop_
_struct_sheet_range.sheet_id 
_struct_sheet_range.id 
_struct_sheet_range.beg_label_comp_id 
_struct_sheet_range.beg_label_asym_id 
_struct_sheet_range.beg_label_seq_id 
_struct_sheet_range.pdbx_beg_PDB_ins_code 
_struct_sheet_range.end_label_comp_id 
_struct_sheet_range.end_label_asym_id 
_struct_sheet_range.end_label_seq_id 
_struct_sheet_range.pdbx_end_PDB_ins_code 
_struct_sheet_range.beg_auth_comp_id 
_struct_sheet_range.beg_auth_asym_id 
_struct_sheet_range.beg_auth_seq_id 
_struct_sheet_range.end_auth_comp_id 
_struct_sheet_range.end_auth_asym_id 
_struct_sheet_range.end_auth_seq_id 
AA1 1  THR A 64  ? LYS A 70  ? THR A 60  LYS A 66  
AA1 2  THR A 53  ? SER A 59  ? THR A 49  SER A 55  
AA1 3  ALA A 44  ? GLU A 50  ? ALA A 40  GLU A 46  
AA1 4  GLY A 9   ? GLU A 17  ? GLY A 5   GLU A 13  
AA1 5  VAL A 132 ? ARG A 140 ? VAL A 128 ARG A 136 
AA1 6  LEU A 123 ? ALA A 129 ? LEU A 119 ALA A 125 
AA1 7  THR A 111 ? LEU A 117 ? THR A 107 LEU A 113 
AA1 8  LYS A 96  ? LEU A 103 ? LYS A 92  LEU A 99  
AA1 9  PRO A 84  ? SER A 93  ? PRO A 80  SER A 89  
AA1 10 PHE A 75  ? GLN A 78  ? PHE A 71  GLN A 74  
# 
loop_
_pdbx_struct_sheet_hbond.sheet_id 
_pdbx_struct_sheet_hbond.range_id_1 
_pdbx_struct_sheet_hbond.range_id_2 
_pdbx_struct_sheet_hbond.range_1_label_atom_id 
_pdbx_struct_sheet_hbond.range_1_label_comp_id 
_pdbx_struct_sheet_hbond.range_1_label_asym_id 
_pdbx_struct_sheet_hbond.range_1_label_seq_id 
_pdbx_struct_sheet_hbond.range_1_PDB_ins_code 
_pdbx_struct_sheet_hbond.range_1_auth_atom_id 
_pdbx_struct_sheet_hbond.range_1_auth_comp_id 
_pdbx_struct_sheet_hbond.range_1_auth_asym_id 
_pdbx_struct_sheet_hbond.range_1_auth_seq_id 
_pdbx_struct_sheet_hbond.range_2_label_atom_id 
_pdbx_struct_sheet_hbond.range_2_label_comp_id 
_pdbx_struct_sheet_hbond.range_2_label_asym_id 
_pdbx_struct_sheet_hbond.range_2_label_seq_id 
_pdbx_struct_sheet_hbond.range_2_PDB_ins_code 
_pdbx_struct_sheet_hbond.range_2_auth_atom_id 
_pdbx_struct_sheet_hbond.range_2_auth_comp_id 
_pdbx_struct_sheet_hbond.range_2_auth_asym_id 
_pdbx_struct_sheet_hbond.range_2_auth_seq_id 
AA1 1 2  O PHE A 69  ? O PHE A 65  N PHE A 54  ? N PHE A 50  
AA1 2 3  O LYS A 57  ? O LYS A 53  N GLU A 46  ? N GLU A 42  
AA1 3 4  O VAL A 45  ? O VAL A 41  N TRP A 11  ? N TRP A 7   
AA1 4 5  N GLU A 17  ? N GLU A 13  O THR A 135 ? O THR A 131 
AA1 5 6  O CYS A 134 ? O CYS A 130 N MET A 127 ? N MET A 123 
AA1 6 7  O ILE A 124 ? O ILE A 120 N GLU A 116 ? N GLU A 112 
AA1 7 8  O TRP A 113 ? O TRP A 109 N CYS A 99  ? N CYS A 95  
AA1 8 9  O LYS A 102 ? O LYS A 98  N LYS A 86  ? N LYS A 82  
AA1 9 10 O CYS A 85  ? O CYS A 81  N GLU A 77  ? N GLU A 73  
# 
_pdbx_entry_details.entry_id                   9GVY 
_pdbx_entry_details.has_ligand_of_interest     Y 
_pdbx_entry_details.compound_details           ? 
_pdbx_entry_details.source_details             ? 
_pdbx_entry_details.nonpolymer_details         ? 
_pdbx_entry_details.sequence_details           ? 
_pdbx_entry_details.has_protein_modification   Y 
# 
loop_
_pdbx_validate_torsion.id 
_pdbx_validate_torsion.PDB_model_num 
_pdbx_validate_torsion.auth_comp_id 
_pdbx_validate_torsion.auth_asym_id 
_pdbx_validate_torsion.auth_seq_id 
_pdbx_validate_torsion.PDB_ins_code 
_pdbx_validate_torsion.label_alt_id 
_pdbx_validate_torsion.phi 
_pdbx_validate_torsion.psi 
1 1 ASN A 2   ? ? -145.15 -151.16 
2 1 THR A 56  ? ? -119.54 -166.52 
3 1 GLU A 73  ? ? -148.08 -159.16 
4 1 SER A 89  ? ? -168.37 -165.36 
5 1 ASP A 126 ? ? 45.49   -112.20 
# 
loop_
_pdbx_distant_solvent_atoms.id 
_pdbx_distant_solvent_atoms.PDB_model_num 
_pdbx_distant_solvent_atoms.auth_atom_id 
_pdbx_distant_solvent_atoms.label_alt_id 
_pdbx_distant_solvent_atoms.auth_asym_id 
_pdbx_distant_solvent_atoms.auth_comp_id 
_pdbx_distant_solvent_atoms.auth_seq_id 
_pdbx_distant_solvent_atoms.PDB_ins_code 
_pdbx_distant_solvent_atoms.neighbor_macromolecule_distance 
_pdbx_distant_solvent_atoms.neighbor_ligand_distance 
1 1 O ? A HOH 386 ? 6.40 . 
2 1 O ? A HOH 387 ? 7.17 . 
# 
loop_
_pdbx_unobs_or_zero_occ_residues.id 
_pdbx_unobs_or_zero_occ_residues.PDB_model_num 
_pdbx_unobs_or_zero_occ_residues.polymer_flag 
_pdbx_unobs_or_zero_occ_residues.occupancy_flag 
_pdbx_unobs_or_zero_occ_residues.auth_asym_id 
_pdbx_unobs_or_zero_occ_residues.auth_comp_id 
_pdbx_unobs_or_zero_occ_residues.auth_seq_id 
_pdbx_unobs_or_zero_occ_residues.PDB_ins_code 
_pdbx_unobs_or_zero_occ_residues.label_asym_id 
_pdbx_unobs_or_zero_occ_residues.label_comp_id 
_pdbx_unobs_or_zero_occ_residues.label_seq_id 
1 1 Y 1 A GLY -3 ? A GLY 1 
2 1 Y 1 A SER -2 ? A SER 2 
3 1 Y 1 A HIS -1 ? A HIS 3 
# 
loop_
_chem_comp_atom.comp_id 
_chem_comp_atom.atom_id 
_chem_comp_atom.type_symbol 
_chem_comp_atom.pdbx_aromatic_flag 
_chem_comp_atom.pdbx_stereo_config 
_chem_comp_atom.pdbx_ordinal 
A1IQY CAP  C N N 1   
A1IQY OAO  O N N 2   
A1IQY CAM  C N N 3   
A1IQY OAN  O N N 4   
A1IQY CAK  C N N 5   
A1IQY CAL  C N N 6   
A1IQY CAJ  C N N 7   
A1IQY CAD  C Y N 8   
A1IQY CAC  C Y N 9   
A1IQY CAA  C Y N 10  
A1IQY CAB  C Y N 11  
A1IQY NAG  N N N 12  
A1IQY OAI  O N N 13  
A1IQY OAH  O N N 14  
A1IQY CAF  C Y N 15  
A1IQY CAE  C Y N 16  
A1IQY H1   H N N 17  
A1IQY H2   H N N 18  
A1IQY H3   H N N 19  
A1IQY H4   H N N 20  
A1IQY H5   H N N 21  
A1IQY H6   H N N 22  
A1IQY H7   H N N 23  
A1IQY H8   H N N 24  
A1IQY H9   H N N 25  
A1IQY H10  H N N 26  
A1IQY H11  H N N 27  
ALA   N    N N N 28  
ALA   CA   C N S 29  
ALA   C    C N N 30  
ALA   O    O N N 31  
ALA   CB   C N N 32  
ALA   OXT  O N N 33  
ALA   H    H N N 34  
ALA   H2   H N N 35  
ALA   HA   H N N 36  
ALA   HB1  H N N 37  
ALA   HB2  H N N 38  
ALA   HB3  H N N 39  
ALA   HXT  H N N 40  
ARG   N    N N N 41  
ARG   CA   C N S 42  
ARG   C    C N N 43  
ARG   O    O N N 44  
ARG   CB   C N N 45  
ARG   CG   C N N 46  
ARG   CD   C N N 47  
ARG   NE   N N N 48  
ARG   CZ   C N N 49  
ARG   NH1  N N N 50  
ARG   NH2  N N N 51  
ARG   OXT  O N N 52  
ARG   H    H N N 53  
ARG   H2   H N N 54  
ARG   HA   H N N 55  
ARG   HB2  H N N 56  
ARG   HB3  H N N 57  
ARG   HG2  H N N 58  
ARG   HG3  H N N 59  
ARG   HD2  H N N 60  
ARG   HD3  H N N 61  
ARG   HE   H N N 62  
ARG   HH11 H N N 63  
ARG   HH12 H N N 64  
ARG   HH21 H N N 65  
ARG   HH22 H N N 66  
ARG   HXT  H N N 67  
ASN   N    N N N 68  
ASN   CA   C N S 69  
ASN   C    C N N 70  
ASN   O    O N N 71  
ASN   CB   C N N 72  
ASN   CG   C N N 73  
ASN   OD1  O N N 74  
ASN   ND2  N N N 75  
ASN   OXT  O N N 76  
ASN   H    H N N 77  
ASN   H2   H N N 78  
ASN   HA   H N N 79  
ASN   HB2  H N N 80  
ASN   HB3  H N N 81  
ASN   HD21 H N N 82  
ASN   HD22 H N N 83  
ASN   HXT  H N N 84  
ASP   N    N N N 85  
ASP   CA   C N S 86  
ASP   C    C N N 87  
ASP   O    O N N 88  
ASP   CB   C N N 89  
ASP   CG   C N N 90  
ASP   OD1  O N N 91  
ASP   OD2  O N N 92  
ASP   OXT  O N N 93  
ASP   H    H N N 94  
ASP   H2   H N N 95  
ASP   HA   H N N 96  
ASP   HB2  H N N 97  
ASP   HB3  H N N 98  
ASP   HD2  H N N 99  
ASP   HXT  H N N 100 
CYS   N    N N N 101 
CYS   CA   C N R 102 
CYS   C    C N N 103 
CYS   O    O N N 104 
CYS   CB   C N N 105 
CYS   SG   S N N 106 
CYS   OXT  O N N 107 
CYS   H    H N N 108 
CYS   H2   H N N 109 
CYS   HA   H N N 110 
CYS   HB2  H N N 111 
CYS   HB3  H N N 112 
CYS   HG   H N N 113 
CYS   HXT  H N N 114 
GLN   N    N N N 115 
GLN   CA   C N S 116 
GLN   C    C N N 117 
GLN   O    O N N 118 
GLN   CB   C N N 119 
GLN   CG   C N N 120 
GLN   CD   C N N 121 
GLN   OE1  O N N 122 
GLN   NE2  N N N 123 
GLN   OXT  O N N 124 
GLN   H    H N N 125 
GLN   H2   H N N 126 
GLN   HA   H N N 127 
GLN   HB2  H N N 128 
GLN   HB3  H N N 129 
GLN   HG2  H N N 130 
GLN   HG3  H N N 131 
GLN   HE21 H N N 132 
GLN   HE22 H N N 133 
GLN   HXT  H N N 134 
GLU   N    N N N 135 
GLU   CA   C N S 136 
GLU   C    C N N 137 
GLU   O    O N N 138 
GLU   CB   C N N 139 
GLU   CG   C N N 140 
GLU   CD   C N N 141 
GLU   OE1  O N N 142 
GLU   OE2  O N N 143 
GLU   OXT  O N N 144 
GLU   H    H N N 145 
GLU   H2   H N N 146 
GLU   HA   H N N 147 
GLU   HB2  H N N 148 
GLU   HB3  H N N 149 
GLU   HG2  H N N 150 
GLU   HG3  H N N 151 
GLU   HE2  H N N 152 
GLU   HXT  H N N 153 
GLY   N    N N N 154 
GLY   CA   C N N 155 
GLY   C    C N N 156 
GLY   O    O N N 157 
GLY   OXT  O N N 158 
GLY   H    H N N 159 
GLY   H2   H N N 160 
GLY   HA2  H N N 161 
GLY   HA3  H N N 162 
GLY   HXT  H N N 163 
HIS   N    N N N 164 
HIS   CA   C N S 165 
HIS   C    C N N 166 
HIS   O    O N N 167 
HIS   CB   C N N 168 
HIS   CG   C Y N 169 
HIS   ND1  N Y N 170 
HIS   CD2  C Y N 171 
HIS   CE1  C Y N 172 
HIS   NE2  N Y N 173 
HIS   OXT  O N N 174 
HIS   H    H N N 175 
HIS   H2   H N N 176 
HIS   HA   H N N 177 
HIS   HB2  H N N 178 
HIS   HB3  H N N 179 
HIS   HD1  H N N 180 
HIS   HD2  H N N 181 
HIS   HE1  H N N 182 
HIS   HE2  H N N 183 
HIS   HXT  H N N 184 
HOH   O    O N N 185 
HOH   H1   H N N 186 
HOH   H2   H N N 187 
ILE   N    N N N 188 
ILE   CA   C N S 189 
ILE   C    C N N 190 
ILE   O    O N N 191 
ILE   CB   C N S 192 
ILE   CG1  C N N 193 
ILE   CG2  C N N 194 
ILE   CD1  C N N 195 
ILE   OXT  O N N 196 
ILE   H    H N N 197 
ILE   H2   H N N 198 
ILE   HA   H N N 199 
ILE   HB   H N N 200 
ILE   HG12 H N N 201 
ILE   HG13 H N N 202 
ILE   HG21 H N N 203 
ILE   HG22 H N N 204 
ILE   HG23 H N N 205 
ILE   HD11 H N N 206 
ILE   HD12 H N N 207 
ILE   HD13 H N N 208 
ILE   HXT  H N N 209 
LEU   N    N N N 210 
LEU   CA   C N S 211 
LEU   C    C N N 212 
LEU   O    O N N 213 
LEU   CB   C N N 214 
LEU   CG   C N N 215 
LEU   CD1  C N N 216 
LEU   CD2  C N N 217 
LEU   OXT  O N N 218 
LEU   H    H N N 219 
LEU   H2   H N N 220 
LEU   HA   H N N 221 
LEU   HB2  H N N 222 
LEU   HB3  H N N 223 
LEU   HG   H N N 224 
LEU   HD11 H N N 225 
LEU   HD12 H N N 226 
LEU   HD13 H N N 227 
LEU   HD21 H N N 228 
LEU   HD22 H N N 229 
LEU   HD23 H N N 230 
LEU   HXT  H N N 231 
LYS   N    N N N 232 
LYS   CA   C N S 233 
LYS   C    C N N 234 
LYS   O    O N N 235 
LYS   CB   C N N 236 
LYS   CG   C N N 237 
LYS   CD   C N N 238 
LYS   CE   C N N 239 
LYS   NZ   N N N 240 
LYS   OXT  O N N 241 
LYS   H    H N N 242 
LYS   H2   H N N 243 
LYS   HA   H N N 244 
LYS   HB2  H N N 245 
LYS   HB3  H N N 246 
LYS   HG2  H N N 247 
LYS   HG3  H N N 248 
LYS   HD2  H N N 249 
LYS   HD3  H N N 250 
LYS   HE2  H N N 251 
LYS   HE3  H N N 252 
LYS   HZ1  H N N 253 
LYS   HZ2  H N N 254 
LYS   HZ3  H N N 255 
LYS   HXT  H N N 256 
MET   N    N N N 257 
MET   CA   C N S 258 
MET   C    C N N 259 
MET   O    O N N 260 
MET   CB   C N N 261 
MET   CG   C N N 262 
MET   SD   S N N 263 
MET   CE   C N N 264 
MET   OXT  O N N 265 
MET   H    H N N 266 
MET   H2   H N N 267 
MET   HA   H N N 268 
MET   HB2  H N N 269 
MET   HB3  H N N 270 
MET   HG2  H N N 271 
MET   HG3  H N N 272 
MET   HE1  H N N 273 
MET   HE2  H N N 274 
MET   HE3  H N N 275 
MET   HXT  H N N 276 
PHE   N    N N N 277 
PHE   CA   C N S 278 
PHE   C    C N N 279 
PHE   O    O N N 280 
PHE   CB   C N N 281 
PHE   CG   C Y N 282 
PHE   CD1  C Y N 283 
PHE   CD2  C Y N 284 
PHE   CE1  C Y N 285 
PHE   CE2  C Y N 286 
PHE   CZ   C Y N 287 
PHE   OXT  O N N 288 
PHE   H    H N N 289 
PHE   H2   H N N 290 
PHE   HA   H N N 291 
PHE   HB2  H N N 292 
PHE   HB3  H N N 293 
PHE   HD1  H N N 294 
PHE   HD2  H N N 295 
PHE   HE1  H N N 296 
PHE   HE2  H N N 297 
PHE   HZ   H N N 298 
PHE   HXT  H N N 299 
PRO   N    N N N 300 
PRO   CA   C N S 301 
PRO   C    C N N 302 
PRO   O    O N N 303 
PRO   CB   C N N 304 
PRO   CG   C N N 305 
PRO   CD   C N N 306 
PRO   OXT  O N N 307 
PRO   H    H N N 308 
PRO   HA   H N N 309 
PRO   HB2  H N N 310 
PRO   HB3  H N N 311 
PRO   HG2  H N N 312 
PRO   HG3  H N N 313 
PRO   HD2  H N N 314 
PRO   HD3  H N N 315 
PRO   HXT  H N N 316 
SER   N    N N N 317 
SER   CA   C N S 318 
SER   C    C N N 319 
SER   O    O N N 320 
SER   CB   C N N 321 
SER   OG   O N N 322 
SER   OXT  O N N 323 
SER   H    H N N 324 
SER   H2   H N N 325 
SER   HA   H N N 326 
SER   HB2  H N N 327 
SER   HB3  H N N 328 
SER   HG   H N N 329 
SER   HXT  H N N 330 
THR   N    N N N 331 
THR   CA   C N S 332 
THR   C    C N N 333 
THR   O    O N N 334 
THR   CB   C N R 335 
THR   OG1  O N N 336 
THR   CG2  C N N 337 
THR   OXT  O N N 338 
THR   H    H N N 339 
THR   H2   H N N 340 
THR   HA   H N N 341 
THR   HB   H N N 342 
THR   HG1  H N N 343 
THR   HG21 H N N 344 
THR   HG22 H N N 345 
THR   HG23 H N N 346 
THR   HXT  H N N 347 
TRP   N    N N N 348 
TRP   CA   C N S 349 
TRP   C    C N N 350 
TRP   O    O N N 351 
TRP   CB   C N N 352 
TRP   CG   C Y N 353 
TRP   CD1  C Y N 354 
TRP   CD2  C Y N 355 
TRP   NE1  N Y N 356 
TRP   CE2  C Y N 357 
TRP   CE3  C Y N 358 
TRP   CZ2  C Y N 359 
TRP   CZ3  C Y N 360 
TRP   CH2  C Y N 361 
TRP   OXT  O N N 362 
TRP   H    H N N 363 
TRP   H2   H N N 364 
TRP   HA   H N N 365 
TRP   HB2  H N N 366 
TRP   HB3  H N N 367 
TRP   HD1  H N N 368 
TRP   HE1  H N N 369 
TRP   HE3  H N N 370 
TRP   HZ2  H N N 371 
TRP   HZ3  H N N 372 
TRP   HH2  H N N 373 
TRP   HXT  H N N 374 
TYR   N    N N N 375 
TYR   CA   C N S 376 
TYR   C    C N N 377 
TYR   O    O N N 378 
TYR   CB   C N N 379 
TYR   CG   C Y N 380 
TYR   CD1  C Y N 381 
TYR   CD2  C Y N 382 
TYR   CE1  C Y N 383 
TYR   CE2  C Y N 384 
TYR   CZ   C Y N 385 
TYR   OH   O N N 386 
TYR   OXT  O N N 387 
TYR   H    H N N 388 
TYR   H2   H N N 389 
TYR   HA   H N N 390 
TYR   HB2  H N N 391 
TYR   HB3  H N N 392 
TYR   HD1  H N N 393 
TYR   HD2  H N N 394 
TYR   HE1  H N N 395 
TYR   HE2  H N N 396 
TYR   HH   H N N 397 
TYR   HXT  H N N 398 
VAL   N    N N N 399 
VAL   CA   C N S 400 
VAL   C    C N N 401 
VAL   O    O N N 402 
VAL   CB   C N N 403 
VAL   CG1  C N N 404 
VAL   CG2  C N N 405 
VAL   OXT  O N N 406 
VAL   H    H N N 407 
VAL   H2   H N N 408 
VAL   HA   H N N 409 
VAL   HB   H N N 410 
VAL   HG11 H N N 411 
VAL   HG12 H N N 412 
VAL   HG13 H N N 413 
VAL   HG21 H N N 414 
VAL   HG22 H N N 415 
VAL   HG23 H N N 416 
VAL   HXT  H N N 417 
# 
loop_
_chem_comp_bond.comp_id 
_chem_comp_bond.atom_id_1 
_chem_comp_bond.atom_id_2 
_chem_comp_bond.value_order 
_chem_comp_bond.pdbx_aromatic_flag 
_chem_comp_bond.pdbx_stereo_config 
_chem_comp_bond.pdbx_ordinal 
A1IQY CAL CAK  sing N N 1   
A1IQY OAN CAM  doub N N 2   
A1IQY CAM CAK  sing N N 3   
A1IQY CAM OAO  sing N N 4   
A1IQY CAK CAJ  doub N Z 5   
A1IQY OAO CAP  sing N N 6   
A1IQY CAJ CAD  sing N N 7   
A1IQY CAC CAD  doub Y N 8   
A1IQY CAC CAA  sing Y N 9   
A1IQY CAD CAE  sing Y N 10  
A1IQY CAA CAB  doub Y N 11  
A1IQY CAE CAF  doub Y N 12  
A1IQY CAB CAF  sing Y N 13  
A1IQY CAB NAG  sing N N 14  
A1IQY OAI NAG  sing N N 15  
A1IQY NAG OAH  doub N N 16  
A1IQY CAP H1   sing N N 17  
A1IQY CAP H2   sing N N 18  
A1IQY CAP H3   sing N N 19  
A1IQY CAL H4   sing N N 20  
A1IQY CAL H5   sing N N 21  
A1IQY CAL H6   sing N N 22  
A1IQY CAJ H7   sing N N 23  
A1IQY CAC H8   sing N N 24  
A1IQY CAA H9   sing N N 25  
A1IQY CAF H10  sing N N 26  
A1IQY CAE H11  sing N N 27  
ALA   N   CA   sing N N 28  
ALA   N   H    sing N N 29  
ALA   N   H2   sing N N 30  
ALA   CA  C    sing N N 31  
ALA   CA  CB   sing N N 32  
ALA   CA  HA   sing N N 33  
ALA   C   O    doub N N 34  
ALA   C   OXT  sing N N 35  
ALA   CB  HB1  sing N N 36  
ALA   CB  HB2  sing N N 37  
ALA   CB  HB3  sing N N 38  
ALA   OXT HXT  sing N N 39  
ARG   N   CA   sing N N 40  
ARG   N   H    sing N N 41  
ARG   N   H2   sing N N 42  
ARG   CA  C    sing N N 43  
ARG   CA  CB   sing N N 44  
ARG   CA  HA   sing N N 45  
ARG   C   O    doub N N 46  
ARG   C   OXT  sing N N 47  
ARG   CB  CG   sing N N 48  
ARG   CB  HB2  sing N N 49  
ARG   CB  HB3  sing N N 50  
ARG   CG  CD   sing N N 51  
ARG   CG  HG2  sing N N 52  
ARG   CG  HG3  sing N N 53  
ARG   CD  NE   sing N N 54  
ARG   CD  HD2  sing N N 55  
ARG   CD  HD3  sing N N 56  
ARG   NE  CZ   sing N N 57  
ARG   NE  HE   sing N N 58  
ARG   CZ  NH1  sing N N 59  
ARG   CZ  NH2  doub N N 60  
ARG   NH1 HH11 sing N N 61  
ARG   NH1 HH12 sing N N 62  
ARG   NH2 HH21 sing N N 63  
ARG   NH2 HH22 sing N N 64  
ARG   OXT HXT  sing N N 65  
ASN   N   CA   sing N N 66  
ASN   N   H    sing N N 67  
ASN   N   H2   sing N N 68  
ASN   CA  C    sing N N 69  
ASN   CA  CB   sing N N 70  
ASN   CA  HA   sing N N 71  
ASN   C   O    doub N N 72  
ASN   C   OXT  sing N N 73  
ASN   CB  CG   sing N N 74  
ASN   CB  HB2  sing N N 75  
ASN   CB  HB3  sing N N 76  
ASN   CG  OD1  doub N N 77  
ASN   CG  ND2  sing N N 78  
ASN   ND2 HD21 sing N N 79  
ASN   ND2 HD22 sing N N 80  
ASN   OXT HXT  sing N N 81  
ASP   N   CA   sing N N 82  
ASP   N   H    sing N N 83  
ASP   N   H2   sing N N 84  
ASP   CA  C    sing N N 85  
ASP   CA  CB   sing N N 86  
ASP   CA  HA   sing N N 87  
ASP   C   O    doub N N 88  
ASP   C   OXT  sing N N 89  
ASP   CB  CG   sing N N 90  
ASP   CB  HB2  sing N N 91  
ASP   CB  HB3  sing N N 92  
ASP   CG  OD1  doub N N 93  
ASP   CG  OD2  sing N N 94  
ASP   OD2 HD2  sing N N 95  
ASP   OXT HXT  sing N N 96  
CYS   N   CA   sing N N 97  
CYS   N   H    sing N N 98  
CYS   N   H2   sing N N 99  
CYS   CA  C    sing N N 100 
CYS   CA  CB   sing N N 101 
CYS   CA  HA   sing N N 102 
CYS   C   O    doub N N 103 
CYS   C   OXT  sing N N 104 
CYS   CB  SG   sing N N 105 
CYS   CB  HB2  sing N N 106 
CYS   CB  HB3  sing N N 107 
CYS   SG  HG   sing N N 108 
CYS   OXT HXT  sing N N 109 
GLN   N   CA   sing N N 110 
GLN   N   H    sing N N 111 
GLN   N   H2   sing N N 112 
GLN   CA  C    sing N N 113 
GLN   CA  CB   sing N N 114 
GLN   CA  HA   sing N N 115 
GLN   C   O    doub N N 116 
GLN   C   OXT  sing N N 117 
GLN   CB  CG   sing N N 118 
GLN   CB  HB2  sing N N 119 
GLN   CB  HB3  sing N N 120 
GLN   CG  CD   sing N N 121 
GLN   CG  HG2  sing N N 122 
GLN   CG  HG3  sing N N 123 
GLN   CD  OE1  doub N N 124 
GLN   CD  NE2  sing N N 125 
GLN   NE2 HE21 sing N N 126 
GLN   NE2 HE22 sing N N 127 
GLN   OXT HXT  sing N N 128 
GLU   N   CA   sing N N 129 
GLU   N   H    sing N N 130 
GLU   N   H2   sing N N 131 
GLU   CA  C    sing N N 132 
GLU   CA  CB   sing N N 133 
GLU   CA  HA   sing N N 134 
GLU   C   O    doub N N 135 
GLU   C   OXT  sing N N 136 
GLU   CB  CG   sing N N 137 
GLU   CB  HB2  sing N N 138 
GLU   CB  HB3  sing N N 139 
GLU   CG  CD   sing N N 140 
GLU   CG  HG2  sing N N 141 
GLU   CG  HG3  sing N N 142 
GLU   CD  OE1  doub N N 143 
GLU   CD  OE2  sing N N 144 
GLU   OE2 HE2  sing N N 145 
GLU   OXT HXT  sing N N 146 
GLY   N   CA   sing N N 147 
GLY   N   H    sing N N 148 
GLY   N   H2   sing N N 149 
GLY   CA  C    sing N N 150 
GLY   CA  HA2  sing N N 151 
GLY   CA  HA3  sing N N 152 
GLY   C   O    doub N N 153 
GLY   C   OXT  sing N N 154 
GLY   OXT HXT  sing N N 155 
HIS   N   CA   sing N N 156 
HIS   N   H    sing N N 157 
HIS   N   H2   sing N N 158 
HIS   CA  C    sing N N 159 
HIS   CA  CB   sing N N 160 
HIS   CA  HA   sing N N 161 
HIS   C   O    doub N N 162 
HIS   C   OXT  sing N N 163 
HIS   CB  CG   sing N N 164 
HIS   CB  HB2  sing N N 165 
HIS   CB  HB3  sing N N 166 
HIS   CG  ND1  sing Y N 167 
HIS   CG  CD2  doub Y N 168 
HIS   ND1 CE1  doub Y N 169 
HIS   ND1 HD1  sing N N 170 
HIS   CD2 NE2  sing Y N 171 
HIS   CD2 HD2  sing N N 172 
HIS   CE1 NE2  sing Y N 173 
HIS   CE1 HE1  sing N N 174 
HIS   NE2 HE2  sing N N 175 
HIS   OXT HXT  sing N N 176 
HOH   O   H1   sing N N 177 
HOH   O   H2   sing N N 178 
ILE   N   CA   sing N N 179 
ILE   N   H    sing N N 180 
ILE   N   H2   sing N N 181 
ILE   CA  C    sing N N 182 
ILE   CA  CB   sing N N 183 
ILE   CA  HA   sing N N 184 
ILE   C   O    doub N N 185 
ILE   C   OXT  sing N N 186 
ILE   CB  CG1  sing N N 187 
ILE   CB  CG2  sing N N 188 
ILE   CB  HB   sing N N 189 
ILE   CG1 CD1  sing N N 190 
ILE   CG1 HG12 sing N N 191 
ILE   CG1 HG13 sing N N 192 
ILE   CG2 HG21 sing N N 193 
ILE   CG2 HG22 sing N N 194 
ILE   CG2 HG23 sing N N 195 
ILE   CD1 HD11 sing N N 196 
ILE   CD1 HD12 sing N N 197 
ILE   CD1 HD13 sing N N 198 
ILE   OXT HXT  sing N N 199 
LEU   N   CA   sing N N 200 
LEU   N   H    sing N N 201 
LEU   N   H2   sing N N 202 
LEU   CA  C    sing N N 203 
LEU   CA  CB   sing N N 204 
LEU   CA  HA   sing N N 205 
LEU   C   O    doub N N 206 
LEU   C   OXT  sing N N 207 
LEU   CB  CG   sing N N 208 
LEU   CB  HB2  sing N N 209 
LEU   CB  HB3  sing N N 210 
LEU   CG  CD1  sing N N 211 
LEU   CG  CD2  sing N N 212 
LEU   CG  HG   sing N N 213 
LEU   CD1 HD11 sing N N 214 
LEU   CD1 HD12 sing N N 215 
LEU   CD1 HD13 sing N N 216 
LEU   CD2 HD21 sing N N 217 
LEU   CD2 HD22 sing N N 218 
LEU   CD2 HD23 sing N N 219 
LEU   OXT HXT  sing N N 220 
LYS   N   CA   sing N N 221 
LYS   N   H    sing N N 222 
LYS   N   H2   sing N N 223 
LYS   CA  C    sing N N 224 
LYS   CA  CB   sing N N 225 
LYS   CA  HA   sing N N 226 
LYS   C   O    doub N N 227 
LYS   C   OXT  sing N N 228 
LYS   CB  CG   sing N N 229 
LYS   CB  HB2  sing N N 230 
LYS   CB  HB3  sing N N 231 
LYS   CG  CD   sing N N 232 
LYS   CG  HG2  sing N N 233 
LYS   CG  HG3  sing N N 234 
LYS   CD  CE   sing N N 235 
LYS   CD  HD2  sing N N 236 
LYS   CD  HD3  sing N N 237 
LYS   CE  NZ   sing N N 238 
LYS   CE  HE2  sing N N 239 
LYS   CE  HE3  sing N N 240 
LYS   NZ  HZ1  sing N N 241 
LYS   NZ  HZ2  sing N N 242 
LYS   NZ  HZ3  sing N N 243 
LYS   OXT HXT  sing N N 244 
MET   N   CA   sing N N 245 
MET   N   H    sing N N 246 
MET   N   H2   sing N N 247 
MET   CA  C    sing N N 248 
MET   CA  CB   sing N N 249 
MET   CA  HA   sing N N 250 
MET   C   O    doub N N 251 
MET   C   OXT  sing N N 252 
MET   CB  CG   sing N N 253 
MET   CB  HB2  sing N N 254 
MET   CB  HB3  sing N N 255 
MET   CG  SD   sing N N 256 
MET   CG  HG2  sing N N 257 
MET   CG  HG3  sing N N 258 
MET   SD  CE   sing N N 259 
MET   CE  HE1  sing N N 260 
MET   CE  HE2  sing N N 261 
MET   CE  HE3  sing N N 262 
MET   OXT HXT  sing N N 263 
PHE   N   CA   sing N N 264 
PHE   N   H    sing N N 265 
PHE   N   H2   sing N N 266 
PHE   CA  C    sing N N 267 
PHE   CA  CB   sing N N 268 
PHE   CA  HA   sing N N 269 
PHE   C   O    doub N N 270 
PHE   C   OXT  sing N N 271 
PHE   CB  CG   sing N N 272 
PHE   CB  HB2  sing N N 273 
PHE   CB  HB3  sing N N 274 
PHE   CG  CD1  doub Y N 275 
PHE   CG  CD2  sing Y N 276 
PHE   CD1 CE1  sing Y N 277 
PHE   CD1 HD1  sing N N 278 
PHE   CD2 CE2  doub Y N 279 
PHE   CD2 HD2  sing N N 280 
PHE   CE1 CZ   doub Y N 281 
PHE   CE1 HE1  sing N N 282 
PHE   CE2 CZ   sing Y N 283 
PHE   CE2 HE2  sing N N 284 
PHE   CZ  HZ   sing N N 285 
PHE   OXT HXT  sing N N 286 
PRO   N   CA   sing N N 287 
PRO   N   CD   sing N N 288 
PRO   N   H    sing N N 289 
PRO   CA  C    sing N N 290 
PRO   CA  CB   sing N N 291 
PRO   CA  HA   sing N N 292 
PRO   C   O    doub N N 293 
PRO   C   OXT  sing N N 294 
PRO   CB  CG   sing N N 295 
PRO   CB  HB2  sing N N 296 
PRO   CB  HB3  sing N N 297 
PRO   CG  CD   sing N N 298 
PRO   CG  HG2  sing N N 299 
PRO   CG  HG3  sing N N 300 
PRO   CD  HD2  sing N N 301 
PRO   CD  HD3  sing N N 302 
PRO   OXT HXT  sing N N 303 
SER   N   CA   sing N N 304 
SER   N   H    sing N N 305 
SER   N   H2   sing N N 306 
SER   CA  C    sing N N 307 
SER   CA  CB   sing N N 308 
SER   CA  HA   sing N N 309 
SER   C   O    doub N N 310 
SER   C   OXT  sing N N 311 
SER   CB  OG   sing N N 312 
SER   CB  HB2  sing N N 313 
SER   CB  HB3  sing N N 314 
SER   OG  HG   sing N N 315 
SER   OXT HXT  sing N N 316 
THR   N   CA   sing N N 317 
THR   N   H    sing N N 318 
THR   N   H2   sing N N 319 
THR   CA  C    sing N N 320 
THR   CA  CB   sing N N 321 
THR   CA  HA   sing N N 322 
THR   C   O    doub N N 323 
THR   C   OXT  sing N N 324 
THR   CB  OG1  sing N N 325 
THR   CB  CG2  sing N N 326 
THR   CB  HB   sing N N 327 
THR   OG1 HG1  sing N N 328 
THR   CG2 HG21 sing N N 329 
THR   CG2 HG22 sing N N 330 
THR   CG2 HG23 sing N N 331 
THR   OXT HXT  sing N N 332 
TRP   N   CA   sing N N 333 
TRP   N   H    sing N N 334 
TRP   N   H2   sing N N 335 
TRP   CA  C    sing N N 336 
TRP   CA  CB   sing N N 337 
TRP   CA  HA   sing N N 338 
TRP   C   O    doub N N 339 
TRP   C   OXT  sing N N 340 
TRP   CB  CG   sing N N 341 
TRP   CB  HB2  sing N N 342 
TRP   CB  HB3  sing N N 343 
TRP   CG  CD1  doub Y N 344 
TRP   CG  CD2  sing Y N 345 
TRP   CD1 NE1  sing Y N 346 
TRP   CD1 HD1  sing N N 347 
TRP   CD2 CE2  doub Y N 348 
TRP   CD2 CE3  sing Y N 349 
TRP   NE1 CE2  sing Y N 350 
TRP   NE1 HE1  sing N N 351 
TRP   CE2 CZ2  sing Y N 352 
TRP   CE3 CZ3  doub Y N 353 
TRP   CE3 HE3  sing N N 354 
TRP   CZ2 CH2  doub Y N 355 
TRP   CZ2 HZ2  sing N N 356 
TRP   CZ3 CH2  sing Y N 357 
TRP   CZ3 HZ3  sing N N 358 
TRP   CH2 HH2  sing N N 359 
TRP   OXT HXT  sing N N 360 
TYR   N   CA   sing N N 361 
TYR   N   H    sing N N 362 
TYR   N   H2   sing N N 363 
TYR   CA  C    sing N N 364 
TYR   CA  CB   sing N N 365 
TYR   CA  HA   sing N N 366 
TYR   C   O    doub N N 367 
TYR   C   OXT  sing N N 368 
TYR   CB  CG   sing N N 369 
TYR   CB  HB2  sing N N 370 
TYR   CB  HB3  sing N N 371 
TYR   CG  CD1  doub Y N 372 
TYR   CG  CD2  sing Y N 373 
TYR   CD1 CE1  sing Y N 374 
TYR   CD1 HD1  sing N N 375 
TYR   CD2 CE2  doub Y N 376 
TYR   CD2 HD2  sing N N 377 
TYR   CE1 CZ   doub Y N 378 
TYR   CE1 HE1  sing N N 379 
TYR   CE2 CZ   sing Y N 380 
TYR   CE2 HE2  sing N N 381 
TYR   CZ  OH   sing N N 382 
TYR   OH  HH   sing N N 383 
TYR   OXT HXT  sing N N 384 
VAL   N   CA   sing N N 385 
VAL   N   H    sing N N 386 
VAL   N   H2   sing N N 387 
VAL   CA  C    sing N N 388 
VAL   CA  CB   sing N N 389 
VAL   CA  HA   sing N N 390 
VAL   C   O    doub N N 391 
VAL   C   OXT  sing N N 392 
VAL   CB  CG1  sing N N 393 
VAL   CB  CG2  sing N N 394 
VAL   CB  HB   sing N N 395 
VAL   CG1 HG11 sing N N 396 
VAL   CG1 HG12 sing N N 397 
VAL   CG1 HG13 sing N N 398 
VAL   CG2 HG21 sing N N 399 
VAL   CG2 HG22 sing N N 400 
VAL   CG2 HG23 sing N N 401 
VAL   OXT HXT  sing N N 402 
# 
_pdbx_audit_support.funding_organization   'Not funded' 
_pdbx_audit_support.country                Italy 
_pdbx_audit_support.grant_number           ? 
_pdbx_audit_support.ordinal                1 
# 
_pdbx_initial_refinement_model.id               1 
_pdbx_initial_refinement_model.entity_id_list   ? 
_pdbx_initial_refinement_model.type             'experimental model' 
_pdbx_initial_refinement_model.source_name      PDB 
_pdbx_initial_refinement_model.accession_code   6Z2U 
_pdbx_initial_refinement_model.details          ? 
# 
_atom_sites.entry_id                    9GVY 
_atom_sites.Cartn_transf_matrix[1][1]   ? 
_atom_sites.Cartn_transf_matrix[1][2]   ? 
_atom_sites.Cartn_transf_matrix[1][3]   ? 
_atom_sites.Cartn_transf_matrix[2][1]   ? 
_atom_sites.Cartn_transf_matrix[2][2]   ? 
_atom_sites.Cartn_transf_matrix[2][3]   ? 
_atom_sites.Cartn_transf_matrix[3][1]   ? 
_atom_sites.Cartn_transf_matrix[3][2]   ? 
_atom_sites.Cartn_transf_matrix[3][3]   ? 
_atom_sites.Cartn_transf_vector[1]      ? 
_atom_sites.Cartn_transf_vector[2]      ? 
_atom_sites.Cartn_transf_vector[3]      ? 
_atom_sites.Cartn_transform_axes        ? 
_atom_sites.fract_transf_matrix[1][1]   -0.01244932 
_atom_sites.fract_transf_matrix[1][2]   0.00862278 
_atom_sites.fract_transf_matrix[1][3]   0.01260921 
_atom_sites.fract_transf_matrix[2][1]   -0.01167100 
_atom_sites.fract_transf_matrix[2][2]   0.01464356 
_atom_sites.fract_transf_matrix[2][3]   -0.00613844 
_atom_sites.fract_transf_matrix[3][1]   -0.00694915 
_atom_sites.fract_transf_matrix[3][2]   -0.00653986 
_atom_sites.fract_transf_matrix[3][3]   -0.00238876 
_atom_sites.fract_transf_vector[1]      0.274779 
_atom_sites.fract_transf_vector[2]      -0.478428 
_atom_sites.fract_transf_vector[3]      -0.115127 
_atom_sites.solution_primary            ? 
_atom_sites.solution_secondary          ? 
_atom_sites.solution_hydrogens          ? 
_atom_sites.special_details             ? 
# 
loop_
_atom_type.symbol 
C 
N 
O 
S 
# 
loop_
_atom_site.group_PDB 
_atom_site.id 
_atom_site.type_symbol 
_atom_site.label_atom_id 
_atom_site.label_alt_id 
_atom_site.label_comp_id 
_atom_site.label_asym_id 
_atom_site.label_entity_id 
_atom_site.label_seq_id 
_atom_site.pdbx_PDB_ins_code 
_atom_site.Cartn_x 
_atom_site.Cartn_y 
_atom_site.Cartn_z 
_atom_site.occupancy 
_atom_site.B_iso_or_equiv 
_atom_site.pdbx_formal_charge 
_atom_site.auth_seq_id 
_atom_site.auth_comp_id 
_atom_site.auth_asym_id 
_atom_site.auth_atom_id 
_atom_site.pdbx_PDB_model_num 
ATOM   1    N N   . MET   A 1 4   ? 2.415   23.350  -1.207  1.00 75.12  ? 0   MET   A N   1 
ATOM   2    C CA  . MET   A 1 4   ? 2.193   23.054  -2.658  1.00 88.78  ? 0   MET   A CA  1 
ATOM   3    C C   . MET   A 1 4   ? 1.745   21.596  -2.783  1.00 89.66  ? 0   MET   A C   1 
ATOM   4    O O   . MET   A 1 4   ? 2.265   20.734  -2.062  1.00 77.57  ? 0   MET   A O   1 
ATOM   5    C CB  . MET   A 1 4   ? 3.484   23.284  -3.456  1.00 81.90  ? 0   MET   A CB  1 
ATOM   6    C CG  . MET   A 1 4   ? 3.276   23.912  -4.830  1.00 92.58  ? 0   MET   A CG  1 
ATOM   7    S SD  . MET   A 1 4   ? 4.644   25.018  -5.372  1.00 88.41  ? 0   MET   A SD  1 
ATOM   8    C CE  . MET   A 1 4   ? 4.244   25.161  -7.115  1.00 84.53  ? 0   MET   A CE  1 
ATOM   9    N N   . PRO   A 1 5   ? 0.753   21.276  -3.661  1.00 88.86  ? 1   PRO   A N   1 
ATOM   10   C CA  . PRO   A 1 5   ? 0.157   19.932  -3.707  1.00 90.25  ? 1   PRO   A CA  1 
ATOM   11   C C   . PRO   A 1 5   ? 1.069   18.800  -4.198  1.00 76.31  ? 1   PRO   A C   1 
ATOM   12   O O   . PRO   A 1 5   ? 1.617   18.869  -5.292  1.00 76.39  ? 1   PRO   A O   1 
ATOM   13   C CB  . PRO   A 1 5   ? -1.094  20.104  -4.592  1.00 83.75  ? 1   PRO   A CB  1 
ATOM   14   C CG  . PRO   A 1 5   ? -0.758  21.298  -5.472  1.00 93.64  ? 1   PRO   A CG  1 
ATOM   15   C CD  . PRO   A 1 5   ? 0.111   22.197  -4.615  1.00 87.34  ? 1   PRO   A CD  1 
ATOM   16   N N   . ASN   A 1 6   ? 1.201   17.754  -3.368  1.00 66.23  ? 2   ASN   A N   1 
ATOM   17   C CA  . ASN   A 1 6   ? 1.966   16.547  -3.655  1.00 55.19  ? 2   ASN   A CA  1 
ATOM   18   C C   . ASN   A 1 6   ? 1.204   15.398  -2.996  1.00 54.50  ? 2   ASN   A C   1 
ATOM   19   O O   . ASN   A 1 6   ? 0.004   15.508  -2.776  1.00 49.80  ? 2   ASN   A O   1 
ATOM   20   C CB  . ASN   A 1 6   ? 3.431   16.706  -3.204  1.00 53.44  ? 2   ASN   A CB  1 
ATOM   21   C CG  . ASN   A 1 6   ? 3.580   17.125  -1.752  1.00 60.04  ? 2   ASN   A CG  1 
ATOM   22   O OD1 . ASN   A 1 6   ? 2.652   16.981  -0.957  1.00 55.79  ? 2   ASN   A OD1 1 
ATOM   23   N ND2 . ASN   A 1 6   ? 4.743   17.635  -1.368  1.00 49.58  ? 2   ASN   A ND2 1 
ATOM   24   N N   . PHE   A 1 7   ? 1.895   14.332  -2.584  1.00 48.34  ? 3   PHE   A N   1 
ATOM   25   C CA  . PHE   A 1 7   ? 1.171   13.214  -2.015  1.00 44.79  ? 3   PHE   A CA  1 
ATOM   26   C C   . PHE   A 1 7   ? 0.603   13.585  -0.647  1.00 45.26  ? 3   PHE   A C   1 
ATOM   27   O O   . PHE   A 1 7   ? -0.216  12.847  -0.134  1.00 52.80  ? 3   PHE   A O   1 
ATOM   28   C CB  . PHE   A 1 7   ? 2.080   12.001  -1.882  1.00 41.89  ? 3   PHE   A CB  1 
ATOM   29   C CG  . PHE   A 1 7   ? 2.346   11.260  -3.150  1.00 46.61  ? 3   PHE   A CG  1 
ATOM   30   C CD1 . PHE   A 1 7   ? 3.403   11.636  -3.965  1.00 50.57  ? 3   PHE   A CD1 1 
ATOM   31   C CD2 . PHE   A 1 7   ? 1.521   10.211  -3.556  1.00 42.92  ? 3   PHE   A CD2 1 
ATOM   32   C CE1 . PHE   A 1 7   ? 3.653   10.957  -5.149  1.00 50.98  ? 3   PHE   A CE1 1 
ATOM   33   C CE2 . PHE   A 1 7   ? 1.797   9.522   -4.724  1.00 48.63  ? 3   PHE   A CE2 1 
ATOM   34   C CZ  . PHE   A 1 7   ? 2.889   9.878   -5.499  1.00 43.77  ? 3   PHE   A CZ  1 
ATOM   35   N N   . SER   A 1 8   ? 1.056   14.700  -0.055  1.00 42.58  ? 4   SER   A N   1 
ATOM   36   C CA  . SER   A 1 8   ? 0.728   15.064  1.320   1.00 47.78  ? 4   SER   A CA  1 
ATOM   37   C C   . SER   A 1 8   ? -0.777  15.213  1.444   1.00 50.99  ? 4   SER   A C   1 
ATOM   38   O O   . SER   A 1 8   ? -1.392  15.829  0.587   1.00 47.53  ? 4   SER   A O   1 
ATOM   39   C CB  . SER   A 1 8   ? 1.347   16.412  1.675   1.00 46.67  ? 4   SER   A CB  1 
ATOM   40   O OG  . SER   A 1 8   ? 2.705   16.243  1.994   1.00 53.91  ? 4   SER   A OG  1 
ATOM   41   N N   . GLY   A 1 9   ? -1.355  14.719  2.529   1.00 46.83  ? 5   GLY   A N   1 
ATOM   42   C CA  . GLY   A 1 9   ? -2.760  15.017  2.785   1.00 53.84  ? 5   GLY   A CA  1 
ATOM   43   C C   . GLY   A 1 9   ? -3.460  13.860  3.502   1.00 53.63  ? 5   GLY   A C   1 
ATOM   44   O O   . GLY   A 1 9   ? -2.814  12.900  3.897   1.00 45.57  ? 5   GLY   A O   1 
ATOM   45   N N   . ASN   A 1 10  ? -4.789  13.944  3.592   1.00 45.61  ? 6   ASN   A N   1 
ATOM   46   C CA  . ASN   A 1 10  ? -5.606  12.951  4.258   1.00 49.58  ? 6   ASN   A CA  1 
ATOM   47   C C   . ASN   A 1 10  ? -6.494  12.352  3.201   1.00 48.32  ? 6   ASN   A C   1 
ATOM   48   O O   . ASN   A 1 10  ? -7.218  13.087  2.513   1.00 51.13  ? 6   ASN   A O   1 
ATOM   49   C CB  . ASN   A 1 10  ? -6.486  13.592  5.339   1.00 50.56  ? 6   ASN   A CB  1 
ATOM   50   C CG  . ASN   A 1 10  ? -5.616  14.183  6.419   1.00 55.74  ? 6   ASN   A CG  1 
ATOM   51   O OD1 . ASN   A 1 10  ? -4.919  13.462  7.119   1.00 57.05  ? 6   ASN   A OD1 1 
ATOM   52   N ND2 . ASN   A 1 10  ? -5.605  15.500  6.518   1.00 62.74  ? 6   ASN   A ND2 1 
ATOM   53   N N   . TRP   A 1 11  ? -6.387  11.029  3.049   1.00 44.96  ? 7   TRP   A N   1 
ATOM   54   C CA  . TRP   A 1 11  ? -7.007  10.379  1.905   1.00 46.10  ? 7   TRP   A CA  1 
ATOM   55   C C   . TRP   A 1 11  ? -7.994  9.345   2.437   1.00 49.19  ? 7   TRP   A C   1 
ATOM   56   O O   . TRP   A 1 11  ? -7.708  8.694   3.440   1.00 45.46  ? 7   TRP   A O   1 
ATOM   57   C CB  . TRP   A 1 11  ? -5.907  9.708   1.063   1.00 40.89  ? 7   TRP   A CB  1 
ATOM   58   C CG  . TRP   A 1 11  ? -4.902  10.657  0.466   1.00 47.33  ? 7   TRP   A CG  1 
ATOM   59   C CD1 . TRP   A 1 11  ? -3.682  11.032  0.971   1.00 50.03  ? 7   TRP   A CD1 1 
ATOM   60   C CD2 . TRP   A 1 11  ? -4.999  11.278  -0.827  1.00 43.27  ? 7   TRP   A CD2 1 
ATOM   61   N NE1 . TRP   A 1 11  ? -3.032  11.889  0.110   1.00 42.38  ? 7   TRP   A NE1 1 
ATOM   62   C CE2 . TRP   A 1 11  ? -3.816  12.035  -1.021  1.00 48.76  ? 7   TRP   A CE2 1 
ATOM   63   C CE3 . TRP   A 1 11  ? -5.976  11.256  -1.842  1.00 47.53  ? 7   TRP   A CE3 1 
ATOM   64   C CZ2 . TRP   A 1 11  ? -3.610  12.774  -2.193  1.00 45.65  ? 7   TRP   A CZ2 1 
ATOM   65   C CZ3 . TRP   A 1 11  ? -5.767  11.983  -3.007  1.00 47.82  ? 7   TRP   A CZ3 1 
ATOM   66   C CH2 . TRP   A 1 11  ? -4.599  12.732  -3.186  1.00 42.03  ? 7   TRP   A CH2 1 
ATOM   67   N N   . LYS   A 1 12  ? -9.096  9.131   1.709   1.00 43.97  ? 8   LYS   A N   1 
ATOM   68   C CA  . LYS   A 1 12  ? -10.103 8.168   2.112   1.00 46.53  ? 8   LYS   A CA  1 
ATOM   69   C C   . LYS   A 1 12  ? -10.412 7.287   0.906   1.00 45.43  ? 8   LYS   A C   1 
ATOM   70   O O   . LYS   A 1 12  ? -10.486 7.773   -0.216  1.00 46.13  ? 8   LYS   A O   1 
ATOM   71   C CB  . LYS   A 1 12  ? -11.336 8.907   2.648   1.00 50.94  ? 8   LYS   A CB  1 
ATOM   72   C CG  . LYS   A 1 12  ? -12.030 9.831   1.656   0.70 61.75  ? 8   LYS   A CG  1 
ATOM   73   C CD  . LYS   A 1 12  ? -13.215 10.592  2.251   0.70 66.00  ? 8   LYS   A CD  1 
ATOM   74   C CE  . LYS   A 1 12  ? -14.128 11.132  1.174   0.70 63.65  ? 8   LYS   A CE  1 
ATOM   75   N NZ  . LYS   A 1 12  ? -14.988 12.209  1.716   0.70 80.02  ? 8   LYS   A NZ  1 
ATOM   76   N N   . ILE   A 1 13  ? -10.541 5.977   1.134   1.00 39.83  ? 9   ILE   A N   1 
ATOM   77   C CA  . ILE   A 1 13  ? -10.663 5.032   0.035   1.00 44.89  ? 9   ILE   A CA  1 
ATOM   78   C C   . ILE   A 1 13  ? -12.037 5.194   -0.625  1.00 52.59  ? 9   ILE   A C   1 
ATOM   79   O O   . ILE   A 1 13  ? -13.009 5.401   0.082   1.00 45.58  ? 9   ILE   A O   1 
ATOM   80   C CB  . ILE   A 1 13  ? -10.421 3.587   0.523   1.00 45.59  ? 9   ILE   A CB  1 
ATOM   81   C CG1 . ILE   A 1 13  ? -10.244 2.630   -0.663  1.00 44.25  ? 9   ILE   A CG1 1 
ATOM   82   C CG2 . ILE   A 1 13  ? -11.470 3.103   1.529   1.00 43.19  ? 9   ILE   A CG2 1 
ATOM   83   C CD1 . ILE   A 1 13  ? -9.776  1.248   -0.275  1.00 43.48  ? 9   ILE   A CD1 1 
ATOM   84   N N   . ILE   A 1 14  ? -12.121 5.063   -1.959  1.00 47.42  ? 10  ILE   A N   1 
ATOM   85   C CA  . ILE   A 1 14  ? -13.412 5.105   -2.636  1.00 53.12  ? 10  ILE   A CA  1 
ATOM   86   C C   . ILE   A 1 14  ? -13.636 3.831   -3.436  1.00 59.46  ? 10  ILE   A C   1 
ATOM   87   O O   . ILE   A 1 14  ? -14.766 3.518   -3.715  1.00 51.60  ? 10  ILE   A O   1 
ATOM   88   C CB  . ILE   A 1 14  ? -13.644 6.357   -3.516  1.00 56.71  ? 10  ILE   A CB  1 
ATOM   89   C CG1 . ILE   A 1 14  ? -12.561 6.567   -4.581  1.00 52.68  ? 10  ILE   A CG1 1 
ATOM   90   C CG2 . ILE   A 1 14  ? -13.863 7.595   -2.667  1.00 48.22  ? 10  ILE   A CG2 1 
ATOM   91   C CD1 . ILE   A 1 14  ? -13.061 7.258   -5.841  1.00 60.61  ? 10  ILE   A CD1 1 
ATOM   92   N N   . ARG   A 1 15  ? -12.583 3.080   -3.780  1.00 52.67  ? 11  ARG   A N   1 
ATOM   93   C CA  . ARG   A 1 15  ? -12.758 1.856   -4.540  1.00 54.98  ? 11  ARG   A CA  1 
ATOM   94   C C   . ARG   A 1 15  ? -11.634 0.890   -4.207  1.00 55.19  ? 11  ARG   A C   1 
ATOM   95   O O   . ARG   A 1 15  ? -10.503 1.330   -4.001  1.00 47.53  ? 11  ARG   A O   1 
ATOM   96   C CB  . ARG   A 1 15  ? -12.504 2.152   -6.020  1.00 52.54  ? 11  ARG   A CB  1 
ATOM   97   C CG  . ARG   A 1 15  ? -13.738 2.441   -6.847  1.00 70.17  ? 11  ARG   A CG  1 
ATOM   98   C CD  . ARG   A 1 15  ? -13.520 1.742   -8.174  1.00 67.48  ? 11  ARG   A CD  1 
ATOM   99   N NE  . ARG   A 1 15  ? -12.407 2.203   -8.998  1.00 69.05  ? 11  ARG   A NE  1 
ATOM   100  C CZ  . ARG   A 1 15  ? -12.239 3.453   -9.435  1.00 71.29  ? 11  ARG   A CZ  1 
ATOM   101  N NH1 . ARG   A 1 15  ? -13.092 4.409   -9.095  1.00 64.76  ? 11  ARG   A NH1 1 
ATOM   102  N NH2 . ARG   A 1 15  ? -11.202 3.744   -10.202 1.00 72.71  ? 11  ARG   A NH2 1 
ATOM   103  N N   . SER   A 1 16  ? -11.926 -0.411  -4.271  1.00 53.90  ? 12  SER   A N   1 
ATOM   104  C CA  . SER   A 1 16  ? -10.966 -1.446  -3.951  1.00 52.09  ? 12  SER   A CA  1 
ATOM   105  C C   . SER   A 1 16  ? -11.250 -2.658  -4.826  1.00 57.50  ? 12  SER   A C   1 
ATOM   106  O O   . SER   A 1 16  ? -12.272 -3.307  -4.636  1.00 56.88  ? 12  SER   A O   1 
ATOM   107  C CB  . SER   A 1 16  ? -11.038 -1.797  -2.483  1.00 52.05  ? 12  SER   A CB  1 
ATOM   108  O OG  . SER   A 1 16  ? -10.068 -2.788  -2.149  1.00 50.18  ? 12  SER   A OG  1 
ATOM   109  N N   . GLU   A 1 17  ? -10.324 -2.949  -5.754  1.00 49.09  ? 13  GLU   A N   1 
ATOM   110  C CA  . GLU   A 1 17  ? -10.475 -3.966  -6.785  1.00 52.73  ? 13  GLU   A CA  1 
ATOM   111  C C   . GLU   A 1 17  ? -9.428  -5.072  -6.637  1.00 51.52  ? 13  GLU   A C   1 
ATOM   112  O O   . GLU   A 1 17  ? -8.248  -4.779  -6.489  1.00 54.62  ? 13  GLU   A O   1 
ATOM   113  C CB  . GLU   A 1 17  ? -10.394 -3.261  -8.129  1.00 57.05  ? 13  GLU   A CB  1 
ATOM   114  C CG  . GLU   A 1 17  ? -10.217 -4.193  -9.307  1.00 75.06  ? 13  GLU   A CG  1 
ATOM   115  C CD  . GLU   A 1 17  ? -9.928  -3.450  -10.610 1.00 98.48  ? 13  GLU   A CD  1 
ATOM   116  O OE1 . GLU   A 1 17  ? -9.051  -3.914  -11.392 1.00 84.08  ? 13  GLU   A OE1 1 
ATOM   117  O OE2 . GLU   A 1 17  ? -10.567 -2.388  -10.836 1.00 99.72  ? 13  GLU   A OE2 1 
ATOM   118  N N   . ASN   A 1 18  ? -9.868  -6.342  -6.648  1.00 45.00  ? 14  ASN   A N   1 
ATOM   119  C CA  . ASN   A 1 18  ? -9.026  -7.537  -6.576  1.00 44.66  ? 14  ASN   A CA  1 
ATOM   120  C C   . ASN   A 1 18  ? -8.374  -7.716  -5.205  1.00 50.72  ? 14  ASN   A C   1 
ATOM   121  O O   . ASN   A 1 18  ? -7.405  -8.477  -5.098  1.00 49.83  ? 14  ASN   A O   1 
ATOM   122  C CB  . ASN   A 1 18  ? -7.874  -7.576  -7.597  1.00 54.92  ? 14  ASN   A CB  1 
ATOM   123  C CG  . ASN   A 1 18  ? -8.334  -7.777  -9.029  1.00 75.48  ? 14  ASN   A CG  1 
ATOM   124  O OD1 . ASN   A 1 18  ? -9.457  -8.229  -9.256  1.00 74.00  ? 14  ASN   A OD1 1 
ATOM   125  N ND2 . ASN   A 1 18  ? -7.493  -7.415  -9.999  1.00 64.45  ? 14  ASN   A ND2 1 
ATOM   126  N N   . PHE   A 1 19  ? -8.903  -7.065  -4.156  1.00 47.42  ? 15  PHE   A N   1 
ATOM   127  C CA  . PHE   A 1 19  ? -8.287  -7.216  -2.844  1.00 43.60  ? 15  PHE   A CA  1 
ATOM   128  C C   . PHE   A 1 19  ? -8.357  -8.668  -2.369  1.00 47.26  ? 15  PHE   A C   1 
ATOM   129  O O   . PHE   A 1 19  ? -7.353  -9.247  -1.966  1.00 45.15  ? 15  PHE   A O   1 
ATOM   130  C CB  . PHE   A 1 19  ? -8.853  -6.206  -1.843  1.00 45.50  ? 15  PHE   A CB  1 
ATOM   131  C CG  . PHE   A 1 19  ? -8.116  -6.168  -0.523  1.00 49.85  ? 15  PHE   A CG  1 
ATOM   132  C CD1 . PHE   A 1 19  ? -6.730  -6.020  -0.473  1.00 50.08  ? 15  PHE   A CD1 1 
ATOM   133  C CD2 . PHE   A 1 19  ? -8.804  -6.227  0.686   1.00 61.46  ? 15  PHE   A CD2 1 
ATOM   134  C CE1 . PHE   A 1 19  ? -6.043  -5.984  0.739   1.00 52.94  ? 15  PHE   A CE1 1 
ATOM   135  C CE2 . PHE   A 1 19  ? -8.116  -6.189  1.900   1.00 59.05  ? 15  PHE   A CE2 1 
ATOM   136  C CZ  . PHE   A 1 19  ? -6.742  -6.056  1.927   1.00 55.35  ? 15  PHE   A CZ  1 
ATOM   137  N N   . GLU   A 1 20  ? -9.540  -9.302  -2.482  1.00 46.80  ? 16  GLU   A N   1 
ATOM   138  C CA  . GLU   A 1 20  ? -9.671  -10.678 -2.011  1.00 45.18  ? 16  GLU   A CA  1 
ATOM   139  C C   . GLU   A 1 20  ? -8.723  -11.613 -2.746  1.00 48.05  ? 16  GLU   A C   1 
ATOM   140  O O   . GLU   A 1 20  ? -8.185  -12.532 -2.142  1.00 46.36  ? 16  GLU   A O   1 
ATOM   141  C CB  . GLU   A 1 20  ? -11.102 -11.205 -2.163  1.00 50.82  ? 16  GLU   A CB  1 
ATOM   142  C CG  . GLU   A 1 20  ? -11.219 -12.651 -1.687  1.00 56.75  ? 16  GLU   A CG  1 
ATOM   143  C CD  . GLU   A 1 20  ? -12.606 -13.265 -1.489  1.00 66.30  ? 16  GLU   A CD  1 
ATOM   144  O OE1 . GLU   A 1 20  ? -13.618 -12.622 -1.861  1.00 57.74  ? 16  GLU   A OE1 1 
ATOM   145  O OE2 . GLU   A 1 20  ? -12.660 -14.420 -0.986  1.00 64.82  ? 16  GLU   A OE2 1 
ATOM   146  N N   . GLU   A 1 21  ? -8.607  -11.452 -4.074  1.00 48.50  ? 17  GLU   A N   1 
ATOM   147  C CA  . GLU   A 1 21  ? -7.762  -12.360 -4.853  1.00 52.61  ? 17  GLU   A CA  1 
ATOM   148  C C   . GLU   A 1 21  ? -6.307  -12.253 -4.364  1.00 49.05  ? 17  GLU   A C   1 
ATOM   149  O O   . GLU   A 1 21  ? -5.584  -13.244 -4.289  1.00 48.80  ? 17  GLU   A O   1 
ATOM   150  C CB  . GLU   A 1 21  ? -7.875  -12.006 -6.343  1.00 60.73  ? 17  GLU   A CB  1 
ATOM   151  C CG  . GLU   A 1 21  ? -9.252  -12.248 -6.973  1.00 66.97  ? 17  GLU   A CG  1 
ATOM   152  C CD  . GLU   A 1 21  ? -10.395 -11.240 -6.776  1.00 83.78  ? 17  GLU   A CD  1 
ATOM   153  O OE1 . GLU   A 1 21  ? -10.352 -10.402 -5.803  1.00 58.71  ? 17  GLU   A OE1 1 
ATOM   154  O OE2 . GLU   A 1 21  ? -11.367 -11.301 -7.590  1.00 76.17  ? 17  GLU   A OE2 1 
ATOM   155  N N   . LEU   A 1 22  ? -5.864  -11.025 -4.039  1.00 51.73  ? 18  LEU   A N   1 
ATOM   156  C CA  . LEU   A 1 22  ? -4.509  -10.780 -3.516  1.00 49.15  ? 18  LEU   A CA  1 
ATOM   157  C C   . LEU   A 1 22  ? -4.308  -11.528 -2.199  1.00 46.21  ? 18  LEU   A C   1 
ATOM   158  O O   . LEU   A 1 22  ? -3.319  -12.228 -1.992  1.00 46.11  ? 18  LEU   A O   1 
ATOM   159  C CB  . LEU   A 1 22  ? -4.300  -9.262  -3.341  1.00 44.15  ? 18  LEU   A CB  1 
ATOM   160  C CG  . LEU   A 1 22  ? -2.947  -8.845  -2.728  1.00 53.21  ? 18  LEU   A CG  1 
ATOM   161  C CD1 . LEU   A 1 22  ? -1.916  -8.665  -3.839  1.00 54.61  ? 18  LEU   A CD1 1 
ATOM   162  C CD2 . LEU   A 1 22  ? -3.067  -7.530  -1.954  1.00 51.17  ? 18  LEU   A CD2 1 
ATOM   163  N N   . LEU   A 1 23  ? -5.285  -11.420 -1.288  1.00 47.85  ? 19  LEU   A N   1 
ATOM   164  C CA  . LEU   A 1 23  ? -5.144  -12.117 -0.018  1.00 43.66  ? 19  LEU   A CA  1 
ATOM   165  C C   . LEU   A 1 23  ? -5.129  -13.610 -0.300  1.00 50.88  ? 19  LEU   A C   1 
ATOM   166  O O   . LEU   A 1 23  ? -4.469  -14.381 0.402   1.00 46.08  ? 19  LEU   A O   1 
ATOM   167  C CB  . LEU   A 1 23  ? -6.338  -11.795 0.894   1.00 48.40  ? 19  LEU   A CB  1 
ATOM   168  C CG  . LEU   A 1 23  ? -6.460  -10.322 1.287   1.00 57.25  ? 19  LEU   A CG  1 
ATOM   169  C CD1 . LEU   A 1 23  ? -7.699  -10.088 2.151   1.00 57.42  ? 19  LEU   A CD1 1 
ATOM   170  C CD2 . LEU   A 1 23  ? -5.219  -9.883  2.042   1.00 50.86  ? 19  LEU   A CD2 1 
ATOM   171  N N   . LYS   A 1 24  ? -5.920  -14.022 -1.299  1.00 46.95  ? 20  LYS   A N   1 
ATOM   172  C CA  . LYS   A 1 24  ? -5.974  -15.450 -1.561  1.00 54.30  ? 20  LYS   A CA  1 
ATOM   173  C C   . LYS   A 1 24  ? -4.573  -15.959 -1.907  1.00 56.12  ? 20  LYS   A C   1 
ATOM   174  O O   . LYS   A 1 24  ? -4.145  -16.990 -1.396  1.00 52.43  ? 20  LYS   A O   1 
ATOM   175  C CB  . LYS   A 1 24  ? -6.971  -15.765 -2.677  1.00 54.35  ? 20  LYS   A CB  1 
ATOM   176  C CG  . LYS   A 1 24  ? -7.226  -17.251 -2.853  1.00 50.30  ? 20  LYS   A CG  1 
ATOM   177  C CD  . LYS   A 1 24  ? -8.298  -17.498 -3.903  1.00 50.48  ? 20  LYS   A CD  1 
ATOM   178  C CE  . LYS   A 1 24  ? -8.683  -18.956 -3.980  1.00 57.33  ? 20  LYS   A CE  1 
ATOM   179  N NZ  . LYS   A 1 24  ? -9.766  -19.108 -4.984  1.00 60.43  ? 20  LYS   A NZ  1 
ATOM   180  N N   . VAL   A 1 25  ? -3.866  -15.220 -2.767  1.00 54.12  ? 21  VAL   A N   1 
ATOM   181  C CA  . VAL   A 1 25  ? -2.521  -15.575 -3.220  1.00 55.89  ? 21  VAL   A CA  1 
ATOM   182  C C   . VAL   A 1 25  ? -1.572  -15.633 -2.025  1.00 58.31  ? 21  VAL   A C   1 
ATOM   183  O O   . VAL   A 1 25  ? -0.650  -16.432 -1.980  1.00 62.93  ? 21  VAL   A O   1 
ATOM   184  C CB  . VAL   A 1 25  ? -2.034  -14.566 -4.281  1.00 60.19  ? 21  VAL   A CB  1 
ATOM   185  C CG1 . VAL   A 1 25  ? -0.524  -14.481 -4.336  1.00 65.17  ? 21  VAL   A CG1 1 
ATOM   186  C CG2 . VAL   A 1 25  ? -2.587  -14.924 -5.642  1.00 62.57  ? 21  VAL   A CG2 1 
ATOM   187  N N   . LEU   A 1 26  ? -1.839  -14.795 -1.025  1.00 59.90  ? 22  LEU   A N   1 
ATOM   188  C CA  . LEU   A 1 26  ? -1.005  -14.719 0.151   1.00 53.82  ? 22  LEU   A CA  1 
ATOM   189  C C   . LEU   A 1 26  ? -1.378  -15.775 1.198   1.00 57.62  ? 22  LEU   A C   1 
ATOM   190  O O   . LEU   A 1 26  ? -0.859  -15.749 2.296   1.00 61.08  ? 22  LEU   A O   1 
ATOM   191  C CB  . LEU   A 1 26  ? -1.076  -13.279 0.684   1.00 54.52  ? 22  LEU   A CB  1 
ATOM   192  C CG  . LEU   A 1 26  ? -0.464  -12.233 -0.259  1.00 61.54  ? 22  LEU   A CG  1 
ATOM   193  C CD1 . LEU   A 1 26  ? -0.733  -10.798 0.161   1.00 60.81  ? 22  LEU   A CD1 1 
ATOM   194  C CD2 . LEU   A 1 26  ? 1.028   -12.460 -0.436  1.00 70.00  ? 22  LEU   A CD2 1 
ATOM   195  N N   . GLY   A 1 27  ? -2.272  -16.719 0.889   1.00 61.20  ? 23  GLY   A N   1 
ATOM   196  C CA  . GLY   A 1 27  ? -2.535  -17.795 1.844   1.00 54.77  ? 23  GLY   A CA  1 
ATOM   197  C C   . GLY   A 1 27  ? -3.670  -17.544 2.858   1.00 50.71  ? 23  GLY   A C   1 
ATOM   198  O O   . GLY   A 1 27  ? -3.927  -18.407 3.679   1.00 55.57  ? 23  GLY   A O   1 
ATOM   199  N N   . VAL   A 1 28  ? -4.372  -16.395 2.815   1.00 49.25  ? 24  VAL   A N   1 
ATOM   200  C CA  . VAL   A 1 28  ? -5.389  -16.084 3.822   1.00 49.93  ? 24  VAL   A CA  1 
ATOM   201  C C   . VAL   A 1 28  ? -6.634  -16.901 3.508   1.00 48.02  ? 24  VAL   A C   1 
ATOM   202  O O   . VAL   A 1 28  ? -7.081  -16.889 2.342   1.00 49.16  ? 24  VAL   A O   1 
ATOM   203  C CB  . VAL   A 1 28  ? -5.794  -14.592 3.762   1.00 50.84  ? 24  VAL   A CB  1 
ATOM   204  C CG1 . VAL   A 1 28  ? -6.790  -14.221 4.842   1.00 53.79  ? 24  VAL   A CG1 1 
ATOM   205  C CG2 . VAL   A 1 28  ? -4.598  -13.655 3.788   1.00 50.52  ? 24  VAL   A CG2 1 
ATOM   206  N N   . ASN   A 1 29  ? -7.230  -17.512 4.551   1.00 49.74  ? 25  ASN   A N   1 
ATOM   207  C CA  A ASN   A 1 29  ? -8.396  -18.356 4.322   0.50 49.87  ? 25  ASN   A CA  1 
ATOM   208  C CA  B ASN   A 1 29  ? -8.437  -18.340 4.502   0.50 52.50  ? 25  ASN   A CA  1 
ATOM   209  C C   . ASN   A 1 29  ? -9.642  -17.471 4.148   1.00 51.17  ? 25  ASN   A C   1 
ATOM   210  O O   . ASN   A 1 29  ? -9.623  -16.266 4.416   1.00 51.85  ? 25  ASN   A O   1 
ATOM   211  C CB  A ASN   A 1 29  ? -8.458  -19.566 5.270   0.50 47.59  ? 25  ASN   A CB  1 
ATOM   212  C CB  B ASN   A 1 29  ? -8.708  -19.105 5.808   0.50 56.14  ? 25  ASN   A CB  1 
ATOM   213  C CG  A ASN   A 1 29  ? -7.365  -20.606 5.070   0.50 51.46  ? 25  ASN   A CG  1 
ATOM   214  C CG  B ASN   A 1 29  ? -9.131  -18.264 7.004   0.50 59.84  ? 25  ASN   A CG  1 
ATOM   215  O OD1 A ASN   A 1 29  ? -6.787  -20.734 3.991   0.50 53.83  ? 25  ASN   A OD1 1 
ATOM   216  O OD1 B ASN   A 1 29  ? -10.314 -18.060 7.280   0.50 48.54  ? 25  ASN   A OD1 1 
ATOM   217  N ND2 A ASN   A 1 29  ? -7.081  -21.376 6.108   0.50 41.61  ? 25  ASN   A ND2 1 
ATOM   218  N ND2 B ASN   A 1 29  ? -8.158  -17.842 7.791   0.50 68.45  ? 25  ASN   A ND2 1 
ATOM   219  N N   . VAL   A 1 30  ? -10.705 -18.085 3.611   1.00 48.02  ? 26  VAL   A N   1 
ATOM   220  C CA  . VAL   A 1 30  ? -11.828 -17.349 3.032   1.00 46.87  ? 26  VAL   A CA  1 
ATOM   221  C C   . VAL   A 1 30  ? -12.544 -16.482 4.071   1.00 51.34  ? 26  VAL   A C   1 
ATOM   222  O O   . VAL   A 1 30  ? -12.860 -15.352 3.740   1.00 50.59  ? 26  VAL   A O   1 
ATOM   223  C CB  . VAL   A 1 30  ? -12.826 -18.240 2.276   1.00 52.54  ? 26  VAL   A CB  1 
ATOM   224  C CG1 . VAL   A 1 30  ? -13.289 -19.387 3.160   1.00 49.80  ? 26  VAL   A CG1 1 
ATOM   225  C CG2 . VAL   A 1 30  ? -14.037 -17.400 1.817   1.00 46.58  ? 26  VAL   A CG2 1 
ATOM   226  N N   . MET   A 1 31  ? -12.814 -16.996 5.294   1.00 48.41  ? 27  MET   A N   1 
ATOM   227  C CA  . MET   A 1 31  ? -13.523 -16.207 6.302   1.00 52.85  ? 27  MET   A CA  1 
ATOM   228  C C   . MET   A 1 31  ? -12.724 -14.933 6.633   1.00 50.24  ? 27  MET   A C   1 
ATOM   229  O O   . MET   A 1 31  ? -13.264 -13.819 6.579   1.00 52.08  ? 27  MET   A O   1 
ATOM   230  C CB  . MET   A 1 31  ? -13.897 -17.060 7.534   1.00 53.28  ? 27  MET   A CB  1 
ATOM   231  C CG  . MET   A 1 31  ? -14.515 -16.343 8.775   1.00 65.92  ? 27  MET   A CG  1 
ATOM   232  S SD  . MET   A 1 31  ? -13.381 -15.363 9.901   1.00 98.59  ? 27  MET   A SD  1 
ATOM   233  C CE  . MET   A 1 31  ? -12.413 -16.581 10.809  1.00 68.89  ? 27  MET   A CE  1 
ATOM   234  N N   . LEU   A 1 32  ? -11.403 -15.058 6.844   1.00 48.04  ? 28  LEU   A N   1 
ATOM   235  C CA  . LEU   A 1 32  ? -10.565 -13.893 7.108   1.00 49.59  ? 28  LEU   A CA  1 
ATOM   236  C C   . LEU   A 1 32  ? -10.464 -12.961 5.904   1.00 51.60  ? 28  LEU   A C   1 
ATOM   237  O O   . LEU   A 1 32  ? -10.427 -11.731 6.057   1.00 47.35  ? 28  LEU   A O   1 
ATOM   238  C CB  . LEU   A 1 32  ? -9.179  -14.354 7.562   1.00 49.13  ? 28  LEU   A CB  1 
ATOM   239  C CG  . LEU   A 1 32  ? -9.138  -14.966 8.965   1.00 64.78  ? 28  LEU   A CG  1 
ATOM   240  C CD1 . LEU   A 1 32  ? -7.729  -15.449 9.293   1.00 69.65  ? 28  LEU   A CD1 1 
ATOM   241  C CD2 . LEU   A 1 32  ? -9.644  -13.983 10.018  1.00 54.77  ? 28  LEU   A CD2 1 
ATOM   242  N N   . ARG   A 1 33  ? -10.428 -13.516 4.684   1.00 45.07  ? 29  ARG   A N   1 
ATOM   243  C CA  . ARG   A 1 33  ? -10.459 -12.599 3.546   1.00 43.91  ? 29  ARG   A CA  1 
ATOM   244  C C   . ARG   A 1 33  ? -11.712 -11.740 3.554   1.00 43.09  ? 29  ARG   A C   1 
ATOM   245  O O   . ARG   A 1 33  ? -11.627 -10.562 3.198   1.00 45.68  ? 29  ARG   A O   1 
ATOM   246  C CB  . ARG   A 1 33  ? -10.415 -13.318 2.188   1.00 46.56  ? 29  ARG   A CB  1 
ATOM   247  C CG  . ARG   A 1 33  ? -9.217  -14.236 2.040   1.00 44.73  ? 29  ARG   A CG  1 
ATOM   248  C CD  . ARG   A 1 33  ? -9.014  -14.696 0.602   1.00 53.59  ? 29  ARG   A CD  1 
ATOM   249  N NE  . ARG   A 1 33  ? -10.093 -15.458 -0.051  1.00 52.15  ? 29  ARG   A NE  1 
ATOM   250  C CZ  . ARG   A 1 33  ? -10.148 -16.791 -0.170  1.00 48.17  ? 29  ARG   A CZ  1 
ATOM   251  N NH1 . ARG   A 1 33  ? -9.237  -17.564 0.402   1.00 48.32  ? 29  ARG   A NH1 1 
ATOM   252  N NH2 . ARG   A 1 33  ? -11.127 -17.347 -0.860  1.00 49.32  ? 29  ARG   A NH2 1 
ATOM   253  N N   . LYS   A 1 34  ? -12.882 -12.334 3.859   1.00 45.35  ? 30  LYS   A N   1 
ATOM   254  C CA  . LYS   A 1 34  ? -14.143 -11.578 3.739   1.00 46.10  ? 30  LYS   A CA  1 
ATOM   255  C C   . LYS   A 1 34  ? -14.179 -10.434 4.760   1.00 45.39  ? 30  LYS   A C   1 
ATOM   256  O O   . LYS   A 1 34  ? -14.671 -9.334  4.478   1.00 44.43  ? 30  LYS   A O   1 
ATOM   257  C CB  . LYS   A 1 34  ? -15.388 -12.482 3.861   1.00 45.79  ? 30  LYS   A CB  1 
ATOM   258  C CG  . LYS   A 1 34  ? -15.464 -13.565 2.771   1.00 43.84  ? 30  LYS   A CG  1 
ATOM   259  C CD  . LYS   A 1 34  ? -15.462 -13.026 1.311   1.00 42.80  ? 30  LYS   A CD  1 
ATOM   260  C CE  . LYS   A 1 34  ? -15.806 -14.114 0.298   1.00 41.80  ? 30  LYS   A CE  1 
ATOM   261  N NZ  . LYS   A 1 34  ? -15.916 -13.544 -1.068  1.00 43.73  ? 30  LYS   A NZ  1 
ATOM   262  N N   . ILE   A 1 35  ? -13.596 -10.702 5.930   1.00 50.71  ? 31  ILE   A N   1 
ATOM   263  C CA  . ILE   A 1 35  ? -13.508 -9.746  7.029   1.00 45.74  ? 31  ILE   A CA  1 
ATOM   264  C C   . ILE   A 1 35  ? -12.505 -8.643  6.671   1.00 45.91  ? 31  ILE   A C   1 
ATOM   265  O O   . ILE   A 1 35  ? -12.740 -7.472  6.975   1.00 43.45  ? 31  ILE   A O   1 
ATOM   266  C CB  . ILE   A 1 35  ? -13.162 -10.531 8.323   1.00 55.19  ? 31  ILE   A CB  1 
ATOM   267  C CG1 . ILE   A 1 35  ? -14.396 -11.197 8.947   1.00 52.05  ? 31  ILE   A CG1 1 
ATOM   268  C CG2 . ILE   A 1 35  ? -12.450 -9.683  9.353   1.00 67.72  ? 31  ILE   A CG2 1 
ATOM   269  C CD1 . ILE   A 1 35  ? -14.947 -12.344 8.155   1.00 74.15  ? 31  ILE   A CD1 1 
ATOM   270  N N   . ALA   A 1 36  ? -11.387 -9.028  6.039   1.00 44.69  ? 32  ALA   A N   1 
ATOM   271  C CA  . ALA   A 1 36  ? -10.403 -8.083  5.526   1.00 46.49  ? 32  ALA   A CA  1 
ATOM   272  C C   . ALA   A 1 36  ? -11.008 -7.176  4.451   1.00 50.02  ? 32  ALA   A C   1 
ATOM   273  O O   . ALA   A 1 36  ? -10.774 -5.962  4.453   1.00 48.50  ? 32  ALA   A O   1 
ATOM   274  C CB  . ALA   A 1 36  ? -9.189  -8.824  5.002   1.00 42.78  ? 32  ALA   A CB  1 
ATOM   275  N N   . VAL   A 1 37  ? -11.807 -7.748  3.531   1.00 45.12  ? 33  VAL   A N   1 
ATOM   276  C CA  . VAL   A 1 37  ? -12.421 -6.914  2.506   1.00 42.03  ? 33  VAL   A CA  1 
ATOM   277  C C   . VAL   A 1 37  ? -13.344 -5.907  3.179   1.00 48.30  ? 33  VAL   A C   1 
ATOM   278  O O   . VAL   A 1 37  ? -13.419 -4.744  2.759   1.00 43.20  ? 33  VAL   A O   1 
ATOM   279  C CB  . VAL   A 1 37  ? -13.178 -7.728  1.423   1.00 45.33  ? 33  VAL   A CB  1 
ATOM   280  C CG1 . VAL   A 1 37  ? -13.956 -6.779  0.512   1.00 44.81  ? 33  VAL   A CG1 1 
ATOM   281  C CG2 . VAL   A 1 37  ? -12.209 -8.533  0.567   1.00 44.41  ? 33  VAL   A CG2 1 
ATOM   282  N N   . ALA   A 1 38  ? -14.095 -6.368  4.195   1.00 44.33  ? 34  ALA   A N   1 
ATOM   283  C CA  . ALA   A 1 38  ? -15.037 -5.448  4.806   1.00 45.47  ? 34  ALA   A CA  1 
ATOM   284  C C   . ALA   A 1 38  ? -14.261 -4.333  5.522   1.00 46.31  ? 34  ALA   A C   1 
ATOM   285  O O   . ALA   A 1 38  ? -14.675 -3.179  5.495   1.00 48.59  ? 34  ALA   A O   1 
ATOM   286  C CB  . ALA   A 1 38  ? -15.985 -6.165  5.743   1.00 45.14  ? 34  ALA   A CB  1 
ATOM   287  N N   . ALA   A 1 39  ? -13.155 -4.673  6.182   1.00 47.42  ? 35  ALA   A N   1 
ATOM   288  C CA  . ALA   A 1 39  ? -12.358 -3.671  6.902   1.00 51.47  ? 35  ALA   A CA  1 
ATOM   289  C C   . ALA   A 1 39  ? -11.731 -2.669  5.924   1.00 51.84  ? 35  ALA   A C   1 
ATOM   290  O O   . ALA   A 1 39  ? -11.562 -1.503  6.262   1.00 45.93  ? 35  ALA   A O   1 
ATOM   291  C CB  . ALA   A 1 39  ? -11.268 -4.355  7.683   1.00 45.56  ? 35  ALA   A CB  1 
ATOM   292  N N   . ALA   A 1 40  ? -11.407 -3.135  4.709   1.00 50.22  ? 36  ALA   A N   1 
ATOM   293  C CA  . ALA   A 1 40  ? -10.702 -2.331  3.714   1.00 57.48  ? 36  ALA   A CA  1 
ATOM   294  C C   . ALA   A 1 40  ? -11.581 -1.192  3.245   1.00 51.59  ? 36  ALA   A C   1 
ATOM   295  O O   . ALA   A 1 40  ? -11.099 -0.226  2.681   1.00 53.82  ? 36  ALA   A O   1 
ATOM   296  C CB  . ALA   A 1 40  ? -10.249 -3.159  2.524   1.00 57.82  ? 36  ALA   A CB  1 
ATOM   297  N N   . SER   A 1 41  ? -12.878 -1.244  3.536   1.00 51.68  ? 37  SER   A N   1 
ATOM   298  C CA  . SER   A 1 41  ? -13.706 -0.164  3.042   1.00 48.46  ? 37  SER   A CA  1 
ATOM   299  C C   . SER   A 1 41  ? -13.634 1.050   3.964   1.00 49.26  ? 37  SER   A C   1 
ATOM   300  O O   . SER   A 1 41  ? -14.152 2.117   3.642   1.00 50.71  ? 37  SER   A O   1 
ATOM   301  C CB  . SER   A 1 41  ? -15.126 -0.646  2.819   1.00 73.15  ? 37  SER   A CB  1 
ATOM   302  O OG  . SER   A 1 41  ? -15.884 -0.515  4.002   1.00 71.69  ? 37  SER   A OG  1 
ATOM   303  N N   . LYS   A 1 42  ? -12.933 0.912   5.099   1.00 47.54  ? 38  LYS   A N   1 
ATOM   304  C CA  . LYS   A 1 42  ? -12.635 2.084   5.913   1.00 50.19  ? 38  LYS   A CA  1 
ATOM   305  C C   . LYS   A 1 42  ? -11.149 2.478   5.844   1.00 52.02  ? 38  LYS   A C   1 
ATOM   306  O O   . LYS   A 1 42  ? -10.669 3.201   6.710   1.00 47.12  ? 38  LYS   A O   1 
ATOM   307  C CB  . LYS   A 1 42  ? -13.043 1.821   7.373   1.00 53.53  ? 38  LYS   A CB  1 
ATOM   308  C CG  . LYS   A 1 42  ? -14.368 1.073   7.554   1.00 61.93  ? 38  LYS   A CG  1 
ATOM   309  C CD  . LYS   A 1 42  ? -15.572 1.974   7.353   1.00 67.44  ? 38  LYS   A CD  1 
ATOM   310  N N   . TYR   A 1 43  ? -10.369 1.980   4.876   1.00 45.12  ? 39  TYR   A N   1 
ATOM   311  C CA  . TYR   A 1 43  ? -8.975  2.446   4.831   1.00 47.07  ? 39  TYR   A CA  1 
ATOM   312  C C   . TYR   A 1 43  ? -8.892  3.966   4.751   1.00 49.67  ? 39  TYR   A C   1 
ATOM   313  O O   . TYR   A 1 43  ? -9.547  4.576   3.924   1.00 42.83  ? 39  TYR   A O   1 
ATOM   314  C CB  . TYR   A 1 43  ? -8.245  1.900   3.605   1.00 51.71  ? 39  TYR   A CB  1 
ATOM   315  C CG  . TYR   A 1 43  ? -7.612  0.569   3.867   1.00 49.12  ? 39  TYR   A CG  1 
ATOM   316  C CD1 . TYR   A 1 43  ? -6.783  0.371   4.956   1.00 54.55  ? 39  TYR   A CD1 1 
ATOM   317  C CD2 . TYR   A 1 43  ? -7.791  -0.479  2.992   1.00 58.72  ? 39  TYR   A CD2 1 
ATOM   318  C CE1 . TYR   A 1 43  ? -6.184  -0.857  5.202   1.00 57.22  ? 39  TYR   A CE1 1 
ATOM   319  C CE2 . TYR   A 1 43  ? -7.186  -1.703  3.209   1.00 55.49  ? 39  TYR   A CE2 1 
ATOM   320  C CZ  . TYR   A 1 43  ? -6.404  -1.901  4.324   1.00 60.99  ? 39  TYR   A CZ  1 
ATOM   321  O OH  . TYR   A 1 43  ? -5.855  -3.130  4.516   1.00 63.58  ? 39  TYR   A OH  1 
ATOM   322  N N   . ALA   A 1 44  ? -8.030  4.560   5.578   1.00 43.70  ? 40  ALA   A N   1 
ATOM   323  C CA  . ALA   A 1 44  ? -7.760  5.987   5.574   1.00 48.15  ? 40  ALA   A CA  1 
ATOM   324  C C   . ALA   A 1 44  ? -6.236  6.134   5.561   1.00 49.21  ? 40  ALA   A C   1 
ATOM   325  O O   . ALA   A 1 44  ? -5.530  5.353   6.192   1.00 50.59  ? 40  ALA   A O   1 
ATOM   326  C CB  . ALA   A 1 44  ? -8.416  6.681   6.776   1.00 45.19  ? 40  ALA   A CB  1 
ATOM   327  N N   . VAL   A 1 45  ? -5.712  7.080   4.771   1.00 45.94  ? 41  VAL   A N   1 
ATOM   328  C CA  . VAL   A 1 45  ? -4.269  7.198   4.624   1.00 43.77  ? 41  VAL   A CA  1 
ATOM   329  C C   . VAL   A 1 45  ? -3.909  8.655   4.909   1.00 51.60  ? 41  VAL   A C   1 
ATOM   330  O O   . VAL   A 1 45  ? -4.558  9.566   4.390   1.00 46.65  ? 41  VAL   A O   1 
ATOM   331  C CB  . VAL   A 1 45  ? -3.825  6.762   3.211   1.00 49.45  ? 41  VAL   A CB  1 
ATOM   332  C CG1 . VAL   A 1 45  ? -2.333  6.981   3.031   1.00 48.52  ? 41  VAL   A CG1 1 
ATOM   333  C CG2 . VAL   A 1 45  ? -4.157  5.282   2.954   1.00 41.69  ? 41  VAL   A CG2 1 
ATOM   334  N N   . GLU   A 1 46  ? -2.905  8.871   5.770   1.00 43.96  ? 42  GLU   A N   1 
ATOM   335  C CA  . GLU   A 1 46  ? -2.372  10.201  6.018   1.00 44.75  ? 42  GLU   A CA  1 
ATOM   336  C C   . GLU   A 1 46  ? -0.930  10.205  5.509   1.00 43.65  ? 42  GLU   A C   1 
ATOM   337  O O   . GLU   A 1 46  ? -0.170  9.302   5.825   1.00 42.87  ? 42  GLU   A O   1 
ATOM   338  C CB  . GLU   A 1 46  ? -2.500  10.592  7.504   1.00 44.59  ? 42  GLU   A CB  1 
ATOM   339  C CG  . GLU   A 1 46  ? -1.860  11.945  7.817   1.00 65.77  ? 42  GLU   A CG  1 
ATOM   340  C CD  . GLU   A 1 46  ? -1.489  12.323  9.261   1.00 73.27  ? 42  GLU   A CD  1 
ATOM   341  O OE1 . GLU   A 1 46  ? -1.644  11.494  10.176  1.00 71.10  ? 42  GLU   A OE1 1 
ATOM   342  O OE2 . GLU   A 1 46  ? -1.030  13.464  9.475   1.00 81.55  ? 42  GLU   A OE2 1 
ATOM   343  N N   . ILE   A 1 47  ? -0.591  11.186  4.675   1.00 41.79  ? 43  ILE   A N   1 
ATOM   344  C CA  . ILE   A 1 47  ? 0.743   11.265  4.091   1.00 42.95  ? 43  ILE   A CA  1 
ATOM   345  C C   . ILE   A 1 47  ? 1.295   12.639  4.405   1.00 39.71  ? 43  ILE   A C   1 
ATOM   346  O O   . ILE   A 1 47  ? 0.618   13.640  4.165   1.00 43.70  ? 43  ILE   A O   1 
ATOM   347  C CB  . ILE   A 1 47  ? 0.719   11.034  2.556   1.00 43.09  ? 43  ILE   A CB  1 
ATOM   348  C CG1 . ILE   A 1 47  ? 0.126   9.663   2.220   1.00 44.60  ? 43  ILE   A CG1 1 
ATOM   349  C CG2 . ILE   A 1 47  ? 2.119   11.194  1.950   1.00 42.89  ? 43  ILE   A CG2 1 
ATOM   350  C CD1 . ILE   A 1 47  ? 0.129   9.308   0.713   1.00 44.55  ? 43  ILE   A CD1 1 
ATOM   351  N N   . LYS   A 1 48  ? 2.563   12.666  4.834   1.00 46.97  ? 44  LYS   A N   1 
ATOM   352  C CA  . LYS   A 1 48  ? 3.337   13.896  4.838   1.00 49.06  ? 44  LYS   A CA  1 
ATOM   353  C C   . LYS   A 1 48  ? 4.556   13.710  3.939   1.00 47.24  ? 44  LYS   A C   1 
ATOM   354  O O   . LYS   A 1 48  ? 5.388   12.842  4.199   1.00 42.90  ? 44  LYS   A O   1 
ATOM   355  C CB  . LYS   A 1 48  ? 3.843   14.199  6.256   1.00 51.57  ? 44  LYS   A CB  1 
ATOM   356  C CG  . LYS   A 1 48  ? 2.758   14.555  7.264   1.00 65.81  ? 44  LYS   A CG  1 
ATOM   357  N N   . GLN   A 1 49  ? 4.664   14.536  2.890   1.00 46.55  ? 45  GLN   A N   1 
ATOM   358  C CA  . GLN   A 1 49  ? 5.820   14.436  2.018   1.00 46.24  ? 45  GLN   A CA  1 
ATOM   359  C C   . GLN   A 1 49  ? 6.618   15.747  2.023   1.00 49.44  ? 45  GLN   A C   1 
ATOM   360  O O   . GLN   A 1 49  ? 6.030   16.819  1.876   1.00 50.04  ? 45  GLN   A O   1 
ATOM   361  C CB  . GLN   A 1 49  ? 5.342   14.079  0.610   1.00 43.62  ? 45  GLN   A CB  1 
ATOM   362  C CG  . GLN   A 1 49  ? 6.471   14.178  -0.419  1.00 49.92  ? 45  GLN   A CG  1 
ATOM   363  C CD  . GLN   A 1 49  ? 5.958   14.166  -1.841  1.00 53.83  ? 45  GLN   A CD  1 
ATOM   364  O OE1 . GLN   A 1 49  ? 4.756   14.161  -2.108  1.00 46.56  ? 45  GLN   A OE1 1 
ATOM   365  N NE2 . GLN   A 1 49  ? 6.883   14.199  -2.769  1.00 46.96  ? 45  GLN   A NE2 1 
ATOM   366  N N   . GLU   A 1 50  ? 7.961   15.625  2.057   1.00 46.21  ? 46  GLU   A N   1 
ATOM   367  C CA  . GLU   A 1 50  ? 8.919   16.711  1.896   1.00 56.06  ? 46  GLU   A CA  1 
ATOM   368  C C   . GLU   A 1 50  ? 10.106  16.248  1.057   1.00 48.57  ? 46  GLU   A C   1 
ATOM   369  O O   . GLU   A 1 50  ? 10.872  15.377  1.481   1.00 49.13  ? 46  GLU   A O   1 
ATOM   370  C CB  . GLU   A 1 50  ? 9.440   17.163  3.261   1.00 56.66  ? 46  GLU   A CB  1 
ATOM   371  C CG  . GLU   A 1 50  ? 8.596   18.296  3.808   1.00 79.63  ? 46  GLU   A CG  1 
ATOM   372  C CD  . GLU   A 1 50  ? 9.153   18.994  5.038   1.00 100.95 ? 46  GLU   A CD  1 
ATOM   373  O OE1 . GLU   A 1 50  ? 9.189   18.346  6.127   1.00 82.91  ? 46  GLU   A OE1 1 
ATOM   374  O OE2 . GLU   A 1 50  ? 9.547   20.184  4.903   1.00 106.17 ? 46  GLU   A OE2 1 
ATOM   375  N N   . GLY   A 1 51  ? 10.203  16.782  -0.169  1.00 56.24  ? 47  GLY   A N   1 
ATOM   376  C CA  . GLY   A 1 51  ? 11.162  16.252  -1.139  1.00 54.43  ? 47  GLY   A CA  1 
ATOM   377  C C   . GLY   A 1 51  ? 10.957  14.752  -1.368  1.00 49.84  ? 47  GLY   A C   1 
ATOM   378  O O   . GLY   A 1 51  ? 9.870   14.342  -1.761  1.00 53.10  ? 47  GLY   A O   1 
ATOM   379  N N   . ASP   A 1 52  ? 11.944  13.907  -1.038  1.00 46.77  ? 48  ASP   A N   1 
ATOM   380  C CA  . ASP   A 1 52  ? 11.759  12.478  -1.259  1.00 47.51  ? 48  ASP   A CA  1 
ATOM   381  C C   . ASP   A 1 52  ? 11.679  11.717  0.071   1.00 44.84  ? 48  ASP   A C   1 
ATOM   382  O O   . ASP   A 1 52  ? 11.833  10.503  0.070   1.00 45.22  ? 48  ASP   A O   1 
ATOM   383  C CB  . ASP   A 1 52  ? 12.756  11.910  -2.275  1.00 58.10  ? 48  ASP   A CB  1 
ATOM   384  C CG  . ASP   A 1 52  ? 14.199  12.012  -1.831  1.00 71.58  ? 48  ASP   A CG  1 
ATOM   385  O OD1 . ASP   A 1 52  ? 14.399  12.432  -0.672  1.00 74.74  ? 48  ASP   A OD1 1 
ATOM   386  O OD2 . ASP   A 1 52  ? 15.122  11.677  -2.658  1.00 75.32  ? 48  ASP   A OD2 1 
ATOM   387  N N   . THR   A 1 53  ? 11.379  12.441  1.160   1.00 44.75  ? 49  THR   A N   1 
ATOM   388  C CA  . THR   A 1 53  ? 11.054  11.846  2.468   1.00 49.69  ? 49  THR   A CA  1 
ATOM   389  C C   . THR   A 1 53  ? 9.539   11.749  2.709   1.00 38.64  ? 49  THR   A C   1 
ATOM   390  O O   . THR   A 1 53  ? 8.823   12.759  2.675   1.00 44.48  ? 49  THR   A O   1 
ATOM   391  C CB  . THR   A 1 53  ? 11.683  12.664  3.617   1.00 54.44  ? 49  THR   A CB  1 
ATOM   392  O OG1 . THR   A 1 53  ? 13.100  12.558  3.461   1.00 58.70  ? 49  THR   A OG1 1 
ATOM   393  C CG2 . THR   A 1 53  ? 11.365  12.139  5.007   1.00 57.12  ? 49  THR   A CG2 1 
ATOM   394  N N   . PHE   A 1 54  ? 9.087   10.540  3.080   1.00 40.99  ? 50  PHE   A N   1 
ATOM   395  C CA  . PHE   A 1 54  ? 7.669   10.311  3.303   1.00 44.50  ? 50  PHE   A CA  1 
ATOM   396  C C   . PHE   A 1 54  ? 7.374   9.773   4.700   1.00 46.61  ? 50  PHE   A C   1 
ATOM   397  O O   . PHE   A 1 54  ? 8.028   8.835   5.172   1.00 44.42  ? 50  PHE   A O   1 
ATOM   398  C CB  . PHE   A 1 54  ? 7.139   9.270   2.317   1.00 38.19  ? 50  PHE   A CB  1 
ATOM   399  C CG  . PHE   A 1 54  ? 7.016   9.823   0.913   1.00 42.44  ? 50  PHE   A CG  1 
ATOM   400  C CD1 . PHE   A 1 54  ? 8.140   9.939   0.092   1.00 44.84  ? 50  PHE   A CD1 1 
ATOM   401  C CD2 . PHE   A 1 54  ? 5.775   10.198  0.411   1.00 41.17  ? 50  PHE   A CD2 1 
ATOM   402  C CE1 . PHE   A 1 54  ? 8.029   10.461  -1.197  1.00 44.10  ? 50  PHE   A CE1 1 
ATOM   403  C CE2 . PHE   A 1 54  ? 5.651   10.671  -0.891  1.00 45.99  ? 50  PHE   A CE2 1 
ATOM   404  C CZ  . PHE   A 1 54  ? 6.781   10.797  -1.692  1.00 46.94  ? 50  PHE   A CZ  1 
ATOM   405  N N   . TYR   A 1 55  ? 6.257   10.273  5.251   1.00 44.46  ? 51  TYR   A N   1 
ATOM   406  C CA  . TYR   A 1 55  ? 5.628   9.628   6.403   1.00 46.64  ? 51  TYR   A CA  1 
ATOM   407  C C   . TYR   A 1 55  ? 4.230   9.196   5.961   1.00 40.94  ? 51  TYR   A C   1 
ATOM   408  O O   . TYR   A 1 55  ? 3.500   9.991   5.369   1.00 43.15  ? 51  TYR   A O   1 
ATOM   409  C CB  . TYR   A 1 55  ? 5.587   10.600  7.598   1.00 48.31  ? 51  TYR   A CB  1 
ATOM   410  C CG  . TYR   A 1 55  ? 4.555   10.248  8.644   1.00 49.66  ? 51  TYR   A CG  1 
ATOM   411  C CD1 . TYR   A 1 55  ? 4.870   9.375   9.680   1.00 49.12  ? 51  TYR   A CD1 1 
ATOM   412  C CD2 . TYR   A 1 55  ? 3.276   10.802  8.621   1.00 57.58  ? 51  TYR   A CD2 1 
ATOM   413  C CE1 . TYR   A 1 55  ? 3.932   9.025   10.650  1.00 54.15  ? 51  TYR   A CE1 1 
ATOM   414  C CE2 . TYR   A 1 55  ? 2.324   10.476  9.591   1.00 55.03  ? 51  TYR   A CE2 1 
ATOM   415  C CZ  . TYR   A 1 55  ? 2.659   9.584   10.609  1.00 56.98  ? 51  TYR   A CZ  1 
ATOM   416  O OH  . TYR   A 1 55  ? 1.742   9.231   11.564  1.00 60.82  ? 51  TYR   A OH  1 
ATOM   417  N N   . ILE   A 1 56  ? 3.887   7.919   6.177   1.00 43.36  ? 52  ILE   A N   1 
ATOM   418  C CA  . ILE   A 1 56  ? 2.583   7.454   5.768   1.00 46.49  ? 52  ILE   A CA  1 
ATOM   419  C C   . ILE   A 1 56  ? 1.972   6.651   6.909   1.00 45.53  ? 52  ILE   A C   1 
ATOM   420  O O   . ILE   A 1 56  ? 2.552   5.668   7.379   1.00 43.87  ? 52  ILE   A O   1 
ATOM   421  C CB  . ILE   A 1 56  ? 2.671   6.610   4.478   1.00 43.31  ? 52  ILE   A CB  1 
ATOM   422  C CG1 . ILE   A 1 56  ? 3.325   7.393   3.323   1.00 40.99  ? 52  ILE   A CG1 1 
ATOM   423  C CG2 . ILE   A 1 56  ? 1.283   6.084   4.107   1.00 40.04  ? 52  ILE   A CG2 1 
ATOM   424  C CD1 . ILE   A 1 56  ? 3.565   6.515   2.085   1.00 50.94  ? 52  ILE   A CD1 1 
ATOM   425  N N   . LYS   A 1 57  ? 0.740   7.030   7.254   1.00 41.87  ? 53  LYS   A N   1 
ATOM   426  C CA  . LYS   A 1 57  ? -0.037  6.327   8.273   1.00 45.55  ? 53  LYS   A CA  1 
ATOM   427  C C   . LYS   A 1 57  ? -1.297  5.766   7.625   1.00 41.40  ? 53  LYS   A C   1 
ATOM   428  O O   . LYS   A 1 57  ? -2.106  6.517   7.085   1.00 44.29  ? 53  LYS   A O   1 
ATOM   429  C CB  . LYS   A 1 57  ? -0.454  7.319   9.370   1.00 41.47  ? 53  LYS   A CB  1 
ATOM   430  C CG  . LYS   A 1 57  ? -1.170  6.677   10.568  1.00 51.53  ? 53  LYS   A CG  1 
ATOM   431  C CD  . LYS   A 1 57  ? -1.532  7.684   11.644  1.00 54.90  ? 53  LYS   A CD  1 
ATOM   432  C CE  . LYS   A 1 57  ? -2.935  8.212   11.434  1.00 63.02  ? 53  LYS   A CE  1 
ATOM   433  N NZ  . LYS   A 1 57  ? -3.098  9.561   12.001  1.00 76.18  ? 53  LYS   A NZ  1 
ATOM   434  N N   . VAL   A 1 58  ? -1.442  4.445   7.648   1.00 42.11  ? 54  VAL   A N   1 
ATOM   435  C CA  . VAL   A 1 58  ? -2.597  3.767   7.094   1.00 43.25  ? 54  VAL   A CA  1 
ATOM   436  C C   . VAL   A 1 58  ? -3.436  3.235   8.259   1.00 45.55  ? 54  VAL   A C   1 
ATOM   437  O O   . VAL   A 1 58  ? -2.905  2.610   9.171   1.00 44.29  ? 54  VAL   A O   1 
ATOM   438  C CB  . VAL   A 1 58  ? -2.144  2.575   6.222   1.00 43.14  ? 54  VAL   A CB  1 
ATOM   439  C CG1 . VAL   A 1 58  ? -3.357  1.909   5.604   1.00 48.64  ? 54  VAL   A CG1 1 
ATOM   440  C CG2 . VAL   A 1 58  ? -1.176  2.976   5.100   1.00 43.58  ? 54  VAL   A CG2 1 
ATOM   441  N N   . SER   A 1 59  ? -4.738  3.514   8.269   1.00 43.04  ? 55  SER   A N   1 
ATOM   442  C CA  . SER   A 1 59  ? -5.534  3.022   9.381   1.00 48.11  ? 55  SER   A CA  1 
ATOM   443  C C   . SER   A 1 59  ? -6.883  2.504   8.898   1.00 48.44  ? 55  SER   A C   1 
ATOM   444  O O   . SER   A 1 59  ? -7.334  2.844   7.802   1.00 47.95  ? 55  SER   A O   1 
ATOM   445  C CB  . SER   A 1 59  ? -5.679  4.071   10.451  1.00 52.23  ? 55  SER   A CB  1 
ATOM   446  O OG  . SER   A 1 59  ? -6.223  5.233   9.890   1.00 59.41  ? 55  SER   A OG  1 
ATOM   447  N N   . THR   A 1 60  ? -7.429  1.565   9.674   1.00 41.76  ? 56  THR   A N   1 
ATOM   448  C CA  . THR   A 1 60  ? -8.800  1.098   9.548   1.00 40.55  ? 56  THR   A CA  1 
ATOM   449  C C   . THR   A 1 60  ? -9.508  1.389   10.868  1.00 47.88  ? 56  THR   A C   1 
ATOM   450  O O   . THR   A 1 60  ? -8.972  2.124   11.702  1.00 44.11  ? 56  THR   A O   1 
ATOM   451  C CB  . THR   A 1 60  ? -8.846  -0.391  9.165   1.00 50.63  ? 56  THR   A CB  1 
ATOM   452  O OG1 . THR   A 1 60  ? -8.118  -1.032  10.201  1.00 53.44  ? 56  THR   A OG1 1 
ATOM   453  C CG2 . THR   A 1 60  ? -8.110  -0.671  7.869   1.00 55.88  ? 56  THR   A CG2 1 
ATOM   454  N N   . THR   A 1 61  ? -10.689 0.787   11.051  1.00 44.91  ? 57  THR   A N   1 
ATOM   455  C CA  . THR   A 1 61  ? -11.471 0.924   12.276  1.00 41.41  ? 57  THR   A CA  1 
ATOM   456  C C   . THR   A 1 61  ? -10.624 0.563   13.516  1.00 41.49  ? 57  THR   A C   1 
ATOM   457  O O   . THR   A 1 61  ? -10.635 1.300   14.505  1.00 40.39  ? 57  THR   A O   1 
ATOM   458  C CB  . THR   A 1 61  ? -12.836 0.231   12.095  1.00 46.31  ? 57  THR   A CB  1 
ATOM   459  O OG1 . THR   A 1 61  ? -13.398 0.941   10.982  1.00 52.39  ? 57  THR   A OG1 1 
ATOM   460  C CG2 . THR   A 1 61  ? -13.760 0.417   13.290  1.00 51.04  ? 57  THR   A CG2 1 
ATOM   461  N N   . VAL   A 1 62  ? -9.936  -0.589  13.501  1.00 41.69  ? 58  VAL   A N   1 
ATOM   462  C CA  . VAL   A 1 62  ? -9.340  -1.075  14.741  1.00 40.62  ? 58  VAL   A CA  1 
ATOM   463  C C   . VAL   A 1 62  ? -7.805  -1.114  14.681  1.00 45.34  ? 58  VAL   A C   1 
ATOM   464  O O   . VAL   A 1 62  ? -7.183  -1.488  15.666  1.00 43.50  ? 58  VAL   A O   1 
ATOM   465  C CB  . VAL   A 1 62  ? -9.929  -2.437  15.167  1.00 43.26  ? 58  VAL   A CB  1 
ATOM   466  C CG1 . VAL   A 1 62  ? -11.465 -2.357  15.268  1.00 40.99  ? 58  VAL   A CG1 1 
ATOM   467  C CG2 . VAL   A 1 62  ? -9.503  -3.534  14.185  1.00 45.86  ? 58  VAL   A CG2 1 
ATOM   468  N N   . TYR   A 1 63  ? -7.169  -0.735  13.556  1.00 43.05  ? 59  TYR   A N   1 
ATOM   469  C CA  . TYR   A 1 63  ? -5.722  -0.936  13.421  1.00 40.03  ? 59  TYR   A CA  1 
ATOM   470  C C   . TYR   A 1 63  ? -5.078  0.256   12.734  1.00 46.81  ? 59  TYR   A C   1 
ATOM   471  O O   . TYR   A 1 63  ? -5.724  0.945   11.949  1.00 46.69  ? 59  TYR   A O   1 
ATOM   472  C CB  . TYR   A 1 63  ? -5.442  -2.167  12.545  1.00 42.28  ? 59  TYR   A CB  1 
ATOM   473  C CG  . TYR   A 1 63  ? -4.128  -2.821  12.871  1.00 47.72  ? 59  TYR   A CG  1 
ATOM   474  C CD1 . TYR   A 1 63  ? -4.047  -3.673  13.955  1.00 48.14  ? 59  TYR   A CD1 1 
ATOM   475  C CD2 . TYR   A 1 63  ? -2.971  -2.575  12.128  1.00 53.91  ? 59  TYR   A CD2 1 
ATOM   476  C CE1 . TYR   A 1 63  ? -2.859  -4.275  14.328  1.00 50.23  ? 59  TYR   A CE1 1 
ATOM   477  C CE2 . TYR   A 1 63  ? -1.767  -3.176  12.479  1.00 52.12  ? 59  TYR   A CE2 1 
ATOM   478  C CZ  . TYR   A 1 63  ? -1.715  -4.013  13.589  1.00 55.04  ? 59  TYR   A CZ  1 
ATOM   479  O OH  . TYR   A 1 63  ? -0.577  -4.637  14.000  1.00 61.95  ? 59  TYR   A OH  1 
ATOM   480  N N   . THR   A 1 64  ? -3.814  0.529   13.065  1.00 41.43  ? 60  THR   A N   1 
ATOM   481  C CA  . THR   A 1 64  ? -3.126  1.662   12.472  1.00 40.20  ? 60  THR   A CA  1 
ATOM   482  C C   . THR   A 1 64  ? -1.654  1.292   12.373  1.00 48.29  ? 60  THR   A C   1 
ATOM   483  O O   . THR   A 1 64  ? -1.146  0.564   13.250  1.00 43.51  ? 60  THR   A O   1 
ATOM   484  C CB  . THR   A 1 64  ? -3.465  2.950   13.228  1.00 43.53  ? 60  THR   A CB  1 
ATOM   485  O OG1 . THR   A 1 64  ? -2.848  4.058   12.581  1.00 45.22  ? 60  THR   A OG1 1 
ATOM   486  C CG2 . THR   A 1 64  ? -2.959  2.958   14.659  1.00 52.62  ? 60  THR   A CG2 1 
ATOM   487  N N   . THR   A 1 65  ? -1.016  1.750   11.281  1.00 41.39  ? 61  THR   A N   1 
ATOM   488  C CA  . THR   A 1 65  ? 0.383   1.486   10.947  1.00 50.75  ? 61  THR   A CA  1 
ATOM   489  C C   . THR   A 1 65  ? 1.019   2.766   10.402  1.00 48.48  ? 61  THR   A C   1 
ATOM   490  O O   . THR   A 1 65  ? 0.367   3.531   9.693   1.00 46.39  ? 61  THR   A O   1 
ATOM   491  C CB  . THR   A 1 65  ? 0.478   0.442   9.817   1.00 53.31  ? 61  THR   A CB  1 
ATOM   492  O OG1 . THR   A 1 65  ? -0.090  -0.767  10.296  1.00 63.04  ? 61  THR   A OG1 1 
ATOM   493  C CG2 . THR   A 1 65  ? 1.884   0.125   9.346   1.00 63.93  ? 61  THR   A CG2 1 
ATOM   494  N N   . GLU   A 1 66  ? 2.311   2.992   10.706  1.00 47.29  ? 62  GLU   A N   1 
ATOM   495  C CA  . GLU   A 1 66  ? 3.026   4.159   10.212  1.00 51.52  ? 62  GLU   A CA  1 
ATOM   496  C C   . GLU   A 1 66  ? 4.282   3.674   9.509   1.00 56.40  ? 62  GLU   A C   1 
ATOM   497  O O   . GLU   A 1 66  ? 4.911   2.736   9.969   1.00 46.95  ? 62  GLU   A O   1 
ATOM   498  C CB  . GLU   A 1 66  ? 3.513   5.014   11.364  1.00 49.77  ? 62  GLU   A CB  1 
ATOM   499  C CG  . GLU   A 1 66  ? 2.405   5.859   11.952  1.00 58.03  ? 62  GLU   A CG  1 
ATOM   500  C CD  . GLU   A 1 66  ? 2.848   6.537   13.235  1.00 62.45  ? 62  GLU   A CD  1 
ATOM   501  O OE1 . GLU   A 1 66  ? 3.613   5.890   13.981  1.00 67.82  ? 62  GLU   A OE1 1 
ATOM   502  O OE2 . GLU   A 1 66  ? 2.467   7.707   13.459  1.00 55.44  ? 62  GLU   A OE2 1 
ATOM   503  N N   . ILE   A 1 67  ? 4.621   4.276   8.374   1.00 52.97  ? 63  ILE   A N   1 
ATOM   504  C CA  . ILE   A 1 67  ? 5.931   3.979   7.819   1.00 51.26  ? 63  ILE   A CA  1 
ATOM   505  C C   . ILE   A 1 67  ? 6.625   5.295   7.515   1.00 50.01  ? 63  ILE   A C   1 
ATOM   506  O O   . ILE   A 1 67  ? 6.001   6.349   7.323   1.00 47.38  ? 63  ILE   A O   1 
ATOM   507  C CB  . ILE   A 1 67  ? 5.880   3.053   6.590   1.00 59.72  ? 63  ILE   A CB  1 
ATOM   508  C CG1 . ILE   A 1 67  ? 5.179   3.716   5.408   1.00 54.28  ? 63  ILE   A CG1 1 
ATOM   509  C CG2 . ILE   A 1 67  ? 5.272   1.693   6.897   1.00 59.58  ? 63  ILE   A CG2 1 
ATOM   510  C CD1 . ILE   A 1 67  ? 5.265   2.875   4.155   1.00 59.34  ? 63  ILE   A CD1 1 
ATOM   511  N N   . ASN   A 1 68  ? 7.952   5.208   7.505   1.00 45.21  ? 64  ASN   A N   1 
ATOM   512  C CA  . ASN   A 1 68  ? 8.812   6.347   7.249   1.00 47.74  ? 64  ASN   A CA  1 
ATOM   513  C C   . ASN   A 1 68  ? 9.850   5.844   6.249   1.00 48.62  ? 64  ASN   A C   1 
ATOM   514  O O   . ASN   A 1 68  ? 10.383  4.764   6.443   1.00 45.93  ? 64  ASN   A O   1 
ATOM   515  C CB  . ASN   A 1 68  ? 9.473   6.881   8.531   1.00 51.26  ? 64  ASN   A CB  1 
ATOM   516  C CG  . ASN   A 1 68  ? 8.483   7.580   9.441   1.00 56.11  ? 64  ASN   A CG  1 
ATOM   517  O OD1 . ASN   A 1 68  ? 8.248   8.789   9.332   1.00 52.18  ? 64  ASN   A OD1 1 
ATOM   518  N ND2 . ASN   A 1 68  ? 7.817   6.804   10.276  1.00 53.88  ? 64  ASN   A ND2 1 
ATOM   519  N N   . PHE   A 1 69  ? 10.044  6.564   5.142   1.00 48.24  ? 65  PHE   A N   1 
ATOM   520  C CA  . PHE   A 1 69  ? 11.071  6.130   4.212   1.00 44.12  ? 65  PHE   A CA  1 
ATOM   521  C C   . PHE   A 1 69  ? 11.565  7.318   3.403   1.00 41.45  ? 65  PHE   A C   1 
ATOM   522  O O   . PHE   A 1 69  ? 10.954  8.380   3.399   1.00 43.77  ? 65  PHE   A O   1 
ATOM   523  C CB  . PHE   A 1 69  ? 10.584  5.022   3.286   1.00 45.78  ? 65  PHE   A CB  1 
ATOM   524  C CG  . PHE   A 1 69  ? 9.478   5.439   2.339   1.00 52.90  ? 65  PHE   A CG  1 
ATOM   525  C CD1 . PHE   A 1 69  ? 9.774   6.068   1.130   1.00 46.30  ? 65  PHE   A CD1 1 
ATOM   526  C CD2 . PHE   A 1 69  ? 8.140   5.188   2.656   1.00 46.57  ? 65  PHE   A CD2 1 
ATOM   527  C CE1 . PHE   A 1 69  ? 8.752   6.433   0.263   1.00 46.82  ? 65  PHE   A CE1 1 
ATOM   528  C CE2 . PHE   A 1 69  ? 7.120   5.544   1.777   1.00 50.62  ? 65  PHE   A CE2 1 
ATOM   529  C CZ  . PHE   A 1 69  ? 7.434   6.181   0.582   1.00 48.39  ? 65  PHE   A CZ  1 
ATOM   530  N N   . LYS   A 1 70  ? 12.710  7.113   2.758   1.00 43.17  ? 66  LYS   A N   1 
ATOM   531  C CA  . LYS   A 1 70  ? 13.239  8.097   1.815   1.00 48.48  ? 66  LYS   A CA  1 
ATOM   532  C C   . LYS   A 1 70  ? 13.473  7.320   0.521   1.00 39.69  ? 66  LYS   A C   1 
ATOM   533  O O   . LYS   A 1 70  ? 13.880  6.140   0.537   1.00 40.88  ? 66  LYS   A O   1 
ATOM   534  C CB  . LYS   A 1 70  ? 14.494  8.746   2.419   1.00 48.79  ? 66  LYS   A CB  1 
ATOM   535  C CG  . LYS   A 1 70  ? 15.383  9.621   1.539   1.00 59.46  ? 66  LYS   A CG  1 
ATOM   536  C CD  . LYS   A 1 70  ? 16.708  9.914   2.270   1.00 74.33  ? 66  LYS   A CD  1 
ATOM   537  C CE  . LYS   A 1 70  ? 17.577  11.037  1.727   1.00 76.22  ? 66  LYS   A CE  1 
ATOM   538  N NZ  . LYS   A 1 70  ? 17.008  11.649  0.504   1.00 77.44  ? 66  LYS   A NZ  1 
ATOM   539  N N   . VAL   A 1 71  ? 13.019  7.936   -0.576  1.00 45.35  ? 67  VAL   A N   1 
ATOM   540  C CA  . VAL   A 1 71  ? 13.127  7.240   -1.853  1.00 42.86  ? 67  VAL   A CA  1 
ATOM   541  C C   . VAL   A 1 71  ? 14.609  6.910   -2.028  1.00 45.30  ? 67  VAL   A C   1 
ATOM   542  O O   . VAL   A 1 71  ? 15.457  7.759   -1.782  1.00 45.32  ? 67  VAL   A O   1 
ATOM   543  C CB  . VAL   A 1 71  ? 12.634  8.157   -2.990  1.00 49.97  ? 67  VAL   A CB  1 
ATOM   544  C CG1 . VAL   A 1 71  ? 12.927  7.517   -4.344  1.00 47.69  ? 67  VAL   A CG1 1 
ATOM   545  C CG2 . VAL   A 1 71  ? 11.138  8.476   -2.803  1.00 41.70  ? 67  VAL   A CG2 1 
ATOM   546  N N   . GLY   A 1 72  ? 14.909  5.687   -2.434  1.00 40.04  ? 68  GLY   A N   1 
ATOM   547  C CA  . GLY   A 1 72  ? 16.304  5.407   -2.725  1.00 44.82  ? 68  GLY   A CA  1 
ATOM   548  C C   . GLY   A 1 72  ? 16.988  4.709   -1.555  1.00 51.31  ? 68  GLY   A C   1 
ATOM   549  O O   . GLY   A 1 72  ? 18.048  4.137   -1.750  1.00 50.25  ? 68  GLY   A O   1 
ATOM   550  N N   . GLU   A 1 73  ? 16.348  4.694   -0.366  1.00 50.36  ? 69  GLU   A N   1 
ATOM   551  C CA  . GLU   A 1 73  ? 16.929  4.025   0.804   1.00 48.21  ? 69  GLU   A CA  1 
ATOM   552  C C   . GLU   A 1 73  ? 16.067  2.878   1.346   1.00 51.27  ? 69  GLU   A C   1 
ATOM   553  O O   . GLU   A 1 73  ? 14.887  3.040   1.651   1.00 48.13  ? 69  GLU   A O   1 
ATOM   554  C CB  . GLU   A 1 73  ? 17.126  5.040   1.932   1.00 49.82  ? 69  GLU   A CB  1 
ATOM   555  C CG  . GLU   A 1 73  ? 17.830  6.309   1.490   1.00 56.41  ? 69  GLU   A CG  1 
ATOM   556  C CD  . GLU   A 1 73  ? 18.456  7.088   2.643   1.00 77.07  ? 69  GLU   A CD  1 
ATOM   557  O OE1 . GLU   A 1 73  ? 18.068  6.841   3.831   1.00 68.47  ? 69  GLU   A OE1 1 
ATOM   558  O OE2 . GLU   A 1 73  ? 19.340  7.940   2.361   1.00 68.97  ? 69  GLU   A OE2 1 
ATOM   559  N N   . GLU   A 1 74  ? 16.713  1.740   1.594   1.00 47.30  ? 70  GLU   A N   1 
ATOM   560  C CA  . GLU   A 1 74  ? 16.086  0.544   2.111   1.00 56.56  ? 70  GLU   A CA  1 
ATOM   561  C C   . GLU   A 1 74  ? 15.502  0.837   3.493   1.00 50.08  ? 70  GLU   A C   1 
ATOM   562  O O   . GLU   A 1 74  ? 16.055  1.621   4.240   1.00 53.04  ? 70  GLU   A O   1 
ATOM   563  C CB  . GLU   A 1 74  ? 17.120  -0.581  2.078   1.00 61.02  ? 70  GLU   A CB  1 
ATOM   564  C CG  . GLU   A 1 74  ? 16.556  -1.939  2.419   1.00 76.61  ? 70  GLU   A CG  1 
ATOM   565  C CD  . GLU   A 1 74  ? 17.341  -3.101  1.823   1.00 95.05  ? 70  GLU   A CD  1 
ATOM   566  O OE1 . GLU   A 1 74  ? 18.042  -2.883  0.808   1.00 92.96  ? 70  GLU   A OE1 1 
ATOM   567  O OE2 . GLU   A 1 74  ? 17.246  -4.228  2.365   1.00 106.91 ? 70  GLU   A OE2 1 
ATOM   568  N N   . PHE   A 1 75  ? 14.300  0.303   3.755   1.00 54.92  ? 71  PHE   A N   1 
ATOM   569  C CA  . PHE   A 1 75  ? 13.654  0.401   5.055   1.00 55.18  ? 71  PHE   A CA  1 
ATOM   570  C C   . PHE   A 1 75  ? 12.974  -0.942  5.282   1.00 55.13  ? 71  PHE   A C   1 
ATOM   571  O O   . PHE   A 1 75  ? 13.002  -1.789  4.386   1.00 54.01  ? 71  PHE   A O   1 
ATOM   572  C CB  . PHE   A 1 75  ? 12.700  1.604   5.125   1.00 53.05  ? 71  PHE   A CB  1 
ATOM   573  C CG  . PHE   A 1 75  ? 11.513  1.540   4.186   1.00 52.01  ? 71  PHE   A CG  1 
ATOM   574  C CD1 . PHE   A 1 75  ? 11.654  1.796   2.810   1.00 49.00  ? 71  PHE   A CD1 1 
ATOM   575  C CD2 . PHE   A 1 75  ? 10.248  1.223   4.669   1.00 53.86  ? 71  PHE   A CD2 1 
ATOM   576  C CE1 . PHE   A 1 75  ? 10.566  1.714   1.943   1.00 48.17  ? 71  PHE   A CE1 1 
ATOM   577  C CE2 . PHE   A 1 75  ? 9.146   1.187   3.817   1.00 45.28  ? 71  PHE   A CE2 1 
ATOM   578  C CZ  . PHE   A 1 75  ? 9.313   1.416   2.455   1.00 52.11  ? 71  PHE   A CZ  1 
ATOM   579  N N   . GLU   A 1 76  ? 12.434  -1.164  6.488   1.00 63.83  ? 72  GLU   A N   1 
ATOM   580  C CA  . GLU   A 1 76  ? 11.719  -2.404  6.795   1.00 64.23  ? 72  GLU   A CA  1 
ATOM   581  C C   . GLU   A 1 76  ? 10.256  -2.091  7.071   1.00 60.78  ? 72  GLU   A C   1 
ATOM   582  O O   . GLU   A 1 76  ? 9.952   -1.090  7.709   1.00 59.89  ? 72  GLU   A O   1 
ATOM   583  C CB  . GLU   A 1 76  ? 12.285  -3.131  8.009   1.00 65.58  ? 72  GLU   A CB  1 
ATOM   584  C CG  . GLU   A 1 76  ? 13.692  -3.632  7.769   1.00 86.65  ? 72  GLU   A CG  1 
ATOM   585  C CD  . GLU   A 1 76  ? 14.161  -4.695  8.751   1.00 100.11 ? 72  GLU   A CD  1 
ATOM   586  O OE1 . GLU   A 1 76  ? 13.416  -4.991  9.729   1.00 86.09  ? 72  GLU   A OE1 1 
ATOM   587  O OE2 . GLU   A 1 76  ? 15.269  -5.229  8.532   1.00 100.94 ? 72  GLU   A OE2 1 
ATOM   588  N N   . GLU   A 1 77  ? 9.378   -2.940  6.532   1.00 58.66  ? 73  GLU   A N   1 
ATOM   589  C CA  . GLU   A 1 77  ? 7.941   -2.844  6.728   1.00 64.77  ? 73  GLU   A CA  1 
ATOM   590  C C   . GLU   A 1 77  ? 7.370   -4.263  6.702   1.00 55.69  ? 73  GLU   A C   1 
ATOM   591  O O   . GLU   A 1 77  ? 8.110   -5.232  6.862   1.00 60.06  ? 73  GLU   A O   1 
ATOM   592  C CB  . GLU   A 1 77  ? 7.331   -1.871  5.699   1.00 62.81  ? 73  GLU   A CB  1 
ATOM   593  C CG  . GLU   A 1 77  ? 7.451   -2.296  4.233   1.00 57.36  ? 73  GLU   A CG  1 
ATOM   594  C CD  . GLU   A 1 77  ? 6.693   -1.450  3.190   1.00 69.44  ? 73  GLU   A CD  1 
ATOM   595  O OE1 . GLU   A 1 77  ? 5.820   -0.640  3.578   1.00 75.38  ? 73  GLU   A OE1 1 
ATOM   596  O OE2 . GLU   A 1 77  ? 6.957   -1.607  1.971   1.00 56.26  ? 73  GLU   A OE2 1 
ATOM   597  N N   . GLN   A 1 78  ? 6.066   -4.408  6.438   1.00 56.24  ? 74  GLN   A N   1 
ATOM   598  C CA  . GLN   A 1 78  ? 5.557   -5.755  6.233   1.00 59.72  ? 74  GLN   A CA  1 
ATOM   599  C C   . GLN   A 1 78  ? 4.735   -5.849  4.957   1.00 59.68  ? 74  GLN   A C   1 
ATOM   600  O O   . GLN   A 1 78  ? 4.155   -4.864  4.495   1.00 66.58  ? 74  GLN   A O   1 
ATOM   601  C CB  . GLN   A 1 78  ? 4.763   -6.242  7.455   1.00 67.13  ? 74  GLN   A CB  1 
ATOM   602  C CG  . GLN   A 1 78  ? 3.644   -5.284  7.846   1.00 91.36  ? 74  GLN   A CG  1 
ATOM   603  C CD  . GLN   A 1 78  ? 3.540   -5.049  9.334   1.00 101.94 ? 74  GLN   A CD  1 
ATOM   604  O OE1 . GLN   A 1 78  ? 3.875   -5.916  10.147  1.00 88.23  ? 74  GLN   A OE1 1 
ATOM   605  N NE2 . GLN   A 1 78  ? 3.052   -3.868  9.694   1.00 94.99  ? 74  GLN   A NE2 1 
ATOM   606  N N   . THR   A 1 79  ? 4.679   -7.080  4.435   1.00 56.69  ? 75  THR   A N   1 
ATOM   607  C CA  . THR   A 1 79  ? 3.751   -7.453  3.388   1.00 60.63  ? 75  THR   A CA  1 
ATOM   608  C C   . THR   A 1 79  ? 2.327   -7.252  3.891   1.00 66.21  ? 75  THR   A C   1 
ATOM   609  O O   . THR   A 1 79  ? 2.092   -7.092  5.103   1.00 59.50  ? 75  THR   A O   1 
ATOM   610  C CB  . THR   A 1 79  ? 3.942   -8.924  3.013   1.00 66.74  ? 75  THR   A CB  1 
ATOM   611  O OG1 . THR   A 1 79  ? 3.502   -9.726  4.121   1.00 59.87  ? 75  THR   A OG1 1 
ATOM   612  C CG2 . THR   A 1 79  ? 5.381   -9.231  2.643   1.00 66.46  ? 75  THR   A CG2 1 
ATOM   613  N N   . VAL   A 1 80  ? 1.389   -7.332  2.943   1.00 59.23  ? 76  VAL   A N   1 
ATOM   614  C CA  . VAL   A 1 80  ? -0.026  -7.122  3.216   1.00 67.46  ? 76  VAL   A CA  1 
ATOM   615  C C   . VAL   A 1 80  ? -0.540  -8.138  4.252   1.00 76.81  ? 76  VAL   A C   1 
ATOM   616  O O   . VAL   A 1 80  ? -1.408  -7.825  5.066   1.00 69.27  ? 76  VAL   A O   1 
ATOM   617  C CB  . VAL   A 1 80  ? -0.830  -7.185  1.902   1.00 66.40  ? 76  VAL   A CB  1 
ATOM   618  C CG1 . VAL   A 1 80  ? -2.323  -7.218  2.170   1.00 60.05  ? 76  VAL   A CG1 1 
ATOM   619  C CG2 . VAL   A 1 80  ? -0.478  -6.034  0.975   1.00 62.99  ? 76  VAL   A CG2 1 
ATOM   620  N N   . ASP   A 1 81  ? -0.006  -9.368  4.215   1.00 75.90  ? 77  ASP   A N   1 
ATOM   621  C CA  . ASP   A 1 81  ? -0.403  -10.426 5.135   1.00 76.61  ? 77  ASP   A CA  1 
ATOM   622  C C   . ASP   A 1 81  ? 0.474   -10.418 6.398   1.00 76.49  ? 77  ASP   A C   1 
ATOM   623  O O   . ASP   A 1 81  ? 0.404   -11.348 7.203   1.00 77.02  ? 77  ASP   A O   1 
ATOM   624  C CB  . ASP   A 1 81  ? -0.438  -11.794 4.434   1.00 74.96  ? 77  ASP   A CB  1 
ATOM   625  C CG  . ASP   A 1 81  ? 0.937   -12.373 4.132   1.00 81.72  ? 77  ASP   A CG  1 
ATOM   626  O OD1 . ASP   A 1 81  ? 1.748   -11.668 3.468   1.00 81.62  ? 77  ASP   A OD1 1 
ATOM   627  O OD2 . ASP   A 1 81  ? 1.196   -13.520 4.564   1.00 89.18  ? 77  ASP   A OD2 1 
ATOM   628  N N   . GLY   A 1 82  ? 1.320   -9.389  6.559   1.00 61.11  ? 78  GLY   A N   1 
ATOM   629  C CA  . GLY   A 1 82  ? 2.002   -9.147  7.826   1.00 63.39  ? 78  GLY   A CA  1 
ATOM   630  C C   . GLY   A 1 82  ? 3.377   -9.814  7.983   1.00 65.39  ? 78  GLY   A C   1 
ATOM   631  O O   . GLY   A 1 82  ? 3.946   -9.772  9.071   1.00 60.20  ? 78  GLY   A O   1 
ATOM   632  N N   . ARG   A 1 83  ? 3.958   -10.370 6.907   1.00 62.80  ? 79  ARG   A N   1 
ATOM   633  C CA  . ARG   A 1 83  ? 5.327   -10.882 7.004   1.00 71.31  ? 79  ARG   A CA  1 
ATOM   634  C C   . ARG   A 1 83  ? 6.337   -9.741  6.816   1.00 69.74  ? 79  ARG   A C   1 
ATOM   635  O O   . ARG   A 1 83  ? 6.197   -8.920  5.911   1.00 60.06  ? 79  ARG   A O   1 
ATOM   636  C CB  . ARG   A 1 83  ? 5.547   -12.034 6.017   1.00 67.31  ? 79  ARG   A CB  1 
ATOM   637  C CG  . ARG   A 1 83  ? 4.486   -13.124 6.069   1.00 70.82  ? 79  ARG   A CG  1 
ATOM   638  C CD  . ARG   A 1 83  ? 4.677   -14.120 4.937   1.00 70.92  ? 79  ARG   A CD  1 
ATOM   639  N NE  . ARG   A 1 83  ? 5.969   -14.773 5.144   1.00 88.15  ? 79  ARG   A NE  1 
ATOM   640  C CZ  . ARG   A 1 83  ? 6.503   -15.732 4.384   1.00 85.85  ? 79  ARG   A CZ  1 
ATOM   641  N NH1 . ARG   A 1 83  ? 5.862   -16.187 3.318   1.00 81.60  ? 79  ARG   A NH1 1 
ATOM   642  N NH2 . ARG   A 1 83  ? 7.685   -16.238 4.707   1.00 82.15  ? 79  ARG   A NH2 1 
ATOM   643  N N   . PRO   A 1 84  ? 7.380   -9.620  7.670   1.00 69.79  ? 80  PRO   A N   1 
ATOM   644  C CA  . PRO   A 1 84  ? 8.319   -8.492  7.592   1.00 69.15  ? 80  PRO   A CA  1 
ATOM   645  C C   . PRO   A 1 84  ? 9.182   -8.503  6.326   1.00 72.35  ? 80  PRO   A C   1 
ATOM   646  O O   . PRO   A 1 84  ? 9.550   -9.550  5.813   1.00 52.20  ? 80  PRO   A O   1 
ATOM   647  C CB  . PRO   A 1 84  ? 9.197   -8.676  8.846   1.00 75.15  ? 80  PRO   A CB  1 
ATOM   648  C CG  . PRO   A 1 84  ? 8.340   -9.550  9.767   1.00 71.91  ? 80  PRO   A CG  1 
ATOM   649  C CD  . PRO   A 1 84  ? 7.666   -10.511 8.809   1.00 75.15  ? 80  PRO   A CD  1 
ATOM   650  N N   . CYS   A 1 85  ? 9.488   -7.331  5.772   1.00 63.56  ? 81  CYS   A N   1 
ATOM   651  C CA  . CYS   A 1 85  ? 10.190  -7.389  4.498   1.00 63.45  ? 81  CYS   A CA  1 
ATOM   652  C C   . CYS   A 1 85  ? 11.181  -6.237  4.424   1.00 57.29  ? 81  CYS   A C   1 
ATOM   653  O O   . CYS   A 1 85  ? 11.078  -5.293  5.217   1.00 56.68  ? 81  CYS   A O   1 
ATOM   654  C CB  . CYS   A 1 85  ? 9.207   -7.409  3.328   1.00 64.98  ? 81  CYS   A CB  1 
ATOM   655  S SG  . CYS   A 1 85  ? 8.180   -5.914  3.212   1.00 64.42  ? 81  CYS   A SG  1 
ATOM   656  N N   . LYS   A 1 86  ? 12.165  -6.343  3.516   1.00 54.00  ? 82  LYS   A N   1 
ATOM   657  C CA  . LYS   A 1 86  ? 12.961  -5.163  3.209   1.00 57.75  ? 82  LYS   A CA  1 
ATOM   658  C C   . LYS   A 1 86  ? 12.417  -4.492  1.949   1.00 52.34  ? 82  LYS   A C   1 
ATOM   659  O O   . LYS   A 1 86  ? 12.243  -5.157  0.929   1.00 52.75  ? 82  LYS   A O   1 
ATOM   660  C CB  . LYS   A 1 86  ? 14.463  -5.463  3.108   1.00 61.89  ? 82  LYS   A CB  1 
ATOM   661  C CG  . LYS   A 1 86  ? 15.224  -5.241  4.411   1.00 80.96  ? 82  LYS   A CG  1 
ATOM   662  N N   . SER   A 1 87  ? 12.250  -3.162  2.018   1.00 51.55  ? 83  SER   A N   1 
ATOM   663  C CA  . SER   A 1 87  ? 11.585  -2.425  0.959   1.00 51.08  ? 83  SER   A CA  1 
ATOM   664  C C   . SER   A 1 87  ? 12.502  -1.327  0.404   1.00 48.81  ? 83  SER   A C   1 
ATOM   665  O O   . SER   A 1 87  ? 13.350  -0.778  1.101   1.00 47.31  ? 83  SER   A O   1 
ATOM   666  C CB  . SER   A 1 87  ? 10.231  -1.884  1.452   1.00 41.86  ? 83  SER   A CB  1 
ATOM   667  O OG  . SER   A 1 87  ? 9.296   -2.933  1.608   1.00 51.99  ? 83  SER   A OG  1 
ATOM   668  N N   . LEU   A 1 88  ? 12.309  -0.985  -0.875  1.00 46.40  ? 84  LEU   A N   1 
ATOM   669  C CA  . LEU   A 1 88  ? 13.055  0.101   -1.503  1.00 38.61  ? 84  LEU   A CA  1 
ATOM   670  C C   . LEU   A 1 88  ? 12.156  0.762   -2.532  1.00 39.09  ? 84  LEU   A C   1 
ATOM   671  O O   . LEU   A 1 88  ? 11.678  0.089   -3.463  1.00 40.78  ? 84  LEU   A O   1 
ATOM   672  C CB  . LEU   A 1 88  ? 14.244  -0.514  -2.256  1.00 43.39  ? 84  LEU   A CB  1 
ATOM   673  C CG  . LEU   A 1 88  ? 15.117  0.455   -3.038  1.00 50.42  ? 84  LEU   A CG  1 
ATOM   674  C CD1 . LEU   A 1 88  ? 15.707  1.456   -2.056  1.00 55.42  ? 84  LEU   A CD1 1 
ATOM   675  C CD2 . LEU   A 1 88  ? 16.260  -0.305  -3.756  1.00 53.40  ? 84  LEU   A CD2 1 
ATOM   676  N N   . VAL   A 1 89  ? 11.969  2.069   -2.377  1.00 40.73  ? 85  VAL   A N   1 
ATOM   677  C CA  . VAL   A 1 89  ? 11.053  2.801   -3.237  1.00 40.75  ? 85  VAL   A CA  1 
ATOM   678  C C   . VAL   A 1 89  ? 11.900  3.606   -4.233  1.00 44.27  ? 85  VAL   A C   1 
ATOM   679  O O   . VAL   A 1 89  ? 12.916  4.169   -3.845  1.00 41.38  ? 85  VAL   A O   1 
ATOM   680  C CB  . VAL   A 1 89  ? 10.166  3.736   -2.385  1.00 42.28  ? 85  VAL   A CB  1 
ATOM   681  C CG1 . VAL   A 1 89  ? 9.358   4.694   -3.236  1.00 43.46  ? 85  VAL   A CG1 1 
ATOM   682  C CG2 . VAL   A 1 89  ? 9.223   2.964   -1.454  1.00 38.39  ? 85  VAL   A CG2 1 
ATOM   683  N N   . LYS   A 1 90  ? 11.448  3.684   -5.499  1.00 41.86  ? 86  LYS   A N   1 
ATOM   684  C CA  . LYS   A 1 90  ? 12.047  4.528   -6.527  1.00 42.03  ? 86  LYS   A CA  1 
ATOM   685  C C   . LYS   A 1 90  ? 10.941  5.276   -7.260  1.00 41.21  ? 86  LYS   A C   1 
ATOM   686  O O   . LYS   A 1 90  ? 9.815   4.798   -7.313  1.00 40.31  ? 86  LYS   A O   1 
ATOM   687  C CB  . LYS   A 1 90  ? 12.820  3.650   -7.525  1.00 39.56  ? 86  LYS   A CB  1 
ATOM   688  C CG  . LYS   A 1 90  ? 13.986  2.949   -6.835  1.00 40.81  ? 86  LYS   A CG  1 
ATOM   689  C CD  . LYS   A 1 90  ? 14.742  1.972   -7.704  1.00 48.34  ? 86  LYS   A CD  1 
ATOM   690  C CE  . LYS   A 1 90  ? 15.809  1.246   -6.882  1.00 43.73  ? 86  LYS   A CE  1 
ATOM   691  N NZ  . LYS   A 1 90  ? 17.007  0.941   -7.717  1.00 49.20  ? 86  LYS   A NZ  1 
ATOM   692  N N   . TRP   A 1 91  ? 11.279  6.433   -7.821  1.00 38.78  ? 87  TRP   A N   1 
ATOM   693  C CA  . TRP   A 1 91  ? 10.330  7.134   -8.667  1.00 41.41  ? 87  TRP   A CA  1 
ATOM   694  C C   . TRP   A 1 91  ? 10.231  6.444   -10.017 1.00 48.40  ? 87  TRP   A C   1 
ATOM   695  O O   . TRP   A 1 91  ? 11.215  5.923   -10.541 1.00 42.86  ? 87  TRP   A O   1 
ATOM   696  C CB  . TRP   A 1 91  ? 10.794  8.563   -8.884  1.00 38.20  ? 87  TRP   A CB  1 
ATOM   697  C CG  . TRP   A 1 91  ? 10.912  9.364   -7.626  1.00 43.92  ? 87  TRP   A CG  1 
ATOM   698  C CD1 . TRP   A 1 91  ? 12.059  9.730   -6.993  1.00 44.37  ? 87  TRP   A CD1 1 
ATOM   699  C CD2 . TRP   A 1 91  ? 9.838   9.962   -6.890  1.00 40.47  ? 87  TRP   A CD2 1 
ATOM   700  N NE1 . TRP   A 1 91  ? 11.775  10.544  -5.937  1.00 46.57  ? 87  TRP   A NE1 1 
ATOM   701  C CE2 . TRP   A 1 91  ? 10.422  10.684  -5.826  1.00 48.23  ? 87  TRP   A CE2 1 
ATOM   702  C CE3 . TRP   A 1 91  ? 8.447   9.975   -7.041  1.00 44.90  ? 87  TRP   A CE3 1 
ATOM   703  C CZ2 . TRP   A 1 91  ? 9.676   11.423  -4.906  1.00 46.69  ? 87  TRP   A CZ2 1 
ATOM   704  C CZ3 . TRP   A 1 91  ? 7.707   10.696  -6.123  1.00 49.36  ? 87  TRP   A CZ3 1 
ATOM   705  C CH2 . TRP   A 1 91  ? 8.309   11.420  -5.085  1.00 47.95  ? 87  TRP   A CH2 1 
ATOM   706  N N   . GLU   A 1 92  ? 9.031   6.516   -10.592 1.00 45.50  ? 88  GLU   A N   1 
ATOM   707  C CA  . GLU   A 1 92  ? 8.805   6.096   -11.962 1.00 44.65  ? 88  GLU   A CA  1 
ATOM   708  C C   . GLU   A 1 92  ? 8.448   7.308   -12.800 1.00 44.92  ? 88  GLU   A C   1 
ATOM   709  O O   . GLU   A 1 92  ? 8.630   7.295   -14.013 1.00 46.32  ? 88  GLU   A O   1 
ATOM   710  C CB  . GLU   A 1 92  ? 7.563   5.222   -11.983 1.00 55.59  ? 88  GLU   A CB  1 
ATOM   711  C CG  . GLU   A 1 92  ? 7.835   3.768   -12.206 1.00 69.51  ? 88  GLU   A CG  1 
ATOM   712  C CD  . GLU   A 1 92  ? 6.496   3.107   -12.523 1.00 74.88  ? 88  GLU   A CD  1 
ATOM   713  O OE1 . GLU   A 1 92  ? 5.738   3.679   -13.349 1.00 82.63  ? 88  GLU   A OE1 1 
ATOM   714  O OE2 . GLU   A 1 92  ? 6.194   2.064   -11.917 1.00 93.44  ? 88  GLU   A OE2 1 
ATOM   715  N N   . SER   A 1 93  ? 7.973   8.375   -12.156 1.00 41.99  ? 89  SER   A N   1 
ATOM   716  C CA  . SER   A 1 93  ? 7.723   9.643   -12.842 1.00 45.13  ? 89  SER   A CA  1 
ATOM   717  C C   . SER   A 1 93  ? 7.476   10.685  -11.765 1.00 43.99  ? 89  SER   A C   1 
ATOM   718  O O   . SER   A 1 93  ? 7.683   10.391  -10.592 1.00 45.10  ? 89  SER   A O   1 
ATOM   719  C CB  . SER   A 1 93  ? 6.498   9.557   -13.732 1.00 49.34  ? 89  SER   A CB  1 
ATOM   720  O OG  . SER   A 1 93  ? 5.378   9.092   -12.954 1.00 52.49  ? 89  SER   A OG  1 
ATOM   721  N N   . GLU   A 1 94  ? 6.934   11.847  -12.143 1.00 45.71  ? 90  GLU   A N   1 
ATOM   722  C CA  . GLU   A 1 94  ? 6.840   12.957  -11.210 1.00 45.65  ? 90  GLU   A CA  1 
ATOM   723  C C   . GLU   A 1 94  ? 6.035   12.589  -9.958  1.00 44.47  ? 90  GLU   A C   1 
ATOM   724  O O   . GLU   A 1 94  ? 6.449   12.899  -8.828  1.00 48.13  ? 90  GLU   A O   1 
ATOM   725  C CB  . GLU   A 1 94  ? 6.205   14.183  -11.887 1.00 53.50  ? 90  GLU   A CB  1 
ATOM   726  C CG  . GLU   A 1 94  ? 6.024   15.330  -10.896 1.00 57.30  ? 90  GLU   A CG  1 
ATOM   727  C CD  . GLU   A 1 94  ? 5.559   16.664  -11.456 1.00 61.15  ? 90  GLU   A CD  1 
ATOM   728  O OE1 . GLU   A 1 94  ? 5.289   16.727  -12.655 1.00 62.83  ? 90  GLU   A OE1 1 
ATOM   729  O OE2 . GLU   A 1 94  ? 5.498   17.643  -10.687 1.00 80.53  ? 90  GLU   A OE2 1 
ATOM   730  N N   . ASN   A 1 95  ? 4.904   11.897  -10.154 1.00 51.85  ? 91  ASN   A N   1 
ATOM   731  C CA  . ASN   A 1 95  ? 4.049   11.561  -9.022  1.00 53.81  ? 91  ASN   A CA  1 
ATOM   732  C C   . ASN   A 1 95  ? 3.703   10.080  -9.075  1.00 46.21  ? 91  ASN   A C   1 
ATOM   733  O O   . ASN   A 1 95  ? 2.570   9.675   -8.805  1.00 48.22  ? 91  ASN   A O   1 
ATOM   734  C CB  . ASN   A 1 95  ? 2.767   12.406  -8.954  1.00 62.05  ? 91  ASN   A CB  1 
ATOM   735  C CG  . ASN   A 1 95  ? 3.019   13.883  -8.721  1.00 67.12  ? 91  ASN   A CG  1 
ATOM   736  O OD1 . ASN   A 1 95  ? 3.677   14.283  -7.757  1.00 56.93  ? 91  ASN   A OD1 1 
ATOM   737  N ND2 . ASN   A 1 95  ? 2.479   14.701  -9.606  1.00 59.68  ? 91  ASN   A ND2 1 
ATOM   738  N N   . LYS   A 1 96  ? 4.686   9.263   -9.420  1.00 45.81  ? 92  LYS   A N   1 
ATOM   739  C CA  . LYS   A 1 96  ? 4.477   7.834   -9.271  1.00 41.34  ? 92  LYS   A CA  1 
ATOM   740  C C   . LYS   A 1 96  ? 5.715   7.212   -8.632  1.00 42.39  ? 92  LYS   A C   1 
ATOM   741  O O   . LYS   A 1 96  ? 6.837   7.492   -9.043  1.00 40.32  ? 92  LYS   A O   1 
ATOM   742  C CB  . LYS   A 1 96  ? 4.050   7.202   -10.598 1.00 41.25  ? 92  LYS   A CB  1 
ATOM   743  C CG  . LYS   A 1 96  ? 3.783   5.709   -10.461 1.00 43.65  ? 92  LYS   A CG  1 
ATOM   744  C CD  . LYS   A 1 96  ? 2.880   5.108   -11.502 1.00 56.00  ? 92  LYS   A CD  1 
ATOM   745  C CE  . LYS   A 1 96  ? 2.772   3.611   -11.257 1.00 55.29  ? 92  LYS   A CE  1 
ATOM   746  N NZ  . LYS   A 1 96  ? 1.442   3.067   -11.608 1.00 68.93  ? 92  LYS   A NZ  1 
ATOM   747  N N   . MET   A 1 97  ? 5.511   6.364   -7.624  1.00 39.47  ? 93  MET   A N   1 
ATOM   748  C CA  . MET   A 1 97  ? 6.639   5.668   -7.019  1.00 41.92  ? 93  MET   A CA  1 
ATOM   749  C C   . MET   A 1 97  ? 6.334   4.189   -6.939  1.00 44.18  ? 93  MET   A C   1 
ATOM   750  O O   . MET   A 1 97  ? 5.169   3.809   -6.866  1.00 39.89  ? 93  MET   A O   1 
ATOM   751  C CB  . MET   A 1 97  ? 6.967   6.186   -5.599  1.00 44.10  ? 93  MET   A CB  1 
ATOM   752  C CG  . MET   A 1 97  ? 5.853   6.008   -4.559  1.00 53.06  ? 93  MET   A CG  1 
ATOM   753  S SD  . MET   A 1 97  ? 6.048   7.045   -3.047  1.00 57.22  ? 93  MET   A SD  1 
ATOM   754  C CE  . MET   A 1 97  ? 7.272   8.176   -3.653  1.00 53.05  ? 93  MET   A CE  1 
ATOM   755  N N   . VAL   A 1 98  ? 7.398   3.375   -6.903  1.00 38.11  ? 94  VAL   A N   1 
ATOM   756  C CA  . VAL   A 1 98  ? 7.219   1.928   -6.944  1.00 38.87  ? 94  VAL   A CA  1 
ATOM   757  C C   . VAL   A 1 98  ? 8.157   1.351   -5.902  1.00 42.84  ? 94  VAL   A C   1 
ATOM   758  O O   . VAL   A 1 98  ? 9.286   1.817   -5.770  1.00 44.00  ? 94  VAL   A O   1 
ATOM   759  C CB  . VAL   A 1 98  ? 7.512   1.298   -8.322  1.00 41.63  ? 94  VAL   A CB  1 
ATOM   760  C CG1 . VAL   A 1 98  ? 8.887   1.695   -8.841  1.00 48.13  ? 94  VAL   A CG1 1 
ATOM   761  C CG2 . VAL   A 1 98  ? 7.469   -0.230  -8.243  1.00 50.86  ? 94  VAL   A CG2 1 
ATOM   762  N N   . CYS   A 1 99  ? 7.661   0.358   -5.174  1.00 41.74  ? 95  CYS   A N   1 
ATOM   763  C CA  . CYS   A 1 99  ? 8.385   -0.195  -4.052  1.00 43.72  ? 95  CYS   A CA  1 
ATOM   764  C C   . CYS   A 1 99  ? 8.529   -1.676  -4.334  1.00 47.61  ? 95  CYS   A C   1 
ATOM   765  O O   . CYS   A 1 99  ? 7.534   -2.329  -4.580  1.00 49.40  ? 95  CYS   A O   1 
ATOM   766  C CB  . CYS   A 1 99  ? 7.535   -0.114  -2.789  1.00 49.54  ? 95  CYS   A CB  1 
ATOM   767  S SG  . CYS   A 1 99  ? 8.432   -0.681  -1.312  1.00 52.75  ? 95  CYS   A SG  1 
ATOM   768  N N   . GLU   A 1 100 ? 9.752   -2.196  -4.288  1.00 43.81  ? 96  GLU   A N   1 
ATOM   769  C CA  . GLU   A 1 100 ? 9.948   -3.629  -4.394  1.00 48.29  ? 96  GLU   A CA  1 
ATOM   770  C C   . GLU   A 1 100 ? 10.304  -4.138  -3.007  1.00 50.32  ? 96  GLU   A C   1 
ATOM   771  O O   . GLU   A 1 100 ? 11.088  -3.491  -2.322  1.00 50.54  ? 96  GLU   A O   1 
ATOM   772  C CB  . GLU   A 1 100 ? 11.172  -3.902  -5.263  1.00 54.05  ? 96  GLU   A CB  1 
ATOM   773  C CG  . GLU   A 1 100 ? 11.067  -3.191  -6.593  1.00 67.06  ? 96  GLU   A CG  1 
ATOM   774  C CD  . GLU   A 1 100 ? 10.308  -3.946  -7.675  0.70 76.43  ? 96  GLU   A CD  1 
ATOM   775  O OE1 . GLU   A 1 100 ? 9.404   -4.759  -7.336  0.70 71.40  ? 96  GLU   A OE1 1 
ATOM   776  O OE2 . GLU   A 1 100 ? 10.632  -3.728  -8.866  0.70 79.86  ? 96  GLU   A OE2 1 
ATOM   777  N N   . GLN   A 1 101 ? 9.728   -5.278  -2.618  1.00 50.67  ? 97  GLN   A N   1 
ATOM   778  C CA  . GLN   A 1 101 ? 9.873   -5.842  -1.277  1.00 52.81  ? 97  GLN   A CA  1 
ATOM   779  C C   . GLN   A 1 101 ? 10.581  -7.206  -1.338  1.00 51.94  ? 97  GLN   A C   1 
ATOM   780  O O   . GLN   A 1 101 ? 10.350  -7.983  -2.263  1.00 47.84  ? 97  GLN   A O   1 
ATOM   781  C CB  . GLN   A 1 101 ? 8.470   -6.058  -0.698  1.00 53.28  ? 97  GLN   A CB  1 
ATOM   782  C CG  . GLN   A 1 101 ? 7.694   -4.752  -0.509  1.00 53.91  ? 97  GLN   A CG  1 
ATOM   783  C CD  . GLN   A 1 101 ? 6.297   -4.984  0.003   1.00 55.86  ? 97  GLN   A CD  1 
ATOM   784  O OE1 . GLN   A 1 101 ? 5.661   -5.966  -0.361  1.00 58.10  ? 97  GLN   A OE1 1 
ATOM   785  N NE2 . GLN   A 1 101 ? 5.817   -4.091  0.869   1.00 58.60  ? 97  GLN   A NE2 1 
ATOM   786  N N   . LYS   A 1 102 ? 11.433  -7.502  -0.340  1.00 53.13  ? 98  LYS   A N   1 
ATOM   787  C CA  . LYS   A 1 102 ? 12.016  -8.840  -0.188  1.00 57.45  ? 98  LYS   A CA  1 
ATOM   788  C C   . LYS   A 1 102 ? 11.776  -9.366  1.231   1.00 53.40  ? 98  LYS   A C   1 
ATOM   789  O O   . LYS   A 1 102 ? 12.004  -8.656  2.225   1.00 57.26  ? 98  LYS   A O   1 
ATOM   790  C CB  . LYS   A 1 102 ? 13.531  -8.824  -0.434  1.00 63.65  ? 98  LYS   A CB  1 
ATOM   791  C CG  . LYS   A 1 102 ? 13.975  -8.345  -1.809  1.00 67.55  ? 98  LYS   A CG  1 
ATOM   792  C CD  . LYS   A 1 102 ? 15.480  -8.361  -1.979  1.00 76.93  ? 98  LYS   A CD  1 
ATOM   793  C CE  . LYS   A 1 102 ? 15.995  -7.340  -2.974  1.00 77.55  ? 98  LYS   A CE  1 
ATOM   794  N NZ  . LYS   A 1 102 ? 17.414  -6.995  -2.715  1.00 76.26  ? 98  LYS   A NZ  1 
ATOM   795  N N   . LEU   A 1 103 ? 11.346  -10.629 1.333   1.00 59.28  ? 99  LEU   A N   1 
ATOM   796  C CA  . LEU   A 1 103 ? 11.012  -11.214 2.630   1.00 67.12  ? 99  LEU   A CA  1 
ATOM   797  C C   . LEU   A 1 103 ? 12.252  -11.249 3.525   1.00 64.04  ? 99  LEU   A C   1 
ATOM   798  O O   . LEU   A 1 103 ? 13.335  -11.586 3.056   1.00 64.73  ? 99  LEU   A O   1 
ATOM   799  C CB  . LEU   A 1 103 ? 10.444  -12.623 2.431   1.00 61.34  ? 99  LEU   A CB  1 
ATOM   800  C CG  . LEU   A 1 103 ? 8.997   -12.695 1.960   1.00 61.02  ? 99  LEU   A CG  1 
ATOM   801  C CD1 . LEU   A 1 103 ? 8.682   -14.114 1.526   1.00 62.95  ? 99  LEU   A CD1 1 
ATOM   802  C CD2 . LEU   A 1 103 ? 8.022   -12.265 3.061   1.00 61.58  ? 99  LEU   A CD2 1 
ATOM   803  N N   . LEU   A 1 104 ? 12.101  -10.844 4.798   1.00 64.13  ? 100 LEU   A N   1 
ATOM   804  C CA  . LEU   A 1 104 ? 13.189  -10.990 5.756   1.00 73.31  ? 100 LEU   A CA  1 
ATOM   805  C C   . LEU   A 1 104 ? 13.515  -12.475 5.959   1.00 78.70  ? 100 LEU   A C   1 
ATOM   806  O O   . LEU   A 1 104 ? 14.669  -12.870 5.847   1.00 75.71  ? 100 LEU   A O   1 
ATOM   807  C CB  . LEU   A 1 104 ? 12.816  -10.342 7.089   1.00 66.10  ? 100 LEU   A CB  1 
ATOM   808  C CG  . LEU   A 1 104 ? 12.922  -8.825  7.174   1.00 69.23  ? 100 LEU   A CG  1 
ATOM   809  C CD1 . LEU   A 1 104 ? 12.984  -8.417  8.633   1.00 71.17  ? 100 LEU   A CD1 1 
ATOM   810  C CD2 . LEU   A 1 104 ? 14.134  -8.293  6.429   1.00 70.16  ? 100 LEU   A CD2 1 
ATOM   811  N N   . LYS   A 1 105 ? 12.487  -13.283 6.252   1.00 77.48  ? 101 LYS   A N   1 
ATOM   812  C CA  . LYS   A 1 105 ? 12.626  -14.712 6.487   1.00 82.80  ? 101 LYS   A CA  1 
ATOM   813  C C   . LYS   A 1 105 ? 11.748  -15.448 5.480   1.00 86.14  ? 101 LYS   A C   1 
ATOM   814  O O   . LYS   A 1 105 ? 10.744  -14.910 5.023   1.00 82.16  ? 101 LYS   A O   1 
ATOM   815  C CB  . LYS   A 1 105 ? 12.187  -15.088 7.910   1.00 78.19  ? 101 LYS   A CB  1 
ATOM   816  C CG  . LYS   A 1 105 ? 12.923  -14.407 9.062   1.00 77.53  ? 101 LYS   A CG  1 
ATOM   817  N N   . GLY   A 1 106 ? 12.138  -16.678 5.131   1.00 79.91  ? 102 GLY   A N   1 
ATOM   818  C CA  . GLY   A 1 106 ? 11.264  -17.563 4.379   1.00 70.37  ? 102 GLY   A CA  1 
ATOM   819  C C   . GLY   A 1 106 ? 11.254  -17.282 2.877   1.00 81.41  ? 102 GLY   A C   1 
ATOM   820  O O   . GLY   A 1 106 ? 12.106  -16.551 2.360   1.00 81.57  ? 102 GLY   A O   1 
ATOM   821  N N   . GLU   A 1 107 ? 10.291  -17.933 2.209   1.00 75.27  ? 103 GLU   A N   1 
ATOM   822  C CA  . GLU   A 1 107 ? 9.960   -17.812 0.800   1.00 84.23  ? 103 GLU   A CA  1 
ATOM   823  C C   . GLU   A 1 107 ? 8.459   -17.517 0.695   1.00 87.75  ? 103 GLU   A C   1 
ATOM   824  O O   . GLU   A 1 107 ? 7.699   -17.775 1.628   1.00 83.95  ? 103 GLU   A O   1 
ATOM   825  C CB  . GLU   A 1 107 ? 10.380  -19.081 0.044   1.00 87.30  ? 103 GLU   A CB  1 
ATOM   826  C CG  . GLU   A 1 107 ? 11.886  -19.184 -0.204  1.00 87.00  ? 103 GLU   A CG  1 
ATOM   827  N N   . GLY   A 1 108 ? 8.039   -16.945 -0.438  1.00 78.27  ? 104 GLY   A N   1 
ATOM   828  C CA  . GLY   A 1 108 ? 6.671   -16.492 -0.613  1.00 69.54  ? 104 GLY   A CA  1 
ATOM   829  C C   . GLY   A 1 108 ? 6.495   -15.733 -1.924  1.00 67.33  ? 104 GLY   A C   1 
ATOM   830  O O   . GLY   A 1 108 ? 7.438   -15.558 -2.687  1.00 76.16  ? 104 GLY   A O   1 
ATOM   831  N N   . PRO   A 1 109 ? 5.271   -15.293 -2.269  1.00 63.59  ? 105 PRO   A N   1 
ATOM   832  C CA  . PRO   A 1 109 ? 5.047   -14.661 -3.565  1.00 62.46  ? 105 PRO   A CA  1 
ATOM   833  C C   . PRO   A 1 109 ? 5.831   -13.348 -3.639  1.00 55.13  ? 105 PRO   A C   1 
ATOM   834  O O   . PRO   A 1 109 ? 6.117   -12.737 -2.611  1.00 55.95  ? 105 PRO   A O   1 
ATOM   835  C CB  . PRO   A 1 109 ? 3.512   -14.499 -3.594  1.00 68.75  ? 105 PRO   A CB  1 
ATOM   836  C CG  . PRO   A 1 109 ? 3.016   -15.502 -2.556  1.00 70.39  ? 105 PRO   A CG  1 
ATOM   837  C CD  . PRO   A 1 109 ? 4.045   -15.403 -1.455  1.00 67.64  ? 105 PRO   A CD  1 
ATOM   838  N N   . LYS   A 1 110 ? 6.250   -12.962 -4.852  1.00 54.97  ? 106 LYS   A N   1 
ATOM   839  C CA  . LYS   A 1 110 ? 6.890   -11.671 -5.070  1.00 58.39  ? 106 LYS   A CA  1 
ATOM   840  C C   . LYS   A 1 110 ? 5.830   -10.575 -4.898  1.00 56.06  ? 106 LYS   A C   1 
ATOM   841  O O   . LYS   A 1 110 ? 4.829   -10.560 -5.624  1.00 52.79  ? 106 LYS   A O   1 
ATOM   842  C CB  . LYS   A 1 110 ? 7.533   -11.601 -6.468  1.00 57.02  ? 106 LYS   A CB  1 
ATOM   843  C CG  . LYS   A 1 110 ? 8.427   -10.383 -6.693  1.00 65.97  ? 106 LYS   A CG  1 
ATOM   844  C CD  . LYS   A 1 110 ? 9.354   -10.425 -7.908  1.00 75.61  ? 106 LYS   A CD  1 
ATOM   845  N N   . THR   A 1 111 ? 6.066   -9.649  -3.956  1.00 55.48  ? 107 THR   A N   1 
ATOM   846  C CA  . THR   A 1 111 ? 5.109   -8.577  -3.710  1.00 49.53  ? 107 THR   A CA  1 
ATOM   847  C C   . THR   A 1 111 ? 5.761   -7.223  -3.978  1.00 53.61  ? 107 THR   A C   1 
ATOM   848  O O   . THR   A 1 111 ? 6.970   -7.043  -3.855  1.00 50.42  ? 107 THR   A O   1 
ATOM   849  C CB  . THR   A 1 111 ? 4.560   -8.647  -2.273  1.00 63.89  ? 107 THR   A CB  1 
ATOM   850  O OG1 . THR   A 1 111 ? 5.683   -8.476  -1.414  1.00 58.57  ? 107 THR   A OG1 1 
ATOM   851  C CG2 . THR   A 1 111 ? 3.931   -9.982  -1.914  1.00 58.77  ? 107 THR   A CG2 1 
ATOM   852  N N   . SER   A 1 112 ? 4.930   -6.256  -4.348  1.00 49.48  ? 108 SER   A N   1 
ATOM   853  C CA  . SER   A 1 112 ? 5.382   -4.892  -4.514  1.00 48.67  ? 108 SER   A CA  1 
ATOM   854  C C   . SER   A 1 112 ? 4.150   -4.003  -4.439  1.00 45.75  ? 108 SER   A C   1 
ATOM   855  O O   . SER   A 1 112 ? 3.028   -4.494  -4.352  1.00 44.57  ? 108 SER   A O   1 
ATOM   856  C CB  . SER   A 1 112 ? 6.079   -4.742  -5.838  1.00 48.77  ? 108 SER   A CB  1 
ATOM   857  O OG  . SER   A 1 112 ? 5.131   -4.947  -6.868  1.00 56.09  ? 108 SER   A OG  1 
ATOM   858  N N   . TRP   A 1 113 ? 4.379   -2.698  -4.413  1.00 46.28  ? 109 TRP   A N   1 
ATOM   859  C CA  . TRP   A 1 113 ? 3.285   -1.753  -4.404  1.00 48.09  ? 109 TRP   A CA  1 
ATOM   860  C C   . TRP   A 1 113 ? 3.737   -0.525  -5.166  1.00 47.85  ? 109 TRP   A C   1 
ATOM   861  O O   . TRP   A 1 113 ? 4.942   -0.289  -5.282  1.00 45.99  ? 109 TRP   A O   1 
ATOM   862  C CB  . TRP   A 1 113 ? 2.820   -1.416  -2.982  1.00 42.56  ? 109 TRP   A CB  1 
ATOM   863  C CG  . TRP   A 1 113 ? 3.821   -0.841  -2.009  1.00 44.88  ? 109 TRP   A CG  1 
ATOM   864  C CD1 . TRP   A 1 113 ? 4.444   -1.494  -0.970  1.00 47.15  ? 109 TRP   A CD1 1 
ATOM   865  C CD2 . TRP   A 1 113 ? 4.154   0.550   -1.853  1.00 45.91  ? 109 TRP   A CD2 1 
ATOM   866  N NE1 . TRP   A 1 113 ? 5.196   -0.613  -0.233  1.00 45.65  ? 109 TRP   A NE1 1 
ATOM   867  C CE2 . TRP   A 1 113 ? 5.028   0.652   -0.745  1.00 45.93  ? 109 TRP   A CE2 1 
ATOM   868  C CE3 . TRP   A 1 113 ? 3.796   1.719   -2.545  1.00 47.91  ? 109 TRP   A CE3 1 
ATOM   869  C CZ2 . TRP   A 1 113 ? 5.581   1.867   -0.341  1.00 43.65  ? 109 TRP   A CZ2 1 
ATOM   870  C CZ3 . TRP   A 1 113 ? 4.358   2.918   -2.157  1.00 49.31  ? 109 TRP   A CZ3 1 
ATOM   871  C CH2 . TRP   A 1 113 ? 5.231   2.991   -1.063  1.00 50.09  ? 109 TRP   A CH2 1 
ATOM   872  N N   . THR   A 1 114 ? 2.761   0.212   -5.692  1.00 42.63  ? 110 THR   A N   1 
ATOM   873  C CA  . THR   A 1 114 ? 2.993   1.532   -6.269  1.00 43.57  ? 110 THR   A CA  1 
ATOM   874  C C   . THR   A 1 114 ? 1.954   2.509   -5.721  1.00 46.43  ? 110 THR   A C   1 
ATOM   875  O O   . THR   A 1 114 ? 0.867   2.107   -5.329  1.00 48.85  ? 110 THR   A O   1 
ATOM   876  C CB  . THR   A 1 114 ? 2.950   1.451   -7.802  1.00 54.23  ? 110 THR   A CB  1 
ATOM   877  O OG1 . THR   A 1 114 ? 1.573   1.330   -8.160  1.00 61.55  ? 110 THR   A OG1 1 
ATOM   878  C CG2 . THR   A 1 114 ? 3.742   0.271   -8.335  1.00 51.76  ? 110 THR   A CG2 1 
ATOM   879  N N   . LYS   A 1 115 ? 2.296   3.796   -5.720  1.00 41.53  ? 111 LYS   A N   1 
ATOM   880  C CA  . LYS   A 1 115 ? 1.374   4.864   -5.409  1.00 43.88  ? 111 LYS   A CA  1 
ATOM   881  C C   . LYS   A 1 115 ? 1.552   5.948   -6.463  1.00 49.50  ? 111 LYS   A C   1 
ATOM   882  O O   . LYS   A 1 115 ? 2.685   6.267   -6.825  1.00 44.42  ? 111 LYS   A O   1 
ATOM   883  C CB  . LYS   A 1 115 ? 1.727   5.523   -4.068  1.00 45.57  ? 111 LYS   A CB  1 
ATOM   884  C CG  . LYS   A 1 115 ? 1.060   4.894   -2.846  1.00 49.21  ? 111 LYS   A CG  1 
ATOM   885  C CD  . LYS   A 1 115 ? 1.716   5.378   -1.568  1.00 62.14  ? 111 LYS   A CD  1 
ATOM   886  C CE  . LYS   A 1 115 ? 0.762   5.571   -0.410  1.00 67.17  ? 111 LYS   A CE  1 
ATOM   887  N NZ  . LYS   A 1 115 ? -0.095  4.390   -0.182  1.00 71.19  ? 111 LYS   A NZ  1 
ATOM   888  N N   . GLU   A 1 116 ? 0.430   6.555   -6.878  1.00 44.67  ? 112 GLU   A N   1 
ATOM   889  C CA  . GLU   A 1 116 ? 0.431   7.564   -7.926  1.00 45.83  ? 112 GLU   A CA  1 
ATOM   890  C C   . GLU   A 1 116 ? -0.609  8.648   -7.628  1.00 52.14  ? 112 GLU   A C   1 
ATOM   891  O O   . GLU   A 1 116 ? -1.728  8.344   -7.259  1.00 51.30  ? 112 GLU   A O   1 
ATOM   892  C CB  . GLU   A 1 116 ? 0.100   6.884   -9.260  1.00 47.19  ? 112 GLU   A CB  1 
ATOM   893  C CG  . GLU   A 1 116 ? -0.207  7.916   -10.313 1.00 55.46  ? 112 GLU   A CG  1 
ATOM   894  C CD  . GLU   A 1 116 ? -0.301  7.398   -11.733 1.00 58.86  ? 112 GLU   A CD  1 
ATOM   895  O OE1 . GLU   A 1 116 ? -0.570  6.188   -11.904 1.00 73.09  ? 112 GLU   A OE1 1 
ATOM   896  O OE2 . GLU   A 1 116 ? -0.061  8.195   -12.646 1.00 66.55  ? 112 GLU   A OE2 1 
ATOM   897  N N   . LEU   A 1 117 ? -0.236  9.917   -7.778  1.00 49.82  ? 113 LEU   A N   1 
ATOM   898  C CA  . LEU   A 1 117 ? -1.168  11.034  -7.771  1.00 57.68  ? 113 LEU   A CA  1 
ATOM   899  C C   . LEU   A 1 117 ? -1.582  11.244  -9.226  1.00 60.99  ? 113 LEU   A C   1 
ATOM   900  O O   . LEU   A 1 117 ? -0.707  11.380  -10.067 1.00 58.36  ? 113 LEU   A O   1 
ATOM   901  C CB  . LEU   A 1 117 ? -0.353  12.246  -7.327  1.00 56.53  ? 113 LEU   A CB  1 
ATOM   902  C CG  . LEU   A 1 117 ? -0.802  13.033  -6.104  1.00 69.11  ? 113 LEU   A CG  1 
ATOM   903  C CD1 . LEU   A 1 117 ? 0.047   14.283  -6.009  1.00 65.78  ? 113 LEU   A CD1 1 
ATOM   904  C CD2 . LEU   A 1 117 ? -2.279  13.415  -6.165  1.00 68.62  ? 113 LEU   A CD2 1 
ATOM   905  N N   . THR   A 1 118 ? -2.878  11.178  -9.552  1.00 57.88  ? 114 THR   A N   1 
ATOM   906  C CA  . THR   A 1 118 ? -3.334  11.345  -10.931 1.00 60.20  ? 114 THR   A CA  1 
ATOM   907  C C   . THR   A 1 118 ? -3.560  12.834  -11.163 1.00 61.10  ? 114 THR   A C   1 
ATOM   908  O O   . THR   A 1 118 ? -3.505  13.617  -10.211 1.00 55.44  ? 114 THR   A O   1 
ATOM   909  C CB  . THR   A 1 118 ? -4.678  10.658  -11.216 1.00 55.81  ? 114 THR   A CB  1 
ATOM   910  O OG1 . THR   A 1 118 ? -5.679  11.378  -10.490 1.00 61.66  ? 114 THR   A OG1 1 
ATOM   911  C CG2 . THR   A 1 118 ? -4.719  9.213   -10.782 1.00 55.31  ? 114 THR   A CG2 1 
ATOM   912  N N   . ASN   A 1 119 ? -3.825  13.204  -12.426 1.00 74.10  ? 115 ASN   A N   1 
ATOM   913  C CA  . ASN   A 1 119 ? -4.002  14.602  -12.815 1.00 73.60  ? 115 ASN   A CA  1 
ATOM   914  C C   . ASN   A 1 119 ? -5.325  15.178  -12.312 1.00 69.02  ? 115 ASN   A C   1 
ATOM   915  O O   . ASN   A 1 119 ? -5.434  16.391  -12.156 1.00 79.58  ? 115 ASN   A O   1 
ATOM   916  C CB  . ASN   A 1 119 ? -3.838  14.820  -14.323 1.00 76.29  ? 115 ASN   A CB  1 
ATOM   917  C CG  . ASN   A 1 119 ? -2.380  14.783  -14.733 0.80 84.15  ? 115 ASN   A CG  1 
ATOM   918  O OD1 . ASN   A 1 119 ? -1.992  13.997  -15.596 0.80 86.21  ? 115 ASN   A OD1 1 
ATOM   919  N ND2 . ASN   A 1 119 ? -1.559  15.598  -14.093 0.80 87.60  ? 115 ASN   A ND2 1 
ATOM   920  N N   . ASP   A 1 120 ? -6.324  14.324  -12.065 1.00 73.92  ? 116 ASP   A N   1 
ATOM   921  C CA  . ASP   A 1 120 ? -7.580  14.829  -11.526 1.00 81.75  ? 116 ASP   A CA  1 
ATOM   922  C C   . ASP   A 1 120 ? -7.744  14.532  -10.030 1.00 62.15  ? 116 ASP   A C   1 
ATOM   923  O O   . ASP   A 1 120 ? -8.863  14.416  -9.559  1.00 75.04  ? 116 ASP   A O   1 
ATOM   924  C CB  . ASP   A 1 120 ? -8.774  14.463  -12.414 1.00 96.54  ? 116 ASP   A CB  1 
ATOM   925  C CG  . ASP   A 1 120 ? -8.840  12.984  -12.745 1.00 106.34 ? 116 ASP   A CG  1 
ATOM   926  O OD1 . ASP   A 1 120 ? -8.390  12.165  -11.911 1.00 105.53 ? 116 ASP   A OD1 1 
ATOM   927  O OD2 . ASP   A 1 120 ? -9.328  12.666  -13.843 1.00 102.12 ? 116 ASP   A OD2 1 
ATOM   928  N N   . GLY   A 1 121 ? -6.630  14.387  -9.299  1.00 66.52  ? 117 GLY   A N   1 
ATOM   929  C CA  . GLY   A 1 121 ? -6.596  14.574  -7.853  1.00 59.88  ? 117 GLY   A CA  1 
ATOM   930  C C   . GLY   A 1 121 ? -6.782  13.294  -7.026  1.00 56.20  ? 117 GLY   A C   1 
ATOM   931  O O   . GLY   A 1 121 ? -7.031  13.383  -5.830  1.00 65.17  ? 117 GLY   A O   1 
ATOM   932  N N   . GLU   A 1 122 ? -6.694  12.123  -7.652  1.00 49.91  ? 118 GLU   A N   1 
ATOM   933  C CA  . GLU   A 1 122 ? -6.872  10.860  -6.946  1.00 53.57  ? 118 GLU   A CA  1 
ATOM   934  C C   . GLU   A 1 122 ? -5.505  10.313  -6.539  1.00 49.83  ? 118 GLU   A C   1 
ATOM   935  O O   . GLU   A 1 122 ? -4.505  10.553  -7.221  1.00 49.98  ? 118 GLU   A O   1 
ATOM   936  C CB  . GLU   A 1 122 ? -7.535  9.796   -7.829  1.00 50.59  ? 118 GLU   A CB  1 
ATOM   937  C CG  . GLU   A 1 122 ? -9.009  10.110  -8.106  1.00 63.74  ? 118 GLU   A CG  1 
ATOM   938  C CD  . GLU   A 1 122 ? -9.805  9.090   -8.917  1.00 66.18  ? 118 GLU   A CD  1 
ATOM   939  O OE1 . GLU   A 1 122 ? -9.216  8.420   -9.787  1.00 77.78  ? 118 GLU   A OE1 1 
ATOM   940  O OE2 . GLU   A 1 122 ? -11.022 8.942   -8.657  1.00 75.60  ? 118 GLU   A OE2 1 
ATOM   941  N N   . LEU   A 1 123 ? -5.507  9.458   -5.514  1.00 52.32  ? 119 LEU   A N   1 
ATOM   942  C CA  . LEU   A 1 123 ? -4.311  8.694   -5.203  1.00 49.01  ? 119 LEU   A CA  1 
ATOM   943  C C   . LEU   A 1 123 ? -4.613  7.236   -5.494  1.00 44.69  ? 119 LEU   A C   1 
ATOM   944  O O   . LEU   A 1 123 ? -5.600  6.677   -5.039  1.00 47.43  ? 119 LEU   A O   1 
ATOM   945  C CB  . LEU   A 1 123 ? -3.917  8.972   -3.754  1.00 45.42  ? 119 LEU   A CB  1 
ATOM   946  C CG  . LEU   A 1 123 ? -2.994  7.936   -3.132  1.00 51.25  ? 119 LEU   A CG  1 
ATOM   947  C CD1 . LEU   A 1 123 ? -1.578  8.113   -3.695  1.00 48.95  ? 119 LEU   A CD1 1 
ATOM   948  C CD2 . LEU   A 1 123 ? -3.020  8.080   -1.605  1.00 52.11  ? 119 LEU   A CD2 1 
ATOM   949  N N   . ILE   A 1 124 ? -3.823  6.653   -6.385  1.00 43.78  ? 120 ILE   A N   1 
ATOM   950  C CA  . ILE   A 1 124 ? -4.046  5.271   -6.736  1.00 40.22  ? 120 ILE   A CA  1 
ATOM   951  C C   . ILE   A 1 124 ? -2.931  4.436   -6.124  1.00 46.87  ? 120 ILE   A C   1 
ATOM   952  O O   . ILE   A 1 124 ? -1.766  4.748   -6.379  1.00 45.49  ? 120 ILE   A O   1 
ATOM   953  C CB  . ILE   A 1 124 ? -4.126  5.093   -8.256  1.00 47.49  ? 120 ILE   A CB  1 
ATOM   954  C CG1 . ILE   A 1 124 ? -5.238  5.983   -8.834  1.00 53.81  ? 120 ILE   A CG1 1 
ATOM   955  C CG2 . ILE   A 1 124 ? -4.324  3.620   -8.597  1.00 46.90  ? 120 ILE   A CG2 1 
ATOM   956  C CD1 . ILE   A 1 124 ? -5.392  5.867   -10.331 1.00 63.26  ? 120 ILE   A CD1 1 
ATOM   957  N N   . LEU   A 1 125 ? -3.321  3.400   -5.357  1.00 38.99  ? 121 LEU   A N   1 
ATOM   958  C CA  . LEU   A 1 125 ? -2.388  2.415   -4.838  1.00 41.78  ? 121 LEU   A CA  1 
ATOM   959  C C   . LEU   A 1 125 ? -2.577  1.136   -5.633  1.00 47.68  ? 121 LEU   A C   1 
ATOM   960  O O   . LEU   A 1 125 ? -3.709  0.709   -5.876  1.00 47.08  ? 121 LEU   A O   1 
ATOM   961  C CB  . LEU   A 1 125 ? -2.708  2.154   -3.360  1.00 43.01  ? 121 LEU   A CB  1 
ATOM   962  C CG  . LEU   A 1 125 ? -2.046  0.903   -2.759  1.00 49.12  ? 121 LEU   A CG  1 
ATOM   963  C CD1 . LEU   A 1 125 ? -0.579  1.194   -2.451  1.00 49.09  ? 121 LEU   A CD1 1 
ATOM   964  C CD2 . LEU   A 1 125 ? -2.737  0.460   -1.466  1.00 52.11  ? 121 LEU   A CD2 1 
ATOM   965  N N   . THR   A 1 126 ? -1.471  0.509   -6.035  1.00 41.55  ? 122 THR   A N   1 
ATOM   966  C CA  . THR   A 1 126 ? -1.577  -0.857  -6.510  1.00 41.59  ? 122 THR   A CA  1 
ATOM   967  C C   . THR   A 1 126 ? -0.673  -1.710  -5.646  1.00 44.22  ? 122 THR   A C   1 
ATOM   968  O O   . THR   A 1 126 ? 0.331   -1.242  -5.113  1.00 45.99  ? 122 THR   A O   1 
ATOM   969  C CB  . THR   A 1 126 ? -1.323  -0.997  -8.019  1.00 49.86  ? 122 THR   A CB  1 
ATOM   970  O OG1 . THR   A 1 126 ? 0.093   -1.007  -8.047  1.00 51.48  ? 122 THR   A OG1 1 
ATOM   971  C CG2 . THR   A 1 126 ? -1.855  0.135   -8.888  1.00 43.50  ? 122 THR   A CG2 1 
ATOM   972  N N   . MET   A 1 127 ? -1.104  -2.936  -5.416  1.00 45.29  ? 123 MET   A N   1 
ATOM   973  C CA  . MET   A 1 127 ? -0.351  -3.877  -4.614  1.00 46.67  ? 123 MET   A CA  1 
ATOM   974  C C   . MET   A 1 127 ? -0.392  -5.172  -5.400  1.00 51.87  ? 123 MET   A C   1 
ATOM   975  O O   . MET   A 1 127 ? -1.439  -5.539  -5.943  1.00 52.54  ? 123 MET   A O   1 
ATOM   976  C CB  . MET   A 1 127 ? -1.021  -4.126  -3.263  1.00 45.19  ? 123 MET   A CB  1 
ATOM   977  C CG  . MET   A 1 127 ? -0.873  -2.959  -2.288  1.00 53.79  ? 123 MET   A CG  1 
ATOM   978  S SD  . MET   A 1 127 ? -1.865  -3.211  -0.789  1.00 58.62  ? 123 MET   A SD  1 
ATOM   979  C CE  . MET   A 1 127 ? -3.517  -3.486  -1.418  1.00 53.39  ? 123 MET   A CE  1 
ATOM   980  N N   . THR   A 1 128 ? 0.762   -5.824  -5.493  1.00 44.50  ? 124 THR   A N   1 
ATOM   981  C CA  . THR   A 1 128 ? 0.865   -6.946  -6.394  1.00 42.96  ? 124 THR   A CA  1 
ATOM   982  C C   . THR   A 1 128 ? 1.428   -8.103  -5.581  1.00 52.89  ? 124 THR   A C   1 
ATOM   983  O O   . THR   A 1 128 ? 2.273   -7.900  -4.712  1.00 49.41  ? 124 THR   A O   1 
ATOM   984  C CB  . THR   A 1 128 ? 1.833   -6.633  -7.551  1.00 51.69  ? 124 THR   A CB  1 
ATOM   985  O OG1 . THR   A 1 128 ? 1.378   -5.508  -8.289  1.00 57.88  ? 124 THR   A OG1 1 
ATOM   986  C CG2 . THR   A 1 128 ? 1.952   -7.746  -8.567  1.00 60.34  ? 124 THR   A CG2 1 
ATOM   987  N N   . ALA   A 1 129 ? 0.926   -9.305  -5.853  1.00 46.78  ? 125 ALA   A N   1 
ATOM   988  C CA  . ALA   A 1 129 ? 1.558   -10.526 -5.371  1.00 53.18  ? 125 ALA   A CA  1 
ATOM   989  C C   . ALA   A 1 129 ? 1.485   -11.553 -6.505  1.00 56.52  ? 125 ALA   A C   1 
ATOM   990  O O   . ALA   A 1 129 ? 0.403   -11.812 -7.034  1.00 56.20  ? 125 ALA   A O   1 
ATOM   991  C CB  . ALA   A 1 129 ? 0.877   -11.031 -4.121  1.00 51.30  ? 125 ALA   A CB  1 
ATOM   992  N N   . ASP   A 1 130 ? 2.658   -12.040 -6.941  1.00 61.36  ? 126 ASP   A N   1 
ATOM   993  C CA  . ASP   A 1 130 ? 2.818   -12.813 -8.175  1.00 58.34  ? 126 ASP   A CA  1 
ATOM   994  C C   . ASP   A 1 130 ? 2.060   -12.153 -9.317  1.00 56.67  ? 126 ASP   A C   1 
ATOM   995  O O   . ASP   A 1 130 ? 2.371   -11.025 -9.684  1.00 58.62  ? 126 ASP   A O   1 
ATOM   996  C CB  . ASP   A 1 130 ? 2.492   -14.291 -7.975  1.00 61.67  ? 126 ASP   A CB  1 
ATOM   997  C CG  . ASP   A 1 130 ? 3.506   -14.942 -7.060  1.00 62.30  ? 126 ASP   A CG  1 
ATOM   998  O OD1 . ASP   A 1 130 ? 4.617   -14.388 -6.939  1.00 68.97  ? 126 ASP   A OD1 1 
ATOM   999  O OD2 . ASP   A 1 130 ? 3.173   -15.961 -6.448  1.00 69.53  ? 126 ASP   A OD2 1 
ATOM   1000 N N   . ASP   A 1 131 ? 1.003   -12.817 -9.785  1.00 62.71  ? 127 ASP   A N   1 
ATOM   1001 C CA  . ASP   A 1 131 ? 0.329   -12.414 -11.005 1.00 59.46  ? 127 ASP   A CA  1 
ATOM   1002 C C   . ASP   A 1 131 ? -0.831  -11.468 -10.702 1.00 61.99  ? 127 ASP   A C   1 
ATOM   1003 O O   . ASP   A 1 131 ? -1.399  -10.915 -11.640 1.00 66.40  ? 127 ASP   A O   1 
ATOM   1004 C CB  . ASP   A 1 131 ? -0.144  -13.642 -11.792 1.00 63.52  ? 127 ASP   A CB  1 
ATOM   1005 N N   . VAL   A 1 132 ? -1.163  -11.246 -9.416  1.00 58.39  ? 128 VAL   A N   1 
ATOM   1006 C CA  . VAL   A 1 132 ? -2.426  -10.604 -9.026  1.00 50.64  ? 128 VAL   A CA  1 
ATOM   1007 C C   . VAL   A 1 132 ? -2.169  -9.144  -8.678  1.00 46.20  ? 128 VAL   A C   1 
ATOM   1008 O O   . VAL   A 1 132 ? -1.310  -8.861  -7.870  1.00 51.24  ? 128 VAL   A O   1 
ATOM   1009 C CB  . VAL   A 1 132 ? -3.061  -11.332 -7.818  1.00 57.58  ? 128 VAL   A CB  1 
ATOM   1010 C CG1 . VAL   A 1 132 ? -4.308  -10.617 -7.276  1.00 47.81  ? 128 VAL   A CG1 1 
ATOM   1011 C CG2 . VAL   A 1 132 ? -3.353  -12.796 -8.139  1.00 55.91  ? 128 VAL   A CG2 1 
ATOM   1012 N N   . VAL   A 1 133 ? -2.959  -8.228  -9.243  1.00 54.60  ? 129 VAL   A N   1 
ATOM   1013 C CA  . VAL   A 1 133 ? -2.791  -6.806  -8.974  1.00 51.69  ? 129 VAL   A CA  1 
ATOM   1014 C C   . VAL   A 1 133 ? -4.061  -6.291  -8.287  1.00 58.71  ? 129 VAL   A C   1 
ATOM   1015 O O   . VAL   A 1 133 ? -5.155  -6.348  -8.860  1.00 52.73  ? 129 VAL   A O   1 
ATOM   1016 C CB  . VAL   A 1 133 ? -2.469  -6.013  -10.260 1.00 56.53  ? 129 VAL   A CB  1 
ATOM   1017 C CG1 . VAL   A 1 133 ? -2.245  -4.517  -9.991  1.00 55.63  ? 129 VAL   A CG1 1 
ATOM   1018 C CG2 . VAL   A 1 133 ? -1.287  -6.615  -11.035 1.00 57.00  ? 129 VAL   A CG2 1 
ATOM   1019 N N   . CYS   A 1 134 ? -3.917  -5.809  -7.043  1.00 52.62  ? 130 CYS   A N   1 
ATOM   1020 C CA  . CYS   A 1 134 ? -5.008  -5.098  -6.372  1.00 44.87  ? 130 CYS   A CA  1 
ATOM   1021 C C   . CYS   A 1 134 ? -4.861  -3.601  -6.640  1.00 52.77  ? 130 CYS   A C   1 
ATOM   1022 O O   . CYS   A 1 134 ? -3.753  -3.054  -6.574  1.00 50.82  ? 130 CYS   A O   1 
ATOM   1023 C CB  . CYS   A 1 134 ? -5.005  -5.435  -4.878  1.00 50.16  ? 130 CYS   A CB  1 
ATOM   1024 S SG  . CYS   A 1 134 ? -6.136  -4.419  -3.877  1.00 51.46  ? 130 CYS   A SG  1 
ATOM   1025 N N   . THR   A 1 135 ? -5.976  -2.942  -6.977  1.00 42.77  ? 131 THR   A N   1 
ATOM   1026 C CA  . THR   A 1 135 ? -5.999  -1.491  -7.121  1.00 47.73  ? 131 THR   A CA  1 
ATOM   1027 C C   . THR   A 1 135 ? -6.949  -0.906  -6.086  1.00 48.76  ? 131 THR   A C   1 
ATOM   1028 O O   . THR   A 1 135 ? -8.051  -1.433  -5.880  1.00 47.12  ? 131 THR   A O   1 
ATOM   1029 C CB  . THR   A 1 135 ? -6.344  -1.030  -8.549  1.00 45.90  ? 131 THR   A CB  1 
ATOM   1030 O OG1 . THR   A 1 135 ? -5.326  -1.571  -9.383  1.00 56.96  ? 131 THR   A OG1 1 
ATOM   1031 C CG2 . THR   A 1 135 ? -6.266  0.472   -8.725  1.00 45.46  ? 131 THR   A CG2 1 
ATOM   1032 N N   . GLN   A 1 136 ? -6.504  0.186   -5.450  1.00 48.72  ? 132 GLN   A N   1 
ATOM   1033 C CA  . GLN   A 1 136 ? -7.337  0.898   -4.493  1.00 51.02  ? 132 GLN   A CA  1 
ATOM   1034 C C   . GLN   A 1 136 ? -7.203  2.375   -4.816  1.00 49.77  ? 132 GLN   A C   1 
ATOM   1035 O O   . GLN   A 1 136 ? -6.102  2.884   -5.063  1.00 49.47  ? 132 GLN   A O   1 
ATOM   1036 C CB  . GLN   A 1 136 ? -6.884  0.585   -3.061  1.00 48.22  ? 132 GLN   A CB  1 
ATOM   1037 C CG  . GLN   A 1 136 ? -7.050  -0.883  -2.699  1.00 51.47  ? 132 GLN   A CG  1 
ATOM   1038 C CD  . GLN   A 1 136 ? -6.827  -1.076  -1.220  1.00 59.67  ? 132 GLN   A CD  1 
ATOM   1039 O OE1 . GLN   A 1 136 ? -6.078  -0.341  -0.572  1.00 56.47  ? 132 GLN   A OE1 1 
ATOM   1040 N NE2 . GLN   A 1 136 ? -7.540  -2.030  -0.657  1.00 60.62  ? 132 GLN   A NE2 1 
ATOM   1041 N N   . VAL   A 1 137 ? -8.337  3.064   -4.829  1.00 44.69  ? 133 VAL   A N   1 
ATOM   1042 C CA  . VAL   A 1 137 ? -8.391  4.443   -5.257  1.00 44.16  ? 133 VAL   A CA  1 
ATOM   1043 C C   . VAL   A 1 137 ? -8.811  5.295   -4.070  1.00 43.93  ? 133 VAL   A C   1 
ATOM   1044 O O   . VAL   A 1 137 ? -9.785  4.978   -3.391  1.00 42.38  ? 133 VAL   A O   1 
ATOM   1045 C CB  . VAL   A 1 137 ? -9.359  4.605   -6.444  1.00 47.41  ? 133 VAL   A CB  1 
ATOM   1046 C CG1 . VAL   A 1 137 ? -9.497  6.066   -6.835  1.00 49.71  ? 133 VAL   A CG1 1 
ATOM   1047 C CG2 . VAL   A 1 137 ? -8.897  3.788   -7.639  1.00 49.91  ? 133 VAL   A CG2 1 
ATOM   1048 N N   . PHE   A 1 138 ? -8.101  6.404   -3.842  1.00 43.24  ? 134 PHE   A N   1 
ATOM   1049 C CA  . PHE   A 1 138 ? -8.439  7.267   -2.716  1.00 42.91  ? 134 PHE   A CA  1 
ATOM   1050 C C   . PHE   A 1 138 ? -8.713  8.668   -3.231  1.00 46.52  ? 134 PHE   A C   1 
ATOM   1051 O O   . PHE   A 1 138 ? -8.173  9.064   -4.262  1.00 42.40  ? 134 PHE   A O   1 
ATOM   1052 C CB  . PHE   A 1 138 ? -7.283  7.382   -1.711  1.00 42.25  ? 134 PHE   A CB  1 
ATOM   1053 C CG  . PHE   A 1 138 ? -6.915  6.074   -1.056  1.00 45.28  ? 134 PHE   A CG  1 
ATOM   1054 C CD1 . PHE   A 1 138 ? -6.263  5.079   -1.774  1.00 44.85  ? 134 PHE   A CD1 1 
ATOM   1055 C CD2 . PHE   A 1 138 ? -7.240  5.828   0.278   1.00 42.30  ? 134 PHE   A CD2 1 
ATOM   1056 C CE1 . PHE   A 1 138 ? -5.951  3.857   -1.193  1.00 44.39  ? 134 PHE   A CE1 1 
ATOM   1057 C CE2 . PHE   A 1 138 ? -6.911  4.608   0.860   1.00 43.65  ? 134 PHE   A CE2 1 
ATOM   1058 C CZ  . PHE   A 1 138 ? -6.242  3.630   0.136   1.00 41.11  ? 134 PHE   A CZ  1 
ATOM   1059 N N   . VAL   A 1 139 ? -9.485  9.433   -2.453  1.00 47.90  ? 135 VAL   A N   1 
ATOM   1060 C CA  . VAL   A 1 139 ? -9.665  10.847  -2.712  1.00 47.67  ? 135 VAL   A CA  1 
ATOM   1061 C C   . VAL   A 1 139 ? -9.324  11.581  -1.439  1.00 42.83  ? 135 VAL   A C   1 
ATOM   1062 O O   . VAL   A 1 139 ? -9.344  10.970  -0.374  1.00 45.78  ? 135 VAL   A O   1 
ATOM   1063 C CB  . VAL   A 1 139 ? -11.126 11.174  -3.102  1.00 51.04  ? 135 VAL   A CB  1 
ATOM   1064 C CG1 . VAL   A 1 139 ? -11.473 10.516  -4.405  1.00 49.29  ? 135 VAL   A CG1 1 
ATOM   1065 C CG2 . VAL   A 1 139 ? -12.109 10.777  -2.013  1.00 51.58  ? 135 VAL   A CG2 1 
ATOM   1066 N N   . ARG   A 1 140 ? -9.099  12.896  -1.565  1.00 46.42  ? 136 ARG   A N   1 
ATOM   1067 C CA  . ARG   A 1 140 ? -8.786  13.738  -0.419  1.00 52.25  ? 136 ARG   A CA  1 
ATOM   1068 C C   . ARG   A 1 140 ? -10.009 13.857  0.505   1.00 60.65  ? 136 ARG   A C   1 
ATOM   1069 O O   . ARG   A 1 140 ? -11.126 13.969  0.027   1.00 54.84  ? 136 ARG   A O   1 
ATOM   1070 C CB  . ARG   A 1 140 ? -8.345  15.129  -0.870  1.00 51.41  ? 136 ARG   A CB  1 
ATOM   1071 C CG  . ARG   A 1 140 ? -7.068  15.137  -1.698  1.00 50.31  ? 136 ARG   A CG  1 
ATOM   1072 C CD  . ARG   A 1 140 ? -6.447  16.515  -1.752  1.00 54.02  ? 136 ARG   A CD  1 
ATOM   1073 N NE  . ARG   A 1 140 ? -5.224  16.468  -2.545  1.00 54.97  ? 136 ARG   A NE  1 
ATOM   1074 C CZ  . ARG   A 1 140 ? -4.028  16.239  -2.038  1.00 58.79  ? 136 ARG   A CZ  1 
ATOM   1075 N NH1 . ARG   A 1 140 ? -3.904  16.040  -0.731  1.00 57.32  ? 136 ARG   A NH1 1 
ATOM   1076 N NH2 . ARG   A 1 140 ? -2.972  16.189  -2.831  1.00 55.35  ? 136 ARG   A NH2 1 
ATOM   1077 N N   . GLU   A 1 141 ? -9.795  13.827  1.828   1.00 53.93  ? 137 GLU   A N   1 
ATOM   1078 C CA  . GLU   A 1 141 ? -10.873 14.038  2.780   1.00 65.77  ? 137 GLU   A CA  1 
ATOM   1079 C C   . GLU   A 1 141 ? -11.441 15.461  2.640   1.00 80.66  ? 137 GLU   A C   1 
ATOM   1080 O O   . GLU   A 1 141 ? -10.795 16.476  2.218   1.00 64.65  ? 137 GLU   A O   1 
ATOM   1081 C CB  . GLU   A 1 141 ? -10.413 13.792  4.214   1.00 68.69  ? 137 GLU   A CB  1 
ATOM   1082 C CG  . GLU   A 1 141 ? -10.795 12.407  4.702   1.00 80.70  ? 137 GLU   A CG  1 
ATOM   1083 C CD  . GLU   A 1 141 ? -10.220 12.023  6.058   1.00 93.26  ? 137 GLU   A CD  1 
ATOM   1084 O OE1 . GLU   A 1 141 ? -9.998  10.806  6.278   1.00 92.17  ? 137 GLU   A OE1 1 
ATOM   1085 O OE2 . GLU   A 1 141 ? -9.993  12.938  6.895   1.00 93.73  ? 137 GLU   A OE2 1 
ATOM   1086 O OXT . GLU   A 1 141 ? -12.634 15.584  2.972   1.00 81.53  ? 137 GLU   A OXT 1 
HETATM 1087 C CAP . A1IQY B 2 .   ? 1.356   -1.047  0.734   0.90 82.25  ? 201 A1IQY A CAP 1 
HETATM 1088 O OAO . A1IQY B 2 .   ? 0.638   -0.168  1.587   0.90 87.64  ? 201 A1IQY A OAO 1 
HETATM 1089 C CAM . A1IQY B 2 .   ? 0.975   1.118   1.317   0.90 73.36  ? 201 A1IQY A CAM 1 
HETATM 1090 O OAN . A1IQY B 2 .   ? 2.126   1.473   1.110   0.90 83.73  ? 201 A1IQY A OAN 1 
HETATM 1091 C CAK . A1IQY B 2 .   ? -0.154  2.161   1.281   0.90 68.41  ? 201 A1IQY A CAK 1 
HETATM 1092 C CAL . A1IQY B 2 .   ? 0.190   3.597   0.982   0.90 77.36  ? 201 A1IQY A CAL 1 
HETATM 1093 C CAJ . A1IQY B 2 .   ? -1.631  1.891   1.484   0.90 67.15  ? 201 A1IQY A CAJ 1 
HETATM 1094 C CAD . A1IQY B 2 .   ? -2.093  0.643   1.839   0.90 62.21  ? 201 A1IQY A CAD 1 
HETATM 1095 C CAC . A1IQY B 2 .   ? -1.207  -0.241  2.452   0.90 69.18  ? 201 A1IQY A CAC 1 
HETATM 1096 C CAA . A1IQY B 2 .   ? -1.636  -1.492  2.846   0.90 73.22  ? 201 A1IQY A CAA 1 
HETATM 1097 C CAB . A1IQY B 2 .   ? -2.958  -1.834  2.645   0.90 75.35  ? 201 A1IQY A CAB 1 
HETATM 1098 N NAG . A1IQY B 2 .   ? -3.356  -3.027  3.036   0.90 80.31  ? 201 A1IQY A NAG 1 
HETATM 1099 O OAI . A1IQY B 2 .   ? -2.705  -3.642  4.096   0.90 80.38  ? 201 A1IQY A OAI 1 
HETATM 1100 O OAH . A1IQY B 2 .   ? -4.365  -3.525  2.458   0.90 92.50  ? 201 A1IQY A OAH 1 
HETATM 1101 C CAF . A1IQY B 2 .   ? -3.855  -0.942  2.056   0.90 70.26  ? 201 A1IQY A CAF 1 
HETATM 1102 C CAE . A1IQY B 2 .   ? -3.422  0.314   1.656   0.90 62.94  ? 201 A1IQY A CAE 1 
HETATM 1103 O O   . HOH   C 3 .   ? 16.507  5.808   5.067   1.00 63.46  ? 301 HOH   A O   1 
HETATM 1104 O O   . HOH   C 3 .   ? 10.628  -1.520  -9.582  1.00 55.80  ? 302 HOH   A O   1 
HETATM 1105 O O   . HOH   C 3 .   ? 16.537  9.906   -1.971  1.00 63.39  ? 303 HOH   A O   1 
HETATM 1106 O O   . HOH   C 3 .   ? 9.139   10.327  7.750   1.00 62.62  ? 304 HOH   A O   1 
HETATM 1107 O O   . HOH   C 3 .   ? -11.483 -0.397  -9.849  1.00 84.99  ? 305 HOH   A O   1 
HETATM 1108 O O   . HOH   C 3 .   ? 14.710  13.681  1.490   1.00 64.57  ? 306 HOH   A O   1 
HETATM 1109 O O   . HOH   C 3 .   ? -3.097  11.658  -14.274 1.00 71.80  ? 307 HOH   A O   1 
HETATM 1110 O O   . HOH   C 3 .   ? -11.543 -5.512  -3.643  1.00 55.12  ? 308 HOH   A O   1 
HETATM 1111 O O   . HOH   C 3 .   ? -8.249  16.698  2.371   1.00 63.95  ? 309 HOH   A O   1 
HETATM 1112 O O   . HOH   C 3 .   ? 9.919   5.819   -15.694 1.00 55.65  ? 310 HOH   A O   1 
HETATM 1113 O O   . HOH   C 3 .   ? 11.059  -11.840 -0.936  1.00 71.54  ? 311 HOH   A O   1 
HETATM 1114 O O   . HOH   C 3 .   ? 12.887  -0.422  -5.695  1.00 49.60  ? 312 HOH   A O   1 
HETATM 1115 O O   . HOH   C 3 .   ? 14.643  11.710  -5.209  1.00 56.42  ? 313 HOH   A O   1 
HETATM 1116 O O   . HOH   C 3 .   ? 0.921   10.561  -12.202 1.00 55.83  ? 314 HOH   A O   1 
HETATM 1117 O O   . HOH   C 3 .   ? -0.944  3.843   -10.820 1.00 43.37  ? 315 HOH   A O   1 
HETATM 1118 O O   . HOH   C 3 .   ? -5.387  -18.947 -0.154  1.00 73.61  ? 316 HOH   A O   1 
HETATM 1119 O O   . HOH   C 3 .   ? -13.134 -3.433  0.490   1.00 60.10  ? 317 HOH   A O   1 
HETATM 1120 O O   . HOH   C 3 .   ? 8.781   -10.116 -2.339  1.00 64.67  ? 318 HOH   A O   1 
HETATM 1121 O O   . HOH   C 3 .   ? -9.142  13.881  -4.308  1.00 56.99  ? 319 HOH   A O   1 
HETATM 1122 O O   . HOH   C 3 .   ? 13.020  3.576   -0.161  1.00 43.29  ? 320 HOH   A O   1 
HETATM 1123 O O   . HOH   C 3 .   ? 6.949   19.200  -9.070  1.00 71.67  ? 321 HOH   A O   1 
HETATM 1124 O O   . HOH   C 3 .   ? -14.137 -6.614  9.087   1.00 43.80  ? 322 HOH   A O   1 
HETATM 1125 O O   . HOH   C 3 .   ? 2.419   -9.231  11.212  1.00 57.08  ? 323 HOH   A O   1 
HETATM 1126 O O   . HOH   C 3 .   ? 14.122  4.619   3.685   1.00 47.06  ? 324 HOH   A O   1 
HETATM 1127 O O   . HOH   C 3 .   ? -0.282  3.307   -8.135  1.00 46.71  ? 325 HOH   A O   1 
HETATM 1128 O O   . HOH   C 3 .   ? -11.803 5.856   4.747   1.00 54.63  ? 326 HOH   A O   1 
HETATM 1129 O O   . HOH   C 3 .   ? 3.569   11.086  -12.385 1.00 54.82  ? 327 HOH   A O   1 
HETATM 1130 O O   . HOH   C 3 .   ? -6.156  -4.101  -10.052 1.00 59.99  ? 328 HOH   A O   1 
HETATM 1131 O O   . HOH   C 3 .   ? 3.637   16.805  -6.657  1.00 77.60  ? 329 HOH   A O   1 
HETATM 1132 O O   . HOH   C 3 .   ? 1.541   0.318   -11.820 1.00 73.48  ? 330 HOH   A O   1 
HETATM 1133 O O   . HOH   C 3 .   ? 18.900  0.154   -5.863  1.00 61.02  ? 331 HOH   A O   1 
HETATM 1134 O O   . HOH   C 3 .   ? -12.293 -19.766 6.376   1.00 57.44  ? 332 HOH   A O   1 
HETATM 1135 O O   . HOH   C 3 .   ? 4.734   -9.835  -8.846  1.00 71.79  ? 333 HOH   A O   1 
HETATM 1136 O O   . HOH   C 3 .   ? -4.351  6.977   8.658   1.00 47.78  ? 334 HOH   A O   1 
HETATM 1137 O O   . HOH   C 3 .   ? 9.058   2.904   8.619   1.00 58.86  ? 335 HOH   A O   1 
HETATM 1138 O O   . HOH   C 3 .   ? -0.795  18.175  -0.824  1.00 52.23  ? 336 HOH   A O   1 
HETATM 1139 O O   . HOH   C 3 .   ? 3.075   -3.682  2.196   1.00 63.79  ? 337 HOH   A O   1 
HETATM 1140 O O   . HOH   C 3 .   ? -4.798  -9.103  -11.178 1.00 55.80  ? 338 HOH   A O   1 
HETATM 1141 O O   . HOH   C 3 .   ? 15.607  3.315   6.442   1.00 65.70  ? 339 HOH   A O   1 
HETATM 1142 O O   . HOH   C 3 .   ? -5.484  -18.054 6.696   1.00 56.31  ? 340 HOH   A O   1 
HETATM 1143 O O   . HOH   C 3 .   ? -9.031  5.465   10.090  1.00 54.65  ? 341 HOH   A O   1 
HETATM 1144 O O   . HOH   C 3 .   ? 5.833   14.091  -5.932  1.00 63.63  ? 342 HOH   A O   1 
HETATM 1145 O O   . HOH   C 3 .   ? 4.055   -13.078 2.605   1.00 82.97  ? 343 HOH   A O   1 
HETATM 1146 O O   . HOH   C 3 .   ? 6.669   12.841  -14.791 1.00 51.21  ? 344 HOH   A O   1 
HETATM 1147 O O   . HOH   C 3 .   ? -11.893 -8.604  -3.974  1.00 57.88  ? 345 HOH   A O   1 
HETATM 1148 O O   . HOH   C 3 .   ? 7.897   13.707  5.298   1.00 57.91  ? 346 HOH   A O   1 
HETATM 1149 O O   . HOH   C 3 .   ? 13.647  -4.552  -1.559  1.00 62.49  ? 347 HOH   A O   1 
HETATM 1150 O O   . HOH   C 3 .   ? -0.195  4.591   13.559  1.00 53.99  ? 348 HOH   A O   1 
HETATM 1151 O O   . HOH   C 3 .   ? 3.214   1.440   13.002  1.00 57.01  ? 349 HOH   A O   1 
HETATM 1152 O O   . HOH   C 3 .   ? -5.985  -15.114 -6.506  1.00 72.70  ? 350 HOH   A O   1 
HETATM 1153 O O   . HOH   C 3 .   ? -5.884  16.085  1.814   1.00 50.07  ? 351 HOH   A O   1 
HETATM 1154 O O   . HOH   C 3 .   ? 8.664   19.304  -0.664  1.00 53.08  ? 352 HOH   A O   1 
HETATM 1155 O O   . HOH   C 3 .   ? -10.427 -6.076  -12.982 1.00 87.08  ? 353 HOH   A O   1 
HETATM 1156 O O   . HOH   C 3 .   ? 4.169   -2.047  6.517   1.00 66.56  ? 354 HOH   A O   1 
HETATM 1157 O O   . HOH   C 3 .   ? 11.663  -8.434  -4.970  1.00 69.34  ? 355 HOH   A O   1 
HETATM 1158 O O   . HOH   C 3 .   ? 5.616   -7.750  -7.961  1.00 69.68  ? 356 HOH   A O   1 
HETATM 1159 O O   . HOH   C 3 .   ? 1.609   -6.348  -2.162  1.00 73.78  ? 357 HOH   A O   1 
HETATM 1160 O O   . HOH   C 3 .   ? 19.730  1.641   1.029   1.00 63.95  ? 358 HOH   A O   1 
HETATM 1161 O O   . HOH   C 3 .   ? 9.762   16.302  -4.135  1.00 64.44  ? 359 HOH   A O   1 
HETATM 1162 O O   . HOH   C 3 .   ? 10.845  -16.156 -1.597  1.00 87.02  ? 360 HOH   A O   1 
HETATM 1163 O O   . HOH   C 3 .   ? 15.367  -1.327  -9.145  1.00 52.19  ? 361 HOH   A O   1 
HETATM 1164 O O   . HOH   C 3 .   ? -15.523 3.053   0.956   1.00 64.59  ? 362 HOH   A O   1 
HETATM 1165 O O   . HOH   C 3 .   ? -14.961 3.732   -11.590 1.00 78.13  ? 363 HOH   A O   1 
HETATM 1166 O O   . HOH   C 3 .   ? -10.853 -2.634  11.157  1.00 49.21  ? 364 HOH   A O   1 
HETATM 1167 O O   . HOH   C 3 .   ? 6.679   19.934  1.097   1.00 66.26  ? 365 HOH   A O   1 
HETATM 1168 O O   . HOH   C 3 .   ? -15.354 -3.979  8.692   1.00 54.14  ? 366 HOH   A O   1 
HETATM 1169 O O   . HOH   C 3 .   ? -8.410  4.816   -11.955 1.00 80.57  ? 367 HOH   A O   1 
HETATM 1170 O O   . HOH   C 3 .   ? -2.921  19.517  -1.494  1.00 69.56  ? 368 HOH   A O   1 
HETATM 1171 O O   . HOH   C 3 .   ? -16.130 0.147   -3.714  1.00 78.36  ? 369 HOH   A O   1 
HETATM 1172 O O   . HOH   C 3 .   ? -11.795 7.852   7.685   1.00 76.33  ? 370 HOH   A O   1 
HETATM 1173 O O   . HOH   C 3 .   ? 16.030  -1.406  7.812   1.00 88.31  ? 371 HOH   A O   1 
HETATM 1174 O O   . HOH   C 3 .   ? 19.120  9.030   -2.156  1.00 68.25  ? 372 HOH   A O   1 
HETATM 1175 O O   . HOH   C 3 .   ? 0.316   25.161  -4.127  1.00 89.82  ? 373 HOH   A O   1 
HETATM 1176 O O   . HOH   C 3 .   ? -11.498 13.299  -6.797  1.00 73.56  ? 374 HOH   A O   1 
HETATM 1177 O O   . HOH   C 3 .   ? 13.503  7.449   6.962   1.00 71.62  ? 375 HOH   A O   1 
HETATM 1178 O O   . HOH   C 3 .   ? -5.891  9.083   8.527   1.00 55.63  ? 376 HOH   A O   1 
HETATM 1179 O O   . HOH   C 3 .   ? 0.607   18.688  -12.534 1.00 84.84  ? 377 HOH   A O   1 
HETATM 1180 O O   . HOH   C 3 .   ? -16.594 0.520   -0.015  1.00 77.95  ? 378 HOH   A O   1 
HETATM 1181 O O   . HOH   C 3 .   ? 6.820   7.846   -17.809 1.00 79.35  ? 379 HOH   A O   1 
HETATM 1182 O O   . HOH   C 3 .   ? -13.954 0.560   -0.483  1.00 75.63  ? 380 HOH   A O   1 
HETATM 1183 O O   . HOH   C 3 .   ? 14.306  -2.519  -6.143  1.00 61.75  ? 381 HOH   A O   1 
HETATM 1184 O O   . HOH   C 3 .   ? -16.718 -7.467  9.327   1.00 53.40  ? 382 HOH   A O   1 
HETATM 1185 O O   . HOH   C 3 .   ? 11.976  4.732   10.869  1.00 73.92  ? 383 HOH   A O   1 
HETATM 1186 O O   . HOH   C 3 .   ? -1.721  -1.904  -12.625 1.00 71.51  ? 384 HOH   A O   1 
HETATM 1187 O O   . HOH   C 3 .   ? -4.528  -15.877 -8.983  1.00 76.56  ? 385 HOH   A O   1 
HETATM 1188 O O   . HOH   C 3 .   ? -3.660  25.473  -5.635  1.00 82.74  ? 386 HOH   A O   1 
HETATM 1189 O O   . HOH   C 3 .   ? 15.650  3.627   11.179  1.00 75.89  ? 387 HOH   A O   1 
# 
